data_5Z1R
# 
_entry.id   5Z1R 
# 
_audit_conform.dict_name       mmcif_pdbx.dic 
_audit_conform.dict_version    5.387 
_audit_conform.dict_location   http://mmcif.pdb.org/dictionaries/ascii/mmcif_pdbx.dic 
# 
loop_
_database_2.database_id 
_database_2.database_code 
_database_2.pdbx_database_accession 
_database_2.pdbx_DOI 
PDB   5Z1R         pdb_00005z1r 10.2210/pdb5z1r/pdb 
WWPDB D_1300006328 ?            ?                   
# 
loop_
_pdbx_audit_revision_history.ordinal 
_pdbx_audit_revision_history.data_content_type 
_pdbx_audit_revision_history.major_revision 
_pdbx_audit_revision_history.minor_revision 
_pdbx_audit_revision_history.revision_date 
1 'Structure model' 1 0 2019-01-02 
2 'Structure model' 1 1 2019-07-24 
3 'Structure model' 1 2 2024-03-27 
# 
_pdbx_audit_revision_details.ordinal             1 
_pdbx_audit_revision_details.revision_ordinal    1 
_pdbx_audit_revision_details.data_content_type   'Structure model' 
_pdbx_audit_revision_details.provider            repository 
_pdbx_audit_revision_details.type                'Initial release' 
_pdbx_audit_revision_details.description         ? 
_pdbx_audit_revision_details.details             ? 
# 
loop_
_pdbx_audit_revision_group.ordinal 
_pdbx_audit_revision_group.revision_ordinal 
_pdbx_audit_revision_group.data_content_type 
_pdbx_audit_revision_group.group 
1 2 'Structure model' 'Data collection'     
2 2 'Structure model' 'Database references' 
3 3 'Structure model' 'Data collection'     
4 3 'Structure model' 'Database references' 
# 
loop_
_pdbx_audit_revision_category.ordinal 
_pdbx_audit_revision_category.revision_ordinal 
_pdbx_audit_revision_category.data_content_type 
_pdbx_audit_revision_category.category 
1 2 'Structure model' citation        
2 2 'Structure model' citation_author 
3 3 'Structure model' chem_comp_atom  
4 3 'Structure model' chem_comp_bond  
5 3 'Structure model' database_2      
# 
loop_
_pdbx_audit_revision_item.ordinal 
_pdbx_audit_revision_item.revision_ordinal 
_pdbx_audit_revision_item.data_content_type 
_pdbx_audit_revision_item.item 
1  2 'Structure model' '_citation.country'                   
2  2 'Structure model' '_citation.journal_abbrev'            
3  2 'Structure model' '_citation.journal_id_CSD'            
4  2 'Structure model' '_citation.journal_id_ISSN'           
5  2 'Structure model' '_citation.journal_volume'            
6  2 'Structure model' '_citation.page_first'                
7  2 'Structure model' '_citation.page_last'                 
8  2 'Structure model' '_citation.pdbx_database_id_DOI'      
9  2 'Structure model' '_citation.pdbx_database_id_PubMed'   
10 2 'Structure model' '_citation.title'                     
11 2 'Structure model' '_citation.year'                      
12 3 'Structure model' '_database_2.pdbx_DOI'                
13 3 'Structure model' '_database_2.pdbx_database_accession' 
# 
_pdbx_database_status.status_code                     REL 
_pdbx_database_status.status_code_sf                  REL 
_pdbx_database_status.status_code_mr                  ? 
_pdbx_database_status.entry_id                        5Z1R 
_pdbx_database_status.recvd_initial_deposition_date   2017-12-28 
_pdbx_database_status.SG_entry                        N 
_pdbx_database_status.deposit_site                    PDBJ 
_pdbx_database_status.process_site                    PDBJ 
_pdbx_database_status.status_code_cs                  ? 
_pdbx_database_status.methods_development_category    ? 
_pdbx_database_status.pdb_format_compatible           Y 
_pdbx_database_status.status_code_nmr_data            ? 
# 
loop_
_audit_author.name 
_audit_author.pdbx_ordinal 
_audit_author.identifier_ORCID 
'Xu, Y.'    1 ? 
'Zhang, Y.' 2 ? 
'Xiang, Q.' 3 ? 
'Song, M.'  4 ? 
'Wang, C.'  5 ? 
# 
_citation.abstract                  ? 
_citation.abstract_id_CAS           ? 
_citation.book_id_ISBN              ? 
_citation.book_publisher            ? 
_citation.book_publisher_city       ? 
_citation.book_title                ? 
_citation.coordinate_linkage        ? 
_citation.country                   US 
_citation.database_id_Medline       ? 
_citation.details                   ? 
_citation.id                        primary 
_citation.journal_abbrev            'Acs Med.Chem.Lett.' 
_citation.journal_id_ASTM           ? 
_citation.journal_id_CSD            ? 
_citation.journal_id_ISSN           1948-5875 
_citation.journal_full              ? 
_citation.journal_issue             ? 
_citation.journal_volume            9 
_citation.language                  ? 
_citation.page_first                262 
_citation.page_last                 267 
_citation.title                     'Y08060: A Selective BET Inhibitor for Treatment of Prostate Cancer.' 
_citation.year                      2018 
_citation.database_id_CSD           ? 
_citation.pdbx_database_id_DOI      10.1021/acsmedchemlett.8b00003 
_citation.pdbx_database_id_PubMed   29541371 
_citation.unpublished_flag          ? 
# 
loop_
_citation_author.citation_id 
_citation_author.name 
_citation_author.ordinal 
_citation_author.identifier_ORCID 
primary 'Xiang, Q.' 1  ? 
primary 'Zhang, Y.' 2  ? 
primary 'Li, J.'    3  ? 
primary 'Xue, X.'   4  ? 
primary 'Wang, C.'  5  ? 
primary 'Song, M.'  6  ? 
primary 'Zhang, C.' 7  ? 
primary 'Wang, R.'  8  ? 
primary 'Li, C.'    9  ? 
primary 'Wu, C.'    10 ? 
primary 'Zhou, Y.'  11 ? 
primary 'Yang, X.'  12 ? 
primary 'Li, G.'    13 ? 
primary 'Ding, K.'  14 ? 
primary 'Xu, Y.'    15 ? 
# 
loop_
_entity.id 
_entity.type 
_entity.src_method 
_entity.pdbx_description 
_entity.formula_weight 
_entity.pdbx_number_of_molecules 
_entity.pdbx_ec 
_entity.pdbx_mutation 
_entity.pdbx_fragment 
_entity.details 
1 polymer     man 'Bromodomain-containing protein 4'                                                                 16767.326 1  
? ? 'Bromo 1 domain' ? 
2 non-polymer syn '5-bromo-N-(2,2-dimethyl-3-oxo-3,4-dihydro-2H-1,4-benzoxazin-7-yl)-2-methoxybenzene-1-sulfonamide' 441.296   1  
? ? ?                ? 
3 non-polymer syn 1,2-ETHANEDIOL                                                                                     62.068    3  
? ? ?                ? 
4 non-polymer syn GLYCEROL                                                                                           92.094    1  
? ? ?                ? 
5 non-polymer syn 'NITRATE ION'                                                                                      62.005    1  
? ? ?                ? 
6 water       nat water                                                                                              18.015    60 
? ? ?                ? 
# 
_entity_name_com.entity_id   1 
_entity_name_com.name        'Protein HUNK1' 
# 
_entity_poly.entity_id                      1 
_entity_poly.type                           'polypeptide(L)' 
_entity_poly.nstd_linkage                   no 
_entity_poly.nstd_monomer                   no 
_entity_poly.pdbx_seq_one_letter_code       
;MKKGHHHHHHLVPRGSNPPPPETSNPNKPKRQTNQLQYLLRVVLKTLWKHQFAWPFQQPVDAVKLNLPDYYKIIKTPMDM
GTIKKRLENNYYWNAQECIQDFNTMFTNCYIYNKPGDDIVLMAEALEKLFLQKINELPTEE
;
_entity_poly.pdbx_seq_one_letter_code_can   
;MKKGHHHHHHLVPRGSNPPPPETSNPNKPKRQTNQLQYLLRVVLKTLWKHQFAWPFQQPVDAVKLNLPDYYKIIKTPMDM
GTIKKRLENNYYWNAQECIQDFNTMFTNCYIYNKPGDDIVLMAEALEKLFLQKINELPTEE
;
_entity_poly.pdbx_strand_id                 A 
_entity_poly.pdbx_target_identifier         ? 
# 
loop_
_pdbx_entity_nonpoly.entity_id 
_pdbx_entity_nonpoly.name 
_pdbx_entity_nonpoly.comp_id 
2 '5-bromo-N-(2,2-dimethyl-3-oxo-3,4-dihydro-2H-1,4-benzoxazin-7-yl)-2-methoxybenzene-1-sulfonamide' EFL 
3 1,2-ETHANEDIOL                                                                                     EDO 
4 GLYCEROL                                                                                           GOL 
5 'NITRATE ION'                                                                                      NO3 
6 water                                                                                              HOH 
# 
loop_
_entity_poly_seq.entity_id 
_entity_poly_seq.num 
_entity_poly_seq.mon_id 
_entity_poly_seq.hetero 
1 1   MET n 
1 2   LYS n 
1 3   LYS n 
1 4   GLY n 
1 5   HIS n 
1 6   HIS n 
1 7   HIS n 
1 8   HIS n 
1 9   HIS n 
1 10  HIS n 
1 11  LEU n 
1 12  VAL n 
1 13  PRO n 
1 14  ARG n 
1 15  GLY n 
1 16  SER n 
1 17  ASN n 
1 18  PRO n 
1 19  PRO n 
1 20  PRO n 
1 21  PRO n 
1 22  GLU n 
1 23  THR n 
1 24  SER n 
1 25  ASN n 
1 26  PRO n 
1 27  ASN n 
1 28  LYS n 
1 29  PRO n 
1 30  LYS n 
1 31  ARG n 
1 32  GLN n 
1 33  THR n 
1 34  ASN n 
1 35  GLN n 
1 36  LEU n 
1 37  GLN n 
1 38  TYR n 
1 39  LEU n 
1 40  LEU n 
1 41  ARG n 
1 42  VAL n 
1 43  VAL n 
1 44  LEU n 
1 45  LYS n 
1 46  THR n 
1 47  LEU n 
1 48  TRP n 
1 49  LYS n 
1 50  HIS n 
1 51  GLN n 
1 52  PHE n 
1 53  ALA n 
1 54  TRP n 
1 55  PRO n 
1 56  PHE n 
1 57  GLN n 
1 58  GLN n 
1 59  PRO n 
1 60  VAL n 
1 61  ASP n 
1 62  ALA n 
1 63  VAL n 
1 64  LYS n 
1 65  LEU n 
1 66  ASN n 
1 67  LEU n 
1 68  PRO n 
1 69  ASP n 
1 70  TYR n 
1 71  TYR n 
1 72  LYS n 
1 73  ILE n 
1 74  ILE n 
1 75  LYS n 
1 76  THR n 
1 77  PRO n 
1 78  MET n 
1 79  ASP n 
1 80  MET n 
1 81  GLY n 
1 82  THR n 
1 83  ILE n 
1 84  LYS n 
1 85  LYS n 
1 86  ARG n 
1 87  LEU n 
1 88  GLU n 
1 89  ASN n 
1 90  ASN n 
1 91  TYR n 
1 92  TYR n 
1 93  TRP n 
1 94  ASN n 
1 95  ALA n 
1 96  GLN n 
1 97  GLU n 
1 98  CYS n 
1 99  ILE n 
1 100 GLN n 
1 101 ASP n 
1 102 PHE n 
1 103 ASN n 
1 104 THR n 
1 105 MET n 
1 106 PHE n 
1 107 THR n 
1 108 ASN n 
1 109 CYS n 
1 110 TYR n 
1 111 ILE n 
1 112 TYR n 
1 113 ASN n 
1 114 LYS n 
1 115 PRO n 
1 116 GLY n 
1 117 ASP n 
1 118 ASP n 
1 119 ILE n 
1 120 VAL n 
1 121 LEU n 
1 122 MET n 
1 123 ALA n 
1 124 GLU n 
1 125 ALA n 
1 126 LEU n 
1 127 GLU n 
1 128 LYS n 
1 129 LEU n 
1 130 PHE n 
1 131 LEU n 
1 132 GLN n 
1 133 LYS n 
1 134 ILE n 
1 135 ASN n 
1 136 GLU n 
1 137 LEU n 
1 138 PRO n 
1 139 THR n 
1 140 GLU n 
1 141 GLU n 
# 
_entity_src_gen.entity_id                          1 
_entity_src_gen.pdbx_src_id                        1 
_entity_src_gen.pdbx_alt_source_flag               sample 
_entity_src_gen.pdbx_seq_type                      'Biological sequence' 
_entity_src_gen.pdbx_beg_seq_num                   1 
_entity_src_gen.pdbx_end_seq_num                   141 
_entity_src_gen.gene_src_common_name               Human 
_entity_src_gen.gene_src_genus                     ? 
_entity_src_gen.pdbx_gene_src_gene                 'BRD4, HUNK1' 
_entity_src_gen.gene_src_species                   ? 
_entity_src_gen.gene_src_strain                    ? 
_entity_src_gen.gene_src_tissue                    ? 
_entity_src_gen.gene_src_tissue_fraction           ? 
_entity_src_gen.gene_src_details                   ? 
_entity_src_gen.pdbx_gene_src_fragment             ? 
_entity_src_gen.pdbx_gene_src_scientific_name      'Homo sapiens' 
_entity_src_gen.pdbx_gene_src_ncbi_taxonomy_id     9606 
_entity_src_gen.pdbx_gene_src_variant              ? 
_entity_src_gen.pdbx_gene_src_cell_line            ? 
_entity_src_gen.pdbx_gene_src_atcc                 ? 
_entity_src_gen.pdbx_gene_src_organ                ? 
_entity_src_gen.pdbx_gene_src_organelle            ? 
_entity_src_gen.pdbx_gene_src_cell                 ? 
_entity_src_gen.pdbx_gene_src_cellular_location    ? 
_entity_src_gen.host_org_common_name               ? 
_entity_src_gen.pdbx_host_org_scientific_name      'Escherichia coli BL21' 
_entity_src_gen.pdbx_host_org_ncbi_taxonomy_id     511693 
_entity_src_gen.host_org_genus                     ? 
_entity_src_gen.pdbx_host_org_gene                 ? 
_entity_src_gen.pdbx_host_org_organ                ? 
_entity_src_gen.host_org_species                   ? 
_entity_src_gen.pdbx_host_org_tissue               ? 
_entity_src_gen.pdbx_host_org_tissue_fraction      ? 
_entity_src_gen.pdbx_host_org_strain               BL21 
_entity_src_gen.pdbx_host_org_variant              ? 
_entity_src_gen.pdbx_host_org_cell_line            ? 
_entity_src_gen.pdbx_host_org_atcc                 ? 
_entity_src_gen.pdbx_host_org_culture_collection   ? 
_entity_src_gen.pdbx_host_org_cell                 ? 
_entity_src_gen.pdbx_host_org_organelle            ? 
_entity_src_gen.pdbx_host_org_cellular_location    ? 
_entity_src_gen.pdbx_host_org_vector_type          ? 
_entity_src_gen.pdbx_host_org_vector               ? 
_entity_src_gen.host_org_details                   ? 
_entity_src_gen.expression_system_id               ? 
_entity_src_gen.plasmid_name                       ? 
_entity_src_gen.plasmid_details                    ? 
_entity_src_gen.pdbx_description                   ? 
# 
loop_
_chem_comp.id 
_chem_comp.type 
_chem_comp.mon_nstd_flag 
_chem_comp.name 
_chem_comp.pdbx_synonyms 
_chem_comp.formula 
_chem_comp.formula_weight 
ALA 'L-peptide linking' y ALANINE                                                                                            ? 
'C3 H7 N O2'         89.093  
ARG 'L-peptide linking' y ARGININE                                                                                           ? 
'C6 H15 N4 O2 1'     175.209 
ASN 'L-peptide linking' y ASPARAGINE                                                                                         ? 
'C4 H8 N2 O3'        132.118 
ASP 'L-peptide linking' y 'ASPARTIC ACID'                                                                                    ? 
'C4 H7 N O4'         133.103 
CYS 'L-peptide linking' y CYSTEINE                                                                                           ? 
'C3 H7 N O2 S'       121.158 
EDO non-polymer         . 1,2-ETHANEDIOL                                                                                     
'ETHYLENE GLYCOL'               'C2 H6 O2'           62.068  
EFL non-polymer         . '5-bromo-N-(2,2-dimethyl-3-oxo-3,4-dihydro-2H-1,4-benzoxazin-7-yl)-2-methoxybenzene-1-sulfonamide' ? 
'C17 H17 Br N2 O5 S' 441.296 
GLN 'L-peptide linking' y GLUTAMINE                                                                                          ? 
'C5 H10 N2 O3'       146.144 
GLU 'L-peptide linking' y 'GLUTAMIC ACID'                                                                                    ? 
'C5 H9 N O4'         147.129 
GLY 'peptide linking'   y GLYCINE                                                                                            ? 
'C2 H5 N O2'         75.067  
GOL non-polymer         . GLYCEROL                                                                                           
'GLYCERIN; PROPANE-1,2,3-TRIOL' 'C3 H8 O3'           92.094  
HIS 'L-peptide linking' y HISTIDINE                                                                                          ? 
'C6 H10 N3 O2 1'     156.162 
HOH non-polymer         . WATER                                                                                              ? 
'H2 O'               18.015  
ILE 'L-peptide linking' y ISOLEUCINE                                                                                         ? 
'C6 H13 N O2'        131.173 
LEU 'L-peptide linking' y LEUCINE                                                                                            ? 
'C6 H13 N O2'        131.173 
LYS 'L-peptide linking' y LYSINE                                                                                             ? 
'C6 H15 N2 O2 1'     147.195 
MET 'L-peptide linking' y METHIONINE                                                                                         ? 
'C5 H11 N O2 S'      149.211 
NO3 non-polymer         . 'NITRATE ION'                                                                                      ? 
'N O3 -1'            62.005  
PHE 'L-peptide linking' y PHENYLALANINE                                                                                      ? 
'C9 H11 N O2'        165.189 
PRO 'L-peptide linking' y PROLINE                                                                                            ? 
'C5 H9 N O2'         115.130 
SER 'L-peptide linking' y SERINE                                                                                             ? 
'C3 H7 N O3'         105.093 
THR 'L-peptide linking' y THREONINE                                                                                          ? 
'C4 H9 N O3'         119.119 
TRP 'L-peptide linking' y TRYPTOPHAN                                                                                         ? 
'C11 H12 N2 O2'      204.225 
TYR 'L-peptide linking' y TYROSINE                                                                                           ? 
'C9 H11 N O3'        181.189 
VAL 'L-peptide linking' y VALINE                                                                                             ? 
'C5 H11 N O2'        117.146 
# 
loop_
_pdbx_poly_seq_scheme.asym_id 
_pdbx_poly_seq_scheme.entity_id 
_pdbx_poly_seq_scheme.seq_id 
_pdbx_poly_seq_scheme.mon_id 
_pdbx_poly_seq_scheme.ndb_seq_num 
_pdbx_poly_seq_scheme.pdb_seq_num 
_pdbx_poly_seq_scheme.auth_seq_num 
_pdbx_poly_seq_scheme.pdb_mon_id 
_pdbx_poly_seq_scheme.auth_mon_id 
_pdbx_poly_seq_scheme.pdb_strand_id 
_pdbx_poly_seq_scheme.pdb_ins_code 
_pdbx_poly_seq_scheme.hetero 
A 1 1   MET 1   28  ?   ?   ?   A . n 
A 1 2   LYS 2   29  ?   ?   ?   A . n 
A 1 3   LYS 3   30  ?   ?   ?   A . n 
A 1 4   GLY 4   31  ?   ?   ?   A . n 
A 1 5   HIS 5   32  ?   ?   ?   A . n 
A 1 6   HIS 6   33  33  HIS HIS A . n 
A 1 7   HIS 7   34  34  HIS HIS A . n 
A 1 8   HIS 8   35  35  HIS HIS A . n 
A 1 9   HIS 9   36  36  HIS HIS A . n 
A 1 10  HIS 10  37  37  HIS HIS A . n 
A 1 11  LEU 11  38  38  LEU LEU A . n 
A 1 12  VAL 12  39  39  VAL VAL A . n 
A 1 13  PRO 13  40  40  PRO PRO A . n 
A 1 14  ARG 14  41  41  ARG ARG A . n 
A 1 15  GLY 15  42  42  GLY GLY A . n 
A 1 16  SER 16  43  43  SER SER A . n 
A 1 17  ASN 17  44  44  ASN ASN A . n 
A 1 18  PRO 18  45  45  PRO PRO A . n 
A 1 19  PRO 19  46  46  PRO PRO A . n 
A 1 20  PRO 20  47  47  PRO PRO A . n 
A 1 21  PRO 21  48  48  PRO PRO A . n 
A 1 22  GLU 22  49  49  GLU GLU A . n 
A 1 23  THR 23  50  50  THR THR A . n 
A 1 24  SER 24  51  51  SER SER A . n 
A 1 25  ASN 25  52  52  ASN ASN A . n 
A 1 26  PRO 26  53  53  PRO PRO A . n 
A 1 27  ASN 27  54  54  ASN ASN A . n 
A 1 28  LYS 28  55  55  LYS LYS A . n 
A 1 29  PRO 29  56  56  PRO PRO A . n 
A 1 30  LYS 30  57  57  LYS LYS A . n 
A 1 31  ARG 31  58  58  ARG ARG A . n 
A 1 32  GLN 32  59  59  GLN GLN A . n 
A 1 33  THR 33  60  60  THR THR A . n 
A 1 34  ASN 34  61  61  ASN ASN A . n 
A 1 35  GLN 35  62  62  GLN GLN A . n 
A 1 36  LEU 36  63  63  LEU LEU A . n 
A 1 37  GLN 37  64  64  GLN GLN A . n 
A 1 38  TYR 38  65  65  TYR TYR A . n 
A 1 39  LEU 39  66  66  LEU LEU A . n 
A 1 40  LEU 40  67  67  LEU LEU A . n 
A 1 41  ARG 41  68  68  ARG ARG A . n 
A 1 42  VAL 42  69  69  VAL VAL A . n 
A 1 43  VAL 43  70  70  VAL VAL A . n 
A 1 44  LEU 44  71  71  LEU LEU A . n 
A 1 45  LYS 45  72  72  LYS LYS A . n 
A 1 46  THR 46  73  73  THR THR A . n 
A 1 47  LEU 47  74  74  LEU LEU A . n 
A 1 48  TRP 48  75  75  TRP TRP A . n 
A 1 49  LYS 49  76  76  LYS LYS A . n 
A 1 50  HIS 50  77  77  HIS HIS A . n 
A 1 51  GLN 51  78  78  GLN GLN A . n 
A 1 52  PHE 52  79  79  PHE PHE A . n 
A 1 53  ALA 53  80  80  ALA ALA A . n 
A 1 54  TRP 54  81  81  TRP TRP A . n 
A 1 55  PRO 55  82  82  PRO PRO A . n 
A 1 56  PHE 56  83  83  PHE PHE A . n 
A 1 57  GLN 57  84  84  GLN GLN A . n 
A 1 58  GLN 58  85  85  GLN GLN A . n 
A 1 59  PRO 59  86  86  PRO PRO A . n 
A 1 60  VAL 60  87  87  VAL VAL A . n 
A 1 61  ASP 61  88  88  ASP ASP A . n 
A 1 62  ALA 62  89  89  ALA ALA A . n 
A 1 63  VAL 63  90  90  VAL VAL A . n 
A 1 64  LYS 64  91  91  LYS LYS A . n 
A 1 65  LEU 65  92  92  LEU LEU A . n 
A 1 66  ASN 66  93  93  ASN ASN A . n 
A 1 67  LEU 67  94  94  LEU LEU A . n 
A 1 68  PRO 68  95  95  PRO PRO A . n 
A 1 69  ASP 69  96  96  ASP ASP A . n 
A 1 70  TYR 70  97  97  TYR TYR A . n 
A 1 71  TYR 71  98  98  TYR TYR A . n 
A 1 72  LYS 72  99  99  LYS LYS A . n 
A 1 73  ILE 73  100 100 ILE ILE A . n 
A 1 74  ILE 74  101 101 ILE ILE A . n 
A 1 75  LYS 75  102 102 LYS LYS A . n 
A 1 76  THR 76  103 103 THR THR A . n 
A 1 77  PRO 77  104 104 PRO PRO A . n 
A 1 78  MET 78  105 105 MET MET A . n 
A 1 79  ASP 79  106 106 ASP ASP A . n 
A 1 80  MET 80  107 107 MET MET A . n 
A 1 81  GLY 81  108 108 GLY GLY A . n 
A 1 82  THR 82  109 109 THR THR A . n 
A 1 83  ILE 83  110 110 ILE ILE A . n 
A 1 84  LYS 84  111 111 LYS LYS A . n 
A 1 85  LYS 85  112 112 LYS LYS A . n 
A 1 86  ARG 86  113 113 ARG ARG A . n 
A 1 87  LEU 87  114 114 LEU LEU A . n 
A 1 88  GLU 88  115 115 GLU GLU A . n 
A 1 89  ASN 89  116 116 ASN ASN A . n 
A 1 90  ASN 90  117 117 ASN ASN A . n 
A 1 91  TYR 91  118 118 TYR TYR A . n 
A 1 92  TYR 92  119 119 TYR TYR A . n 
A 1 93  TRP 93  120 120 TRP TRP A . n 
A 1 94  ASN 94  121 121 ASN ASN A . n 
A 1 95  ALA 95  122 122 ALA ALA A . n 
A 1 96  GLN 96  123 123 GLN GLN A . n 
A 1 97  GLU 97  124 124 GLU GLU A . n 
A 1 98  CYS 98  125 125 CYS CYS A . n 
A 1 99  ILE 99  126 126 ILE ILE A . n 
A 1 100 GLN 100 127 127 GLN GLN A . n 
A 1 101 ASP 101 128 128 ASP ASP A . n 
A 1 102 PHE 102 129 129 PHE PHE A . n 
A 1 103 ASN 103 130 130 ASN ASN A . n 
A 1 104 THR 104 131 131 THR THR A . n 
A 1 105 MET 105 132 132 MET MET A . n 
A 1 106 PHE 106 133 133 PHE PHE A . n 
A 1 107 THR 107 134 134 THR THR A . n 
A 1 108 ASN 108 135 135 ASN ASN A . n 
A 1 109 CYS 109 136 136 CYS CYS A . n 
A 1 110 TYR 110 137 137 TYR TYR A . n 
A 1 111 ILE 111 138 138 ILE ILE A . n 
A 1 112 TYR 112 139 139 TYR TYR A . n 
A 1 113 ASN 113 140 140 ASN ASN A . n 
A 1 114 LYS 114 141 141 LYS LYS A . n 
A 1 115 PRO 115 142 142 PRO PRO A . n 
A 1 116 GLY 116 143 143 GLY GLY A . n 
A 1 117 ASP 117 144 144 ASP ASP A . n 
A 1 118 ASP 118 145 145 ASP ASP A . n 
A 1 119 ILE 119 146 146 ILE ILE A . n 
A 1 120 VAL 120 147 147 VAL VAL A . n 
A 1 121 LEU 121 148 148 LEU LEU A . n 
A 1 122 MET 122 149 149 MET MET A . n 
A 1 123 ALA 123 150 150 ALA ALA A . n 
A 1 124 GLU 124 151 151 GLU GLU A . n 
A 1 125 ALA 125 152 152 ALA ALA A . n 
A 1 126 LEU 126 153 153 LEU LEU A . n 
A 1 127 GLU 127 154 154 GLU GLU A . n 
A 1 128 LYS 128 155 155 LYS LYS A . n 
A 1 129 LEU 129 156 156 LEU LEU A . n 
A 1 130 PHE 130 157 157 PHE PHE A . n 
A 1 131 LEU 131 158 158 LEU LEU A . n 
A 1 132 GLN 132 159 159 GLN GLN A . n 
A 1 133 LYS 133 160 160 LYS LYS A . n 
A 1 134 ILE 134 161 161 ILE ILE A . n 
A 1 135 ASN 135 162 162 ASN ASN A . n 
A 1 136 GLU 136 163 163 GLU GLU A . n 
A 1 137 LEU 137 164 164 LEU LEU A . n 
A 1 138 PRO 138 165 165 PRO PRO A . n 
A 1 139 THR 139 166 166 THR THR A . n 
A 1 140 GLU 140 167 ?   ?   ?   A . n 
A 1 141 GLU 141 168 ?   ?   ?   A . n 
# 
loop_
_pdbx_nonpoly_scheme.asym_id 
_pdbx_nonpoly_scheme.entity_id 
_pdbx_nonpoly_scheme.mon_id 
_pdbx_nonpoly_scheme.ndb_seq_num 
_pdbx_nonpoly_scheme.pdb_seq_num 
_pdbx_nonpoly_scheme.auth_seq_num 
_pdbx_nonpoly_scheme.pdb_mon_id 
_pdbx_nonpoly_scheme.auth_mon_id 
_pdbx_nonpoly_scheme.pdb_strand_id 
_pdbx_nonpoly_scheme.pdb_ins_code 
B 2 EFL 1  201 1  EFL E0L A . 
C 3 EDO 1  202 1  EDO EDO A . 
D 3 EDO 1  203 2  EDO EDO A . 
E 3 EDO 1  204 3  EDO EDO A . 
F 4 GOL 1  205 1  GOL GOL A . 
G 5 NO3 1  206 1  NO3 NO3 A . 
H 6 HOH 1  301 63 HOH HOH A . 
H 6 HOH 2  302 57 HOH HOH A . 
H 6 HOH 3  303 18 HOH HOH A . 
H 6 HOH 4  304 55 HOH HOH A . 
H 6 HOH 5  305 53 HOH HOH A . 
H 6 HOH 6  306 25 HOH HOH A . 
H 6 HOH 7  307 48 HOH HOH A . 
H 6 HOH 8  308 39 HOH HOH A . 
H 6 HOH 9  309 12 HOH HOH A . 
H 6 HOH 10 310 40 HOH HOH A . 
H 6 HOH 11 311 27 HOH HOH A . 
H 6 HOH 12 312 19 HOH HOH A . 
H 6 HOH 13 313 3  HOH HOH A . 
H 6 HOH 14 314 5  HOH HOH A . 
H 6 HOH 15 315 59 HOH HOH A . 
H 6 HOH 16 316 51 HOH HOH A . 
H 6 HOH 17 317 44 HOH HOH A . 
H 6 HOH 18 318 29 HOH HOH A . 
H 6 HOH 19 319 23 HOH HOH A . 
H 6 HOH 20 320 45 HOH HOH A . 
H 6 HOH 21 321 56 HOH HOH A . 
H 6 HOH 22 322 60 HOH HOH A . 
H 6 HOH 23 323 17 HOH HOH A . 
H 6 HOH 24 324 14 HOH HOH A . 
H 6 HOH 25 325 7  HOH HOH A . 
H 6 HOH 26 326 1  HOH HOH A . 
H 6 HOH 27 327 37 HOH HOH A . 
H 6 HOH 28 328 2  HOH HOH A . 
H 6 HOH 29 329 42 HOH HOH A . 
H 6 HOH 30 330 38 HOH HOH A . 
H 6 HOH 31 331 16 HOH HOH A . 
H 6 HOH 32 332 54 HOH HOH A . 
H 6 HOH 33 333 9  HOH HOH A . 
H 6 HOH 34 334 24 HOH HOH A . 
H 6 HOH 35 335 22 HOH HOH A . 
H 6 HOH 36 336 4  HOH HOH A . 
H 6 HOH 37 337 20 HOH HOH A . 
H 6 HOH 38 338 61 HOH HOH A . 
H 6 HOH 39 339 13 HOH HOH A . 
H 6 HOH 40 340 46 HOH HOH A . 
H 6 HOH 41 341 49 HOH HOH A . 
H 6 HOH 42 342 15 HOH HOH A . 
H 6 HOH 43 343 8  HOH HOH A . 
H 6 HOH 44 344 10 HOH HOH A . 
H 6 HOH 45 345 62 HOH HOH A . 
H 6 HOH 46 346 28 HOH HOH A . 
H 6 HOH 47 347 35 HOH HOH A . 
H 6 HOH 48 348 58 HOH HOH A . 
H 6 HOH 49 349 6  HOH HOH A . 
H 6 HOH 50 350 32 HOH HOH A . 
H 6 HOH 51 351 11 HOH HOH A . 
H 6 HOH 52 352 36 HOH HOH A . 
H 6 HOH 53 353 26 HOH HOH A . 
H 6 HOH 54 354 33 HOH HOH A . 
H 6 HOH 55 355 50 HOH HOH A . 
H 6 HOH 56 356 21 HOH HOH A . 
H 6 HOH 57 357 41 HOH HOH A . 
H 6 HOH 58 358 43 HOH HOH A . 
H 6 HOH 59 359 52 HOH HOH A . 
H 6 HOH 60 360 47 HOH HOH A . 
# 
loop_
_software.citation_id 
_software.classification 
_software.compiler_name 
_software.compiler_version 
_software.contact_author 
_software.contact_author_email 
_software.date 
_software.description 
_software.dependencies 
_software.hardware 
_software.language 
_software.location 
_software.mods 
_software.name 
_software.os 
_software.os_version 
_software.type 
_software.version 
_software.pdbx_ordinal 
? 'data scaling'    ? ? ? ? ? ? ? ? ? ? ? Aimless     ? ? ? 0.5.8    1 
? refinement        ? ? ? ? ? ? ? ? ? ? ? REFMAC      ? ? ? 5.8.0135 2 
? 'data extraction' ? ? ? ? ? ? ? ? ? ? ? PDB_EXTRACT ? ? ? 3.24     3 
? 'data reduction'  ? ? ? ? ? ? ? ? ? ? ? iMOSFLM     ? ? ? .        4 
? phasing           ? ? ? ? ? ? ? ? ? ? ? MOLREP      ? ? ? .        5 
# 
_cell.angle_alpha                  90.000 
_cell.angle_alpha_esd              ? 
_cell.angle_beta                   90.000 
_cell.angle_beta_esd               ? 
_cell.angle_gamma                  90.000 
_cell.angle_gamma_esd              ? 
_cell.entry_id                     5Z1R 
_cell.details                      ? 
_cell.formula_units_Z              ? 
_cell.length_a                     35.570 
_cell.length_a_esd                 ? 
_cell.length_b                     47.200 
_cell.length_b_esd                 ? 
_cell.length_c                     78.500 
_cell.length_c_esd                 ? 
_cell.volume                       ? 
_cell.volume_esd                   ? 
_cell.Z_PDB                        4 
_cell.reciprocal_angle_alpha       ? 
_cell.reciprocal_angle_beta        ? 
_cell.reciprocal_angle_gamma       ? 
_cell.reciprocal_angle_alpha_esd   ? 
_cell.reciprocal_angle_beta_esd    ? 
_cell.reciprocal_angle_gamma_esd   ? 
_cell.reciprocal_length_a          ? 
_cell.reciprocal_length_b          ? 
_cell.reciprocal_length_c          ? 
_cell.reciprocal_length_a_esd      ? 
_cell.reciprocal_length_b_esd      ? 
_cell.reciprocal_length_c_esd      ? 
_cell.pdbx_unique_axis             ? 
# 
_symmetry.entry_id                         5Z1R 
_symmetry.cell_setting                     ? 
_symmetry.Int_Tables_number                19 
_symmetry.space_group_name_Hall            ? 
_symmetry.space_group_name_H-M             'P 21 21 21' 
_symmetry.pdbx_full_space_group_name_H-M   ? 
# 
_exptl.absorpt_coefficient_mu     ? 
_exptl.absorpt_correction_T_max   ? 
_exptl.absorpt_correction_T_min   ? 
_exptl.absorpt_correction_type    ? 
_exptl.absorpt_process_details    ? 
_exptl.entry_id                   5Z1R 
_exptl.crystals_number            1 
_exptl.details                    ? 
_exptl.method                     'X-RAY DIFFRACTION' 
_exptl.method_details             ? 
# 
_exptl_crystal.colour                      ? 
_exptl_crystal.density_diffrn              ? 
_exptl_crystal.density_Matthews            1.97 
_exptl_crystal.density_method              ? 
_exptl_crystal.density_percent_sol         37.41 
_exptl_crystal.description                 ? 
_exptl_crystal.F_000                       ? 
_exptl_crystal.id                          1 
_exptl_crystal.preparation                 ? 
_exptl_crystal.size_max                    ? 
_exptl_crystal.size_mid                    ? 
_exptl_crystal.size_min                    ? 
_exptl_crystal.size_rad                    ? 
_exptl_crystal.colour_lustre               ? 
_exptl_crystal.colour_modifier             ? 
_exptl_crystal.colour_primary              ? 
_exptl_crystal.density_meas                ? 
_exptl_crystal.density_meas_esd            ? 
_exptl_crystal.density_meas_gt             ? 
_exptl_crystal.density_meas_lt             ? 
_exptl_crystal.density_meas_temp           ? 
_exptl_crystal.density_meas_temp_esd       ? 
_exptl_crystal.density_meas_temp_gt        ? 
_exptl_crystal.density_meas_temp_lt        ? 
_exptl_crystal.pdbx_crystal_image_url      ? 
_exptl_crystal.pdbx_crystal_image_format   ? 
_exptl_crystal.pdbx_mosaicity              ? 
_exptl_crystal.pdbx_mosaicity_esd          ? 
# 
_exptl_crystal_grow.apparatus       ? 
_exptl_crystal_grow.atmosphere      ? 
_exptl_crystal_grow.crystal_id      1 
_exptl_crystal_grow.details         ? 
_exptl_crystal_grow.method          'VAPOR DIFFUSION, SITTING DROP' 
_exptl_crystal_grow.method_ref      ? 
_exptl_crystal_grow.pH              ? 
_exptl_crystal_grow.pressure        ? 
_exptl_crystal_grow.pressure_esd    ? 
_exptl_crystal_grow.seeding         ? 
_exptl_crystal_grow.seeding_ref     ? 
_exptl_crystal_grow.temp            277 
_exptl_crystal_grow.temp_details    ? 
_exptl_crystal_grow.temp_esd        ? 
_exptl_crystal_grow.time            ? 
_exptl_crystal_grow.pdbx_details    '20% PEG 3350, 0.1M HEPES, 10% EtGhly, PH8.2' 
_exptl_crystal_grow.pdbx_pH_range   ? 
# 
_diffrn.ambient_environment    ? 
_diffrn.ambient_temp           80 
_diffrn.ambient_temp_details   ? 
_diffrn.ambient_temp_esd       ? 
_diffrn.crystal_id             1 
_diffrn.crystal_support        ? 
_diffrn.crystal_treatment      ? 
_diffrn.details                ? 
_diffrn.id                     1 
_diffrn.ambient_pressure       ? 
_diffrn.ambient_pressure_esd   ? 
_diffrn.ambient_pressure_gt    ? 
_diffrn.ambient_pressure_lt    ? 
_diffrn.ambient_temp_gt        ? 
_diffrn.ambient_temp_lt        ? 
# 
_diffrn_detector.details                      ? 
_diffrn_detector.detector                     PIXEL 
_diffrn_detector.diffrn_id                    1 
_diffrn_detector.type                         'DECTRIS PILATUS 6M' 
_diffrn_detector.area_resol_mean              ? 
_diffrn_detector.dtime                        ? 
_diffrn_detector.pdbx_frames_total            ? 
_diffrn_detector.pdbx_collection_time_total   ? 
_diffrn_detector.pdbx_collection_date         2015-04-30 
# 
_diffrn_radiation.collimation                      ? 
_diffrn_radiation.diffrn_id                        1 
_diffrn_radiation.filter_edge                      ? 
_diffrn_radiation.inhomogeneity                    ? 
_diffrn_radiation.monochromator                    ? 
_diffrn_radiation.polarisn_norm                    ? 
_diffrn_radiation.polarisn_ratio                   ? 
_diffrn_radiation.probe                            ? 
_diffrn_radiation.type                             ? 
_diffrn_radiation.xray_symbol                      ? 
_diffrn_radiation.wavelength_id                    1 
_diffrn_radiation.pdbx_monochromatic_or_laue_m_l   M 
_diffrn_radiation.pdbx_wavelength_list             ? 
_diffrn_radiation.pdbx_wavelength                  ? 
_diffrn_radiation.pdbx_diffrn_protocol             'SINGLE WAVELENGTH' 
_diffrn_radiation.pdbx_analyzer                    ? 
_diffrn_radiation.pdbx_scattering_type             x-ray 
# 
_diffrn_radiation_wavelength.id           1 
_diffrn_radiation_wavelength.wavelength   0.97852 
_diffrn_radiation_wavelength.wt           1.0 
# 
_diffrn_source.current                     ? 
_diffrn_source.details                     ? 
_diffrn_source.diffrn_id                   1 
_diffrn_source.power                       ? 
_diffrn_source.size                        ? 
_diffrn_source.source                      SYNCHROTRON 
_diffrn_source.target                      ? 
_diffrn_source.type                        'SSRF BEAMLINE BL19U1' 
_diffrn_source.voltage                     ? 
_diffrn_source.take-off_angle              ? 
_diffrn_source.pdbx_wavelength_list        0.97852 
_diffrn_source.pdbx_wavelength             ? 
_diffrn_source.pdbx_synchrotron_beamline   BL19U1 
_diffrn_source.pdbx_synchrotron_site       SSRF 
# 
_reflns.B_iso_Wilson_estimate            ? 
_reflns.entry_id                         5Z1R 
_reflns.data_reduction_details           ? 
_reflns.data_reduction_method            ? 
_reflns.d_resolution_high                1.620 
_reflns.d_resolution_low                 78.500 
_reflns.details                          ? 
_reflns.limit_h_max                      ? 
_reflns.limit_h_min                      ? 
_reflns.limit_k_max                      ? 
_reflns.limit_k_min                      ? 
_reflns.limit_l_max                      ? 
_reflns.limit_l_min                      ? 
_reflns.number_all                       ? 
_reflns.number_obs                       16098 
_reflns.observed_criterion               ? 
_reflns.observed_criterion_F_max         ? 
_reflns.observed_criterion_F_min         ? 
_reflns.observed_criterion_I_max         ? 
_reflns.observed_criterion_I_min         ? 
_reflns.observed_criterion_sigma_F       ? 
_reflns.observed_criterion_sigma_I       ? 
_reflns.percent_possible_obs             91.600 
_reflns.R_free_details                   ? 
_reflns.Rmerge_F_all                     ? 
_reflns.Rmerge_F_obs                     ? 
_reflns.Friedel_coverage                 ? 
_reflns.number_gt                        ? 
_reflns.threshold_expression             ? 
_reflns.pdbx_redundancy                  11.800 
_reflns.pdbx_Rmerge_I_obs                0.086 
_reflns.pdbx_Rmerge_I_all                ? 
_reflns.pdbx_Rsym_value                  ? 
_reflns.pdbx_netI_over_av_sigmaI         ? 
_reflns.pdbx_netI_over_sigmaI            18.300 
_reflns.pdbx_res_netI_over_av_sigmaI_2   ? 
_reflns.pdbx_res_netI_over_sigmaI_2      ? 
_reflns.pdbx_chi_squared                 ? 
_reflns.pdbx_scaling_rejects             ? 
_reflns.pdbx_d_res_high_opt              ? 
_reflns.pdbx_d_res_low_opt               ? 
_reflns.pdbx_d_res_opt_method            ? 
_reflns.phase_calculation_details        ? 
_reflns.pdbx_Rrim_I_all                  0.090 
_reflns.pdbx_Rpim_I_all                  0.026 
_reflns.pdbx_d_opt                       ? 
_reflns.pdbx_number_measured_all         ? 
_reflns.pdbx_diffrn_id                   1 
_reflns.pdbx_ordinal                     1 
_reflns.pdbx_CC_half                     0.997 
_reflns.pdbx_R_split                     ? 
# 
_reflns_shell.d_res_high                  1.620 
_reflns_shell.d_res_low                   1.640 
_reflns_shell.meanI_over_sigI_all         ? 
_reflns_shell.meanI_over_sigI_obs         ? 
_reflns_shell.number_measured_all         ? 
_reflns_shell.number_measured_obs         ? 
_reflns_shell.number_possible             ? 
_reflns_shell.number_unique_all           ? 
_reflns_shell.number_unique_obs           845 
_reflns_shell.percent_possible_all        99.900 
_reflns_shell.percent_possible_obs        ? 
_reflns_shell.Rmerge_F_all                ? 
_reflns_shell.Rmerge_F_obs                ? 
_reflns_shell.Rmerge_I_all                ? 
_reflns_shell.Rmerge_I_obs                0.251 
_reflns_shell.meanI_over_sigI_gt          ? 
_reflns_shell.meanI_over_uI_all           ? 
_reflns_shell.meanI_over_uI_gt            ? 
_reflns_shell.number_measured_gt          ? 
_reflns_shell.number_unique_gt            ? 
_reflns_shell.percent_possible_gt         ? 
_reflns_shell.Rmerge_F_gt                 ? 
_reflns_shell.Rmerge_I_gt                 ? 
_reflns_shell.pdbx_redundancy             12.200 
_reflns_shell.pdbx_Rsym_value             ? 
_reflns_shell.pdbx_chi_squared            ? 
_reflns_shell.pdbx_netI_over_sigmaI_all   ? 
_reflns_shell.pdbx_netI_over_sigmaI_obs   ? 
_reflns_shell.pdbx_Rrim_I_all             0.263 
_reflns_shell.pdbx_Rpim_I_all             0.074 
_reflns_shell.pdbx_rejects                ? 
_reflns_shell.pdbx_ordinal                1 
_reflns_shell.pdbx_diffrn_id              1 
_reflns_shell.pdbx_CC_half                0.990 
_reflns_shell.pdbx_R_split                ? 
# 
_refine.aniso_B[1][1]                            1.7300 
_refine.aniso_B[1][2]                            0.0000 
_refine.aniso_B[1][3]                            0.0000 
_refine.aniso_B[2][2]                            -0.7600 
_refine.aniso_B[2][3]                            0.0000 
_refine.aniso_B[3][3]                            -0.9600 
_refine.B_iso_max                                57.720 
_refine.B_iso_mean                               17.2580 
_refine.B_iso_min                                8.170 
_refine.correlation_coeff_Fo_to_Fc               0.9550 
_refine.correlation_coeff_Fo_to_Fc_free          0.9550 
_refine.details                                  
'HYDROGENS HAVE BEEN ADDED IN THE RIDING POSITIONS U VALUES      : REFINED INDIVIDUALLY' 
_refine.diff_density_max                         ? 
_refine.diff_density_max_esd                     ? 
_refine.diff_density_min                         ? 
_refine.diff_density_min_esd                     ? 
_refine.diff_density_rms                         ? 
_refine.diff_density_rms_esd                     ? 
_refine.entry_id                                 5Z1R 
_refine.pdbx_refine_id                           'X-RAY DIFFRACTION' 
_refine.ls_abs_structure_details                 ? 
_refine.ls_abs_structure_Flack                   ? 
_refine.ls_abs_structure_Flack_esd               ? 
_refine.ls_abs_structure_Rogers                  ? 
_refine.ls_abs_structure_Rogers_esd              ? 
_refine.ls_d_res_high                            1.6200 
_refine.ls_d_res_low                             40.4500 
_refine.ls_extinction_coef                       ? 
_refine.ls_extinction_coef_esd                   ? 
_refine.ls_extinction_expression                 ? 
_refine.ls_extinction_method                     ? 
_refine.ls_goodness_of_fit_all                   ? 
_refine.ls_goodness_of_fit_all_esd               ? 
_refine.ls_goodness_of_fit_obs                   ? 
_refine.ls_goodness_of_fit_obs_esd               ? 
_refine.ls_hydrogen_treatment                    ? 
_refine.ls_matrix_type                           ? 
_refine.ls_number_constraints                    ? 
_refine.ls_number_parameters                     ? 
_refine.ls_number_reflns_all                     ? 
_refine.ls_number_reflns_obs                     15292 
_refine.ls_number_reflns_R_free                  760 
_refine.ls_number_reflns_R_work                  ? 
_refine.ls_number_restraints                     ? 
_refine.ls_percent_reflns_obs                    91.5800 
_refine.ls_percent_reflns_R_free                 4.7000 
_refine.ls_R_factor_all                          ? 
_refine.ls_R_factor_obs                          0.1760 
_refine.ls_R_factor_R_free                       0.1931 
_refine.ls_R_factor_R_free_error                 ? 
_refine.ls_R_factor_R_free_error_details         ? 
_refine.ls_R_factor_R_work                       0.1752 
_refine.ls_R_Fsqd_factor_obs                     ? 
_refine.ls_R_I_factor_obs                        ? 
_refine.ls_redundancy_reflns_all                 ? 
_refine.ls_redundancy_reflns_obs                 ? 
_refine.ls_restrained_S_all                      ? 
_refine.ls_restrained_S_obs                      ? 
_refine.ls_shift_over_esd_max                    ? 
_refine.ls_shift_over_esd_mean                   ? 
_refine.ls_structure_factor_coef                 ? 
_refine.ls_weighting_details                     ? 
_refine.ls_weighting_scheme                      ? 
_refine.ls_wR_factor_all                         ? 
_refine.ls_wR_factor_obs                         ? 
_refine.ls_wR_factor_R_free                      ? 
_refine.ls_wR_factor_R_work                      ? 
_refine.occupancy_max                            ? 
_refine.occupancy_min                            ? 
_refine.solvent_model_details                    ? 
_refine.solvent_model_param_bsol                 ? 
_refine.solvent_model_param_ksol                 ? 
_refine.ls_R_factor_gt                           ? 
_refine.ls_goodness_of_fit_gt                    ? 
_refine.ls_goodness_of_fit_ref                   ? 
_refine.ls_shift_over_su_max                     ? 
_refine.ls_shift_over_su_max_lt                  ? 
_refine.ls_shift_over_su_mean                    ? 
_refine.ls_shift_over_su_mean_lt                 ? 
_refine.pdbx_ls_sigma_I                          ? 
_refine.pdbx_ls_sigma_F                          0.000 
_refine.pdbx_ls_sigma_Fsqd                       ? 
_refine.pdbx_data_cutoff_high_absF               ? 
_refine.pdbx_data_cutoff_high_rms_absF           ? 
_refine.pdbx_data_cutoff_low_absF                ? 
_refine.pdbx_isotropic_thermal_model             ? 
_refine.pdbx_ls_cross_valid_method               THROUGHOUT 
_refine.pdbx_method_to_determine_struct          ? 
_refine.pdbx_starting_model                      ? 
_refine.pdbx_stereochemistry_target_values       ? 
_refine.pdbx_R_Free_selection_details            RANDOM 
_refine.pdbx_stereochem_target_val_spec_case     ? 
_refine.pdbx_overall_ESU_R                       0.1020 
_refine.pdbx_overall_ESU_R_Free                  0.0930 
_refine.pdbx_solvent_vdw_probe_radii             1.2000 
_refine.pdbx_solvent_ion_probe_radii             0.8000 
_refine.pdbx_solvent_shrinkage_radii             0.8000 
_refine.pdbx_real_space_R                        ? 
_refine.pdbx_density_correlation                 ? 
_refine.pdbx_pd_number_of_powder_patterns        ? 
_refine.pdbx_pd_number_of_points                 ? 
_refine.pdbx_pd_meas_number_of_points            ? 
_refine.pdbx_pd_proc_ls_prof_R_factor            ? 
_refine.pdbx_pd_proc_ls_prof_wR_factor           ? 
_refine.pdbx_pd_Marquardt_correlation_coeff      ? 
_refine.pdbx_pd_Fsqrd_R_factor                   ? 
_refine.pdbx_pd_ls_matrix_band_width             ? 
_refine.pdbx_overall_phase_error                 ? 
_refine.pdbx_overall_SU_R_free_Cruickshank_DPI   ? 
_refine.pdbx_overall_SU_R_free_Blow_DPI          ? 
_refine.pdbx_overall_SU_R_Blow_DPI               ? 
_refine.pdbx_TLS_residual_ADP_flag               ? 
_refine.pdbx_diffrn_id                           1 
_refine.overall_SU_B                             1.4920 
_refine.overall_SU_ML                            0.0530 
_refine.overall_SU_R_Cruickshank_DPI             ? 
_refine.overall_SU_R_free                        ? 
_refine.overall_FOM_free_R_set                   ? 
_refine.overall_FOM_work_R_set                   ? 
_refine.pdbx_average_fsc_overall                 ? 
_refine.pdbx_average_fsc_work                    ? 
_refine.pdbx_average_fsc_free                    ? 
# 
_refine_hist.cycle_id                         final 
_refine_hist.pdbx_refine_id                   'X-RAY DIFFRACTION' 
_refine_hist.d_res_high                       1.6200 
_refine_hist.d_res_low                        40.4500 
_refine_hist.pdbx_number_atoms_ligand         48 
_refine_hist.number_atoms_solvent             60 
_refine_hist.number_atoms_total               1230 
_refine_hist.pdbx_number_residues_total       134 
_refine_hist.pdbx_B_iso_mean_ligand           18.54 
_refine_hist.pdbx_B_iso_mean_solvent          23.78 
_refine_hist.pdbx_number_atoms_protein        1122 
_refine_hist.pdbx_number_atoms_nucleic_acid   0 
# 
loop_
_refine_ls_restr.pdbx_refine_id 
_refine_ls_restr.criterion 
_refine_ls_restr.dev_ideal 
_refine_ls_restr.dev_ideal_target 
_refine_ls_restr.number 
_refine_ls_restr.rejects 
_refine_ls_restr.type 
_refine_ls_restr.weight 
_refine_ls_restr.pdbx_restraint_function 
'X-RAY DIFFRACTION' ? 0.014  0.020  1203 ? r_bond_refined_d       ? ? 
'X-RAY DIFFRACTION' ? 0.003  0.020  1141 ? r_bond_other_d         ? ? 
'X-RAY DIFFRACTION' ? 1.774  1.985  1633 ? r_angle_refined_deg    ? ? 
'X-RAY DIFFRACTION' ? 1.018  3.005  2628 ? r_angle_other_deg      ? ? 
'X-RAY DIFFRACTION' ? 5.441  5.000  133  ? r_dihedral_angle_1_deg ? ? 
'X-RAY DIFFRACTION' ? 33.256 25.000 58   ? r_dihedral_angle_2_deg ? ? 
'X-RAY DIFFRACTION' ? 14.312 15.000 201  ? r_dihedral_angle_3_deg ? ? 
'X-RAY DIFFRACTION' ? 10.026 15.000 4    ? r_dihedral_angle_4_deg ? ? 
'X-RAY DIFFRACTION' ? 0.344  0.200  169  ? r_chiral_restr         ? ? 
'X-RAY DIFFRACTION' ? 0.010  0.021  1321 ? r_gen_planes_refined   ? ? 
'X-RAY DIFFRACTION' ? 0.002  0.020  281  ? r_gen_planes_other     ? ? 
# 
_refine_ls_shell.pdbx_refine_id                   'X-RAY DIFFRACTION' 
_refine_ls_shell.d_res_high                       1.6170 
_refine_ls_shell.d_res_low                        1.6590 
_refine_ls_shell.number_reflns_all                1265 
_refine_ls_shell.number_reflns_obs                ? 
_refine_ls_shell.number_reflns_R_free             54 
_refine_ls_shell.number_reflns_R_work             1211 
_refine_ls_shell.percent_reflns_obs               99.7600 
_refine_ls_shell.percent_reflns_R_free            ? 
_refine_ls_shell.R_factor_all                     ? 
_refine_ls_shell.R_factor_obs                     ? 
_refine_ls_shell.R_factor_R_free                  0.2320 
_refine_ls_shell.R_factor_R_free_error            0.0000 
_refine_ls_shell.R_factor_R_work                  0.1720 
_refine_ls_shell.redundancy_reflns_all            ? 
_refine_ls_shell.redundancy_reflns_obs            ? 
_refine_ls_shell.wR_factor_all                    ? 
_refine_ls_shell.wR_factor_obs                    ? 
_refine_ls_shell.wR_factor_R_free                 ? 
_refine_ls_shell.wR_factor_R_work                 ? 
_refine_ls_shell.pdbx_total_number_of_bins_used   20 
_refine_ls_shell.pdbx_phase_error                 ? 
_refine_ls_shell.pdbx_fsc_work                    ? 
_refine_ls_shell.pdbx_fsc_free                    ? 
# 
_struct.entry_id                     5Z1R 
_struct.title                        'Crystal Structure Analysis of the BRD4' 
_struct.pdbx_model_details           ? 
_struct.pdbx_formula_weight          ? 
_struct.pdbx_formula_weight_method   ? 
_struct.pdbx_model_type_details      ? 
_struct.pdbx_CASP_flag               N 
# 
_struct_keywords.entry_id        5Z1R 
_struct_keywords.text            'BRD4(1), Bromodomain, TRANSCRIPTION' 
_struct_keywords.pdbx_keywords   TRANSCRIPTION 
# 
loop_
_struct_asym.id 
_struct_asym.pdbx_blank_PDB_chainid_flag 
_struct_asym.pdbx_modified 
_struct_asym.entity_id 
_struct_asym.details 
A N N 1 ? 
B N N 2 ? 
C N N 3 ? 
D N N 3 ? 
E N N 3 ? 
F N N 4 ? 
G N N 5 ? 
H N N 6 ? 
# 
_struct_ref.id                         1 
_struct_ref.db_name                    UNP 
_struct_ref.db_code                    BRD4_HUMAN 
_struct_ref.pdbx_db_accession          O60885 
_struct_ref.pdbx_db_isoform            ? 
_struct_ref.entity_id                  1 
_struct_ref.pdbx_seq_one_letter_code   
;NPPPPETSNPNKPKRQTNQLQYLLRVVLKTLWKHQFAWPFQQPVDAVKLNLPDYYKIIKTPMDMGTIKKRLENNYYWNAQ
ECIQDFNTMFTNCYIYNKPGDDIVLMAEALEKLFLQKINELPTEE
;
_struct_ref.pdbx_align_begin           44 
# 
_struct_ref_seq.align_id                      1 
_struct_ref_seq.ref_id                        1 
_struct_ref_seq.pdbx_PDB_id_code              5Z1R 
_struct_ref_seq.pdbx_strand_id                A 
_struct_ref_seq.seq_align_beg                 17 
_struct_ref_seq.pdbx_seq_align_beg_ins_code   ? 
_struct_ref_seq.seq_align_end                 141 
_struct_ref_seq.pdbx_seq_align_end_ins_code   ? 
_struct_ref_seq.pdbx_db_accession             O60885 
_struct_ref_seq.db_align_beg                  44 
_struct_ref_seq.pdbx_db_align_beg_ins_code    ? 
_struct_ref_seq.db_align_end                  168 
_struct_ref_seq.pdbx_db_align_end_ins_code    ? 
_struct_ref_seq.pdbx_auth_seq_align_beg       44 
_struct_ref_seq.pdbx_auth_seq_align_end       168 
# 
loop_
_struct_ref_seq_dif.align_id 
_struct_ref_seq_dif.pdbx_pdb_id_code 
_struct_ref_seq_dif.mon_id 
_struct_ref_seq_dif.pdbx_pdb_strand_id 
_struct_ref_seq_dif.seq_num 
_struct_ref_seq_dif.pdbx_pdb_ins_code 
_struct_ref_seq_dif.pdbx_seq_db_name 
_struct_ref_seq_dif.pdbx_seq_db_accession_code 
_struct_ref_seq_dif.db_mon_id 
_struct_ref_seq_dif.pdbx_seq_db_seq_num 
_struct_ref_seq_dif.details 
_struct_ref_seq_dif.pdbx_auth_seq_num 
_struct_ref_seq_dif.pdbx_ordinal 
1 5Z1R MET A 1  ? UNP O60885 ? ? 'expression tag' 28 1  
1 5Z1R LYS A 2  ? UNP O60885 ? ? 'expression tag' 29 2  
1 5Z1R LYS A 3  ? UNP O60885 ? ? 'expression tag' 30 3  
1 5Z1R GLY A 4  ? UNP O60885 ? ? 'expression tag' 31 4  
1 5Z1R HIS A 5  ? UNP O60885 ? ? 'expression tag' 32 5  
1 5Z1R HIS A 6  ? UNP O60885 ? ? 'expression tag' 33 6  
1 5Z1R HIS A 7  ? UNP O60885 ? ? 'expression tag' 34 7  
1 5Z1R HIS A 8  ? UNP O60885 ? ? 'expression tag' 35 8  
1 5Z1R HIS A 9  ? UNP O60885 ? ? 'expression tag' 36 9  
1 5Z1R HIS A 10 ? UNP O60885 ? ? 'expression tag' 37 10 
1 5Z1R LEU A 11 ? UNP O60885 ? ? 'expression tag' 38 11 
1 5Z1R VAL A 12 ? UNP O60885 ? ? 'expression tag' 39 12 
1 5Z1R PRO A 13 ? UNP O60885 ? ? 'expression tag' 40 13 
1 5Z1R ARG A 14 ? UNP O60885 ? ? 'expression tag' 41 14 
1 5Z1R GLY A 15 ? UNP O60885 ? ? 'expression tag' 42 15 
1 5Z1R SER A 16 ? UNP O60885 ? ? 'expression tag' 43 16 
# 
_pdbx_struct_assembly.id                   1 
_pdbx_struct_assembly.details              author_and_software_defined_assembly 
_pdbx_struct_assembly.method_details       PISA 
_pdbx_struct_assembly.oligomeric_details   monomeric 
_pdbx_struct_assembly.oligomeric_count     1 
# 
loop_
_pdbx_struct_assembly_prop.biol_id 
_pdbx_struct_assembly_prop.type 
_pdbx_struct_assembly_prop.value 
_pdbx_struct_assembly_prop.details 
1 'ABSA (A^2)' 140  ? 
1 MORE         1    ? 
1 'SSA (A^2)'  8680 ? 
# 
_pdbx_struct_assembly_gen.assembly_id       1 
_pdbx_struct_assembly_gen.oper_expression   1 
_pdbx_struct_assembly_gen.asym_id_list      A,B,C,D,E,F,G,H 
# 
_pdbx_struct_assembly_auth_evidence.id                     1 
_pdbx_struct_assembly_auth_evidence.assembly_id            1 
_pdbx_struct_assembly_auth_evidence.experimental_support   none 
_pdbx_struct_assembly_auth_evidence.details                ? 
# 
_pdbx_struct_oper_list.id                   1 
_pdbx_struct_oper_list.type                 'identity operation' 
_pdbx_struct_oper_list.name                 1_555 
_pdbx_struct_oper_list.symmetry_operation   x,y,z 
_pdbx_struct_oper_list.matrix[1][1]         1.0000000000 
_pdbx_struct_oper_list.matrix[1][2]         0.0000000000 
_pdbx_struct_oper_list.matrix[1][3]         0.0000000000 
_pdbx_struct_oper_list.vector[1]            0.0000000000 
_pdbx_struct_oper_list.matrix[2][1]         0.0000000000 
_pdbx_struct_oper_list.matrix[2][2]         1.0000000000 
_pdbx_struct_oper_list.matrix[2][3]         0.0000000000 
_pdbx_struct_oper_list.vector[2]            0.0000000000 
_pdbx_struct_oper_list.matrix[3][1]         0.0000000000 
_pdbx_struct_oper_list.matrix[3][2]         0.0000000000 
_pdbx_struct_oper_list.matrix[3][3]         1.0000000000 
_pdbx_struct_oper_list.vector[3]            0.0000000000 
# 
loop_
_struct_conf.conf_type_id 
_struct_conf.id 
_struct_conf.pdbx_PDB_helix_id 
_struct_conf.beg_label_comp_id 
_struct_conf.beg_label_asym_id 
_struct_conf.beg_label_seq_id 
_struct_conf.pdbx_beg_PDB_ins_code 
_struct_conf.end_label_comp_id 
_struct_conf.end_label_asym_id 
_struct_conf.end_label_seq_id 
_struct_conf.pdbx_end_PDB_ins_code 
_struct_conf.beg_auth_comp_id 
_struct_conf.beg_auth_asym_id 
_struct_conf.beg_auth_seq_id 
_struct_conf.end_auth_comp_id 
_struct_conf.end_auth_asym_id 
_struct_conf.end_auth_seq_id 
_struct_conf.pdbx_PDB_helix_class 
_struct_conf.details 
_struct_conf.pdbx_PDB_helix_length 
HELX_P HELX_P1 AA1 THR A 33  ? VAL A 42  ? THR A 60  VAL A 69  1 ? 10 
HELX_P HELX_P2 AA2 VAL A 42  ? LYS A 49  ? VAL A 69  LYS A 76  1 ? 8  
HELX_P HELX_P3 AA3 ALA A 53  ? GLN A 57  ? ALA A 80  GLN A 84  5 ? 5  
HELX_P HELX_P4 AA4 ASP A 69  ? ILE A 74  ? ASP A 96  ILE A 101 1 ? 6  
HELX_P HELX_P5 AA5 ASP A 79  ? ASN A 89  ? ASP A 106 ASN A 116 1 ? 11 
HELX_P HELX_P6 AA6 ASN A 94  ? ASN A 113 ? ASN A 121 ASN A 140 1 ? 20 
HELX_P HELX_P7 AA7 ASP A 117 ? ASN A 135 ? ASP A 144 ASN A 162 1 ? 19 
# 
_struct_conf_type.id          HELX_P 
_struct_conf_type.criteria    ? 
_struct_conf_type.reference   ? 
# 
_struct_mon_prot_cis.pdbx_id                1 
_struct_mon_prot_cis.label_comp_id          VAL 
_struct_mon_prot_cis.label_seq_id           12 
_struct_mon_prot_cis.label_asym_id          A 
_struct_mon_prot_cis.label_alt_id           . 
_struct_mon_prot_cis.pdbx_PDB_ins_code      ? 
_struct_mon_prot_cis.auth_comp_id           VAL 
_struct_mon_prot_cis.auth_seq_id            39 
_struct_mon_prot_cis.auth_asym_id           A 
_struct_mon_prot_cis.pdbx_label_comp_id_2   PRO 
_struct_mon_prot_cis.pdbx_label_seq_id_2    13 
_struct_mon_prot_cis.pdbx_label_asym_id_2   A 
_struct_mon_prot_cis.pdbx_PDB_ins_code_2    ? 
_struct_mon_prot_cis.pdbx_auth_comp_id_2    PRO 
_struct_mon_prot_cis.pdbx_auth_seq_id_2     40 
_struct_mon_prot_cis.pdbx_auth_asym_id_2    A 
_struct_mon_prot_cis.pdbx_PDB_model_num     1 
_struct_mon_prot_cis.pdbx_omega_angle       -5.29 
# 
loop_
_struct_site.id 
_struct_site.pdbx_evidence_code 
_struct_site.pdbx_auth_asym_id 
_struct_site.pdbx_auth_comp_id 
_struct_site.pdbx_auth_seq_id 
_struct_site.pdbx_auth_ins_code 
_struct_site.pdbx_num_residues 
_struct_site.details 
AC1 Software A EFL 201 ? 11 'binding site for residue EFL A 201' 
AC2 Software A EDO 202 ? 5  'binding site for residue EDO A 202' 
AC3 Software A EDO 203 ? 4  'binding site for residue EDO A 203' 
AC4 Software A EDO 204 ? 6  'binding site for residue EDO A 204' 
AC5 Software A GOL 205 ? 6  'binding site for residue GOL A 205' 
AC6 Software A NO3 206 ? 8  'binding site for residue NO3 A 206' 
# 
loop_
_struct_site_gen.id 
_struct_site_gen.site_id 
_struct_site_gen.pdbx_num_res 
_struct_site_gen.label_comp_id 
_struct_site_gen.label_asym_id 
_struct_site_gen.label_seq_id 
_struct_site_gen.pdbx_auth_ins_code 
_struct_site_gen.auth_comp_id 
_struct_site_gen.auth_asym_id 
_struct_site_gen.auth_seq_id 
_struct_site_gen.label_atom_id 
_struct_site_gen.label_alt_id 
_struct_site_gen.symmetry 
_struct_site_gen.details 
1  AC1 11 TRP A 54  ? TRP A 81  . ? 1_555 ? 
2  AC1 11 VAL A 60  ? VAL A 87  . ? 1_555 ? 
3  AC1 11 LYS A 72  ? LYS A 99  . ? 4_445 ? 
4  AC1 11 ILE A 73  ? ILE A 100 . ? 4_445 ? 
5  AC1 11 ASN A 113 ? ASN A 140 . ? 1_555 ? 
6  AC1 11 ILE A 119 ? ILE A 146 . ? 1_555 ? 
7  AC1 11 MET A 122 ? MET A 149 . ? 1_555 ? 
8  AC1 11 EDO D .   ? EDO A 203 . ? 1_555 ? 
9  AC1 11 HOH H .   ? HOH A 313 . ? 1_555 ? 
10 AC1 11 HOH H .   ? HOH A 331 . ? 1_555 ? 
11 AC1 11 HOH H .   ? HOH A 343 . ? 1_555 ? 
12 AC2 5  ILE A 73  ? ILE A 100 . ? 1_555 ? 
13 AC2 5  ILE A 74  ? ILE A 101 . ? 1_555 ? 
14 AC2 5  LYS A 75  ? LYS A 102 . ? 1_555 ? 
15 AC2 5  THR A 76  ? THR A 103 . ? 1_555 ? 
16 AC2 5  ASN A 108 ? ASN A 135 . ? 1_555 ? 
17 AC3 4  ASP A 117 ? ASP A 144 . ? 1_555 ? 
18 AC3 4  ASP A 118 ? ASP A 145 . ? 1_555 ? 
19 AC3 4  ILE A 119 ? ILE A 146 . ? 1_555 ? 
20 AC3 4  EFL B .   ? EFL A 201 . ? 1_555 ? 
21 AC4 6  LYS A 28  ? LYS A 55  . ? 3_645 ? 
22 AC4 6  PRO A 29  ? PRO A 56  . ? 3_645 ? 
23 AC4 6  LYS A 30  ? LYS A 57  . ? 3_645 ? 
24 AC4 6  TYR A 71  ? TYR A 98  . ? 1_555 ? 
25 AC4 6  LYS A 72  ? LYS A 99  . ? 1_555 ? 
26 AC4 6  LYS A 75  ? LYS A 102 . ? 1_555 ? 
27 AC5 6  PRO A 19  ? PRO A 46  . ? 1_555 ? 
28 AC5 6  PRO A 21  ? PRO A 48  . ? 1_555 ? 
29 AC5 6  ARG A 31  ? ARG A 58  . ? 3_645 ? 
30 AC5 6  TRP A 93  ? TRP A 120 . ? 3_645 ? 
31 AC5 6  ASN A 94  ? ASN A 121 . ? 3_645 ? 
32 AC5 6  HOH H .   ? HOH A 309 . ? 1_555 ? 
33 AC6 8  HIS A 8   ? HIS A 35  . ? 1_555 ? 
34 AC6 8  HIS A 9   ? HIS A 36  . ? 1_555 ? 
35 AC6 8  HIS A 10  ? HIS A 37  . ? 1_555 ? 
36 AC6 8  LEU A 11  ? LEU A 38  . ? 1_555 ? 
37 AC6 8  VAL A 12  ? VAL A 39  . ? 1_555 ? 
38 AC6 8  GLN A 96  ? GLN A 123 . ? 1_545 ? 
39 AC6 8  ILE A 99  ? ILE A 126 . ? 1_545 ? 
40 AC6 8  ASN A 103 ? ASN A 130 . ? 1_545 ? 
# 
loop_
_pdbx_validate_torsion.id 
_pdbx_validate_torsion.PDB_model_num 
_pdbx_validate_torsion.auth_comp_id 
_pdbx_validate_torsion.auth_asym_id 
_pdbx_validate_torsion.auth_seq_id 
_pdbx_validate_torsion.PDB_ins_code 
_pdbx_validate_torsion.label_alt_id 
_pdbx_validate_torsion.phi 
_pdbx_validate_torsion.psi 
1 1 ASN A 52 ? ? -167.09 99.56 
2 1 LEU A 94 ? ? -119.05 68.37 
# 
loop_
_pdbx_unobs_or_zero_occ_residues.id 
_pdbx_unobs_or_zero_occ_residues.PDB_model_num 
_pdbx_unobs_or_zero_occ_residues.polymer_flag 
_pdbx_unobs_or_zero_occ_residues.occupancy_flag 
_pdbx_unobs_or_zero_occ_residues.auth_asym_id 
_pdbx_unobs_or_zero_occ_residues.auth_comp_id 
_pdbx_unobs_or_zero_occ_residues.auth_seq_id 
_pdbx_unobs_or_zero_occ_residues.PDB_ins_code 
_pdbx_unobs_or_zero_occ_residues.label_asym_id 
_pdbx_unobs_or_zero_occ_residues.label_comp_id 
_pdbx_unobs_or_zero_occ_residues.label_seq_id 
1 1 Y 1 A MET 28  ? A MET 1   
2 1 Y 1 A LYS 29  ? A LYS 2   
3 1 Y 1 A LYS 30  ? A LYS 3   
4 1 Y 1 A GLY 31  ? A GLY 4   
5 1 Y 1 A HIS 32  ? A HIS 5   
6 1 Y 1 A GLU 167 ? A GLU 140 
7 1 Y 1 A GLU 168 ? A GLU 141 
# 
loop_
_chem_comp_atom.comp_id 
_chem_comp_atom.atom_id 
_chem_comp_atom.type_symbol 
_chem_comp_atom.pdbx_aromatic_flag 
_chem_comp_atom.pdbx_stereo_config 
_chem_comp_atom.pdbx_ordinal 
ALA N    N  N N 1   
ALA CA   C  N S 2   
ALA C    C  N N 3   
ALA O    O  N N 4   
ALA CB   C  N N 5   
ALA OXT  O  N N 6   
ALA H    H  N N 7   
ALA H2   H  N N 8   
ALA HA   H  N N 9   
ALA HB1  H  N N 10  
ALA HB2  H  N N 11  
ALA HB3  H  N N 12  
ALA HXT  H  N N 13  
ARG N    N  N N 14  
ARG CA   C  N S 15  
ARG C    C  N N 16  
ARG O    O  N N 17  
ARG CB   C  N N 18  
ARG CG   C  N N 19  
ARG CD   C  N N 20  
ARG NE   N  N N 21  
ARG CZ   C  N N 22  
ARG NH1  N  N N 23  
ARG NH2  N  N N 24  
ARG OXT  O  N N 25  
ARG H    H  N N 26  
ARG H2   H  N N 27  
ARG HA   H  N N 28  
ARG HB2  H  N N 29  
ARG HB3  H  N N 30  
ARG HG2  H  N N 31  
ARG HG3  H  N N 32  
ARG HD2  H  N N 33  
ARG HD3  H  N N 34  
ARG HE   H  N N 35  
ARG HH11 H  N N 36  
ARG HH12 H  N N 37  
ARG HH21 H  N N 38  
ARG HH22 H  N N 39  
ARG HXT  H  N N 40  
ASN N    N  N N 41  
ASN CA   C  N S 42  
ASN C    C  N N 43  
ASN O    O  N N 44  
ASN CB   C  N N 45  
ASN CG   C  N N 46  
ASN OD1  O  N N 47  
ASN ND2  N  N N 48  
ASN OXT  O  N N 49  
ASN H    H  N N 50  
ASN H2   H  N N 51  
ASN HA   H  N N 52  
ASN HB2  H  N N 53  
ASN HB3  H  N N 54  
ASN HD21 H  N N 55  
ASN HD22 H  N N 56  
ASN HXT  H  N N 57  
ASP N    N  N N 58  
ASP CA   C  N S 59  
ASP C    C  N N 60  
ASP O    O  N N 61  
ASP CB   C  N N 62  
ASP CG   C  N N 63  
ASP OD1  O  N N 64  
ASP OD2  O  N N 65  
ASP OXT  O  N N 66  
ASP H    H  N N 67  
ASP H2   H  N N 68  
ASP HA   H  N N 69  
ASP HB2  H  N N 70  
ASP HB3  H  N N 71  
ASP HD2  H  N N 72  
ASP HXT  H  N N 73  
CYS N    N  N N 74  
CYS CA   C  N R 75  
CYS C    C  N N 76  
CYS O    O  N N 77  
CYS CB   C  N N 78  
CYS SG   S  N N 79  
CYS OXT  O  N N 80  
CYS H    H  N N 81  
CYS H2   H  N N 82  
CYS HA   H  N N 83  
CYS HB2  H  N N 84  
CYS HB3  H  N N 85  
CYS HG   H  N N 86  
CYS HXT  H  N N 87  
EDO C1   C  N N 88  
EDO O1   O  N N 89  
EDO C2   C  N N 90  
EDO O2   O  N N 91  
EDO H11  H  N N 92  
EDO H12  H  N N 93  
EDO HO1  H  N N 94  
EDO H21  H  N N 95  
EDO H22  H  N N 96  
EDO HO2  H  N N 97  
EFL CAZ  C  N N 98  
EFL OAY  O  N N 99  
EFL CAW  C  Y N 100 
EFL CAV  C  Y N 101 
EFL CAU  C  Y N 102 
EFL CAT  C  Y N 103 
EFL BR   BR N N 104 
EFL CAS  C  Y N 105 
EFL CAR  C  Y N 106 
EFL SAO  S  N N 107 
EFL OAP  O  N N 108 
EFL OAQ  O  N N 109 
EFL NAN  N  N N 110 
EFL CAB  C  Y N 111 
EFL CAC  C  Y N 112 
EFL CAD  C  Y N 113 
EFL OAG  O  N N 114 
EFL CAH  C  N N 115 
EFL CAL  C  N N 116 
EFL CAM  C  N N 117 
EFL CAI  C  N N 118 
EFL OAK  O  N N 119 
EFL NAJ  N  N N 120 
EFL CAE  C  Y N 121 
EFL CAF  C  Y N 122 
EFL CAA  C  Y N 123 
EFL H1   H  N N 124 
EFL H2   H  N N 125 
EFL H3   H  N N 126 
EFL H4   H  N N 127 
EFL H5   H  N N 128 
EFL H6   H  N N 129 
EFL H7   H  N N 130 
EFL H8   H  N N 131 
EFL H9   H  N N 132 
EFL H10  H  N N 133 
EFL H11  H  N N 134 
EFL H12  H  N N 135 
EFL H13  H  N N 136 
EFL H14  H  N N 137 
EFL H15  H  N N 138 
EFL H16  H  N N 139 
EFL H17  H  N N 140 
GLN N    N  N N 141 
GLN CA   C  N S 142 
GLN C    C  N N 143 
GLN O    O  N N 144 
GLN CB   C  N N 145 
GLN CG   C  N N 146 
GLN CD   C  N N 147 
GLN OE1  O  N N 148 
GLN NE2  N  N N 149 
GLN OXT  O  N N 150 
GLN H    H  N N 151 
GLN H2   H  N N 152 
GLN HA   H  N N 153 
GLN HB2  H  N N 154 
GLN HB3  H  N N 155 
GLN HG2  H  N N 156 
GLN HG3  H  N N 157 
GLN HE21 H  N N 158 
GLN HE22 H  N N 159 
GLN HXT  H  N N 160 
GLU N    N  N N 161 
GLU CA   C  N S 162 
GLU C    C  N N 163 
GLU O    O  N N 164 
GLU CB   C  N N 165 
GLU CG   C  N N 166 
GLU CD   C  N N 167 
GLU OE1  O  N N 168 
GLU OE2  O  N N 169 
GLU OXT  O  N N 170 
GLU H    H  N N 171 
GLU H2   H  N N 172 
GLU HA   H  N N 173 
GLU HB2  H  N N 174 
GLU HB3  H  N N 175 
GLU HG2  H  N N 176 
GLU HG3  H  N N 177 
GLU HE2  H  N N 178 
GLU HXT  H  N N 179 
GLY N    N  N N 180 
GLY CA   C  N N 181 
GLY C    C  N N 182 
GLY O    O  N N 183 
GLY OXT  O  N N 184 
GLY H    H  N N 185 
GLY H2   H  N N 186 
GLY HA2  H  N N 187 
GLY HA3  H  N N 188 
GLY HXT  H  N N 189 
GOL C1   C  N N 190 
GOL O1   O  N N 191 
GOL C2   C  N N 192 
GOL O2   O  N N 193 
GOL C3   C  N N 194 
GOL O3   O  N N 195 
GOL H11  H  N N 196 
GOL H12  H  N N 197 
GOL HO1  H  N N 198 
GOL H2   H  N N 199 
GOL HO2  H  N N 200 
GOL H31  H  N N 201 
GOL H32  H  N N 202 
GOL HO3  H  N N 203 
HIS N    N  N N 204 
HIS CA   C  N S 205 
HIS C    C  N N 206 
HIS O    O  N N 207 
HIS CB   C  N N 208 
HIS CG   C  Y N 209 
HIS ND1  N  Y N 210 
HIS CD2  C  Y N 211 
HIS CE1  C  Y N 212 
HIS NE2  N  Y N 213 
HIS OXT  O  N N 214 
HIS H    H  N N 215 
HIS H2   H  N N 216 
HIS HA   H  N N 217 
HIS HB2  H  N N 218 
HIS HB3  H  N N 219 
HIS HD1  H  N N 220 
HIS HD2  H  N N 221 
HIS HE1  H  N N 222 
HIS HE2  H  N N 223 
HIS HXT  H  N N 224 
HOH O    O  N N 225 
HOH H1   H  N N 226 
HOH H2   H  N N 227 
ILE N    N  N N 228 
ILE CA   C  N S 229 
ILE C    C  N N 230 
ILE O    O  N N 231 
ILE CB   C  N S 232 
ILE CG1  C  N N 233 
ILE CG2  C  N N 234 
ILE CD1  C  N N 235 
ILE OXT  O  N N 236 
ILE H    H  N N 237 
ILE H2   H  N N 238 
ILE HA   H  N N 239 
ILE HB   H  N N 240 
ILE HG12 H  N N 241 
ILE HG13 H  N N 242 
ILE HG21 H  N N 243 
ILE HG22 H  N N 244 
ILE HG23 H  N N 245 
ILE HD11 H  N N 246 
ILE HD12 H  N N 247 
ILE HD13 H  N N 248 
ILE HXT  H  N N 249 
LEU N    N  N N 250 
LEU CA   C  N S 251 
LEU C    C  N N 252 
LEU O    O  N N 253 
LEU CB   C  N N 254 
LEU CG   C  N N 255 
LEU CD1  C  N N 256 
LEU CD2  C  N N 257 
LEU OXT  O  N N 258 
LEU H    H  N N 259 
LEU H2   H  N N 260 
LEU HA   H  N N 261 
LEU HB2  H  N N 262 
LEU HB3  H  N N 263 
LEU HG   H  N N 264 
LEU HD11 H  N N 265 
LEU HD12 H  N N 266 
LEU HD13 H  N N 267 
LEU HD21 H  N N 268 
LEU HD22 H  N N 269 
LEU HD23 H  N N 270 
LEU HXT  H  N N 271 
LYS N    N  N N 272 
LYS CA   C  N S 273 
LYS C    C  N N 274 
LYS O    O  N N 275 
LYS CB   C  N N 276 
LYS CG   C  N N 277 
LYS CD   C  N N 278 
LYS CE   C  N N 279 
LYS NZ   N  N N 280 
LYS OXT  O  N N 281 
LYS H    H  N N 282 
LYS H2   H  N N 283 
LYS HA   H  N N 284 
LYS HB2  H  N N 285 
LYS HB3  H  N N 286 
LYS HG2  H  N N 287 
LYS HG3  H  N N 288 
LYS HD2  H  N N 289 
LYS HD3  H  N N 290 
LYS HE2  H  N N 291 
LYS HE3  H  N N 292 
LYS HZ1  H  N N 293 
LYS HZ2  H  N N 294 
LYS HZ3  H  N N 295 
LYS HXT  H  N N 296 
MET N    N  N N 297 
MET CA   C  N S 298 
MET C    C  N N 299 
MET O    O  N N 300 
MET CB   C  N N 301 
MET CG   C  N N 302 
MET SD   S  N N 303 
MET CE   C  N N 304 
MET OXT  O  N N 305 
MET H    H  N N 306 
MET H2   H  N N 307 
MET HA   H  N N 308 
MET HB2  H  N N 309 
MET HB3  H  N N 310 
MET HG2  H  N N 311 
MET HG3  H  N N 312 
MET HE1  H  N N 313 
MET HE2  H  N N 314 
MET HE3  H  N N 315 
MET HXT  H  N N 316 
NO3 N    N  N N 317 
NO3 O1   O  N N 318 
NO3 O2   O  N N 319 
NO3 O3   O  N N 320 
PHE N    N  N N 321 
PHE CA   C  N S 322 
PHE C    C  N N 323 
PHE O    O  N N 324 
PHE CB   C  N N 325 
PHE CG   C  Y N 326 
PHE CD1  C  Y N 327 
PHE CD2  C  Y N 328 
PHE CE1  C  Y N 329 
PHE CE2  C  Y N 330 
PHE CZ   C  Y N 331 
PHE OXT  O  N N 332 
PHE H    H  N N 333 
PHE H2   H  N N 334 
PHE HA   H  N N 335 
PHE HB2  H  N N 336 
PHE HB3  H  N N 337 
PHE HD1  H  N N 338 
PHE HD2  H  N N 339 
PHE HE1  H  N N 340 
PHE HE2  H  N N 341 
PHE HZ   H  N N 342 
PHE HXT  H  N N 343 
PRO N    N  N N 344 
PRO CA   C  N S 345 
PRO C    C  N N 346 
PRO O    O  N N 347 
PRO CB   C  N N 348 
PRO CG   C  N N 349 
PRO CD   C  N N 350 
PRO OXT  O  N N 351 
PRO H    H  N N 352 
PRO HA   H  N N 353 
PRO HB2  H  N N 354 
PRO HB3  H  N N 355 
PRO HG2  H  N N 356 
PRO HG3  H  N N 357 
PRO HD2  H  N N 358 
PRO HD3  H  N N 359 
PRO HXT  H  N N 360 
SER N    N  N N 361 
SER CA   C  N S 362 
SER C    C  N N 363 
SER O    O  N N 364 
SER CB   C  N N 365 
SER OG   O  N N 366 
SER OXT  O  N N 367 
SER H    H  N N 368 
SER H2   H  N N 369 
SER HA   H  N N 370 
SER HB2  H  N N 371 
SER HB3  H  N N 372 
SER HG   H  N N 373 
SER HXT  H  N N 374 
THR N    N  N N 375 
THR CA   C  N S 376 
THR C    C  N N 377 
THR O    O  N N 378 
THR CB   C  N R 379 
THR OG1  O  N N 380 
THR CG2  C  N N 381 
THR OXT  O  N N 382 
THR H    H  N N 383 
THR H2   H  N N 384 
THR HA   H  N N 385 
THR HB   H  N N 386 
THR HG1  H  N N 387 
THR HG21 H  N N 388 
THR HG22 H  N N 389 
THR HG23 H  N N 390 
THR HXT  H  N N 391 
TRP N    N  N N 392 
TRP CA   C  N S 393 
TRP C    C  N N 394 
TRP O    O  N N 395 
TRP CB   C  N N 396 
TRP CG   C  Y N 397 
TRP CD1  C  Y N 398 
TRP CD2  C  Y N 399 
TRP NE1  N  Y N 400 
TRP CE2  C  Y N 401 
TRP CE3  C  Y N 402 
TRP CZ2  C  Y N 403 
TRP CZ3  C  Y N 404 
TRP CH2  C  Y N 405 
TRP OXT  O  N N 406 
TRP H    H  N N 407 
TRP H2   H  N N 408 
TRP HA   H  N N 409 
TRP HB2  H  N N 410 
TRP HB3  H  N N 411 
TRP HD1  H  N N 412 
TRP HE1  H  N N 413 
TRP HE3  H  N N 414 
TRP HZ2  H  N N 415 
TRP HZ3  H  N N 416 
TRP HH2  H  N N 417 
TRP HXT  H  N N 418 
TYR N    N  N N 419 
TYR CA   C  N S 420 
TYR C    C  N N 421 
TYR O    O  N N 422 
TYR CB   C  N N 423 
TYR CG   C  Y N 424 
TYR CD1  C  Y N 425 
TYR CD2  C  Y N 426 
TYR CE1  C  Y N 427 
TYR CE2  C  Y N 428 
TYR CZ   C  Y N 429 
TYR OH   O  N N 430 
TYR OXT  O  N N 431 
TYR H    H  N N 432 
TYR H2   H  N N 433 
TYR HA   H  N N 434 
TYR HB2  H  N N 435 
TYR HB3  H  N N 436 
TYR HD1  H  N N 437 
TYR HD2  H  N N 438 
TYR HE1  H  N N 439 
TYR HE2  H  N N 440 
TYR HH   H  N N 441 
TYR HXT  H  N N 442 
VAL N    N  N N 443 
VAL CA   C  N S 444 
VAL C    C  N N 445 
VAL O    O  N N 446 
VAL CB   C  N N 447 
VAL CG1  C  N N 448 
VAL CG2  C  N N 449 
VAL OXT  O  N N 450 
VAL H    H  N N 451 
VAL H2   H  N N 452 
VAL HA   H  N N 453 
VAL HB   H  N N 454 
VAL HG11 H  N N 455 
VAL HG12 H  N N 456 
VAL HG13 H  N N 457 
VAL HG21 H  N N 458 
VAL HG22 H  N N 459 
VAL HG23 H  N N 460 
VAL HXT  H  N N 461 
# 
loop_
_chem_comp_bond.comp_id 
_chem_comp_bond.atom_id_1 
_chem_comp_bond.atom_id_2 
_chem_comp_bond.value_order 
_chem_comp_bond.pdbx_aromatic_flag 
_chem_comp_bond.pdbx_stereo_config 
_chem_comp_bond.pdbx_ordinal 
ALA N   CA   sing N N 1   
ALA N   H    sing N N 2   
ALA N   H2   sing N N 3   
ALA CA  C    sing N N 4   
ALA CA  CB   sing N N 5   
ALA CA  HA   sing N N 6   
ALA C   O    doub N N 7   
ALA C   OXT  sing N N 8   
ALA CB  HB1  sing N N 9   
ALA CB  HB2  sing N N 10  
ALA CB  HB3  sing N N 11  
ALA OXT HXT  sing N N 12  
ARG N   CA   sing N N 13  
ARG N   H    sing N N 14  
ARG N   H2   sing N N 15  
ARG CA  C    sing N N 16  
ARG CA  CB   sing N N 17  
ARG CA  HA   sing N N 18  
ARG C   O    doub N N 19  
ARG C   OXT  sing N N 20  
ARG CB  CG   sing N N 21  
ARG CB  HB2  sing N N 22  
ARG CB  HB3  sing N N 23  
ARG CG  CD   sing N N 24  
ARG CG  HG2  sing N N 25  
ARG CG  HG3  sing N N 26  
ARG CD  NE   sing N N 27  
ARG CD  HD2  sing N N 28  
ARG CD  HD3  sing N N 29  
ARG NE  CZ   sing N N 30  
ARG NE  HE   sing N N 31  
ARG CZ  NH1  sing N N 32  
ARG CZ  NH2  doub N N 33  
ARG NH1 HH11 sing N N 34  
ARG NH1 HH12 sing N N 35  
ARG NH2 HH21 sing N N 36  
ARG NH2 HH22 sing N N 37  
ARG OXT HXT  sing N N 38  
ASN N   CA   sing N N 39  
ASN N   H    sing N N 40  
ASN N   H2   sing N N 41  
ASN CA  C    sing N N 42  
ASN CA  CB   sing N N 43  
ASN CA  HA   sing N N 44  
ASN C   O    doub N N 45  
ASN C   OXT  sing N N 46  
ASN CB  CG   sing N N 47  
ASN CB  HB2  sing N N 48  
ASN CB  HB3  sing N N 49  
ASN CG  OD1  doub N N 50  
ASN CG  ND2  sing N N 51  
ASN ND2 HD21 sing N N 52  
ASN ND2 HD22 sing N N 53  
ASN OXT HXT  sing N N 54  
ASP N   CA   sing N N 55  
ASP N   H    sing N N 56  
ASP N   H2   sing N N 57  
ASP CA  C    sing N N 58  
ASP CA  CB   sing N N 59  
ASP CA  HA   sing N N 60  
ASP C   O    doub N N 61  
ASP C   OXT  sing N N 62  
ASP CB  CG   sing N N 63  
ASP CB  HB2  sing N N 64  
ASP CB  HB3  sing N N 65  
ASP CG  OD1  doub N N 66  
ASP CG  OD2  sing N N 67  
ASP OD2 HD2  sing N N 68  
ASP OXT HXT  sing N N 69  
CYS N   CA   sing N N 70  
CYS N   H    sing N N 71  
CYS N   H2   sing N N 72  
CYS CA  C    sing N N 73  
CYS CA  CB   sing N N 74  
CYS CA  HA   sing N N 75  
CYS C   O    doub N N 76  
CYS C   OXT  sing N N 77  
CYS CB  SG   sing N N 78  
CYS CB  HB2  sing N N 79  
CYS CB  HB3  sing N N 80  
CYS SG  HG   sing N N 81  
CYS OXT HXT  sing N N 82  
EDO C1  O1   sing N N 83  
EDO C1  C2   sing N N 84  
EDO C1  H11  sing N N 85  
EDO C1  H12  sing N N 86  
EDO O1  HO1  sing N N 87  
EDO C2  O2   sing N N 88  
EDO C2  H21  sing N N 89  
EDO C2  H22  sing N N 90  
EDO O2  HO2  sing N N 91  
EFL CAU CAV  doub Y N 92  
EFL CAU CAT  sing Y N 93  
EFL CAV CAW  sing Y N 94  
EFL CAZ OAY  sing N N 95  
EFL BR  CAT  sing N N 96  
EFL CAT CAS  doub Y N 97  
EFL CAW OAY  sing N N 98  
EFL CAW CAR  doub Y N 99  
EFL CAS CAR  sing Y N 100 
EFL CAR SAO  sing N N 101 
EFL OAQ SAO  doub N N 102 
EFL SAO NAN  sing N N 103 
EFL SAO OAP  doub N N 104 
EFL CAA CAF  doub Y N 105 
EFL CAA CAB  sing Y N 106 
EFL CAF CAE  sing Y N 107 
EFL NAN CAB  sing N N 108 
EFL CAB CAC  doub Y N 109 
EFL CAE NAJ  sing N N 110 
EFL CAE CAD  doub Y N 111 
EFL CAC CAD  sing Y N 112 
EFL NAJ CAI  sing N N 113 
EFL CAD OAG  sing N N 114 
EFL OAG CAH  sing N N 115 
EFL CAI OAK  doub N N 116 
EFL CAI CAH  sing N N 117 
EFL CAH CAL  sing N N 118 
EFL CAH CAM  sing N N 119 
EFL CAZ H1   sing N N 120 
EFL CAZ H2   sing N N 121 
EFL CAZ H3   sing N N 122 
EFL CAV H4   sing N N 123 
EFL CAU H5   sing N N 124 
EFL CAS H6   sing N N 125 
EFL NAN H7   sing N N 126 
EFL CAC H8   sing N N 127 
EFL CAL H9   sing N N 128 
EFL CAL H10  sing N N 129 
EFL CAL H11  sing N N 130 
EFL CAM H12  sing N N 131 
EFL CAM H13  sing N N 132 
EFL CAM H14  sing N N 133 
EFL NAJ H15  sing N N 134 
EFL CAF H16  sing N N 135 
EFL CAA H17  sing N N 136 
GLN N   CA   sing N N 137 
GLN N   H    sing N N 138 
GLN N   H2   sing N N 139 
GLN CA  C    sing N N 140 
GLN CA  CB   sing N N 141 
GLN CA  HA   sing N N 142 
GLN C   O    doub N N 143 
GLN C   OXT  sing N N 144 
GLN CB  CG   sing N N 145 
GLN CB  HB2  sing N N 146 
GLN CB  HB3  sing N N 147 
GLN CG  CD   sing N N 148 
GLN CG  HG2  sing N N 149 
GLN CG  HG3  sing N N 150 
GLN CD  OE1  doub N N 151 
GLN CD  NE2  sing N N 152 
GLN NE2 HE21 sing N N 153 
GLN NE2 HE22 sing N N 154 
GLN OXT HXT  sing N N 155 
GLU N   CA   sing N N 156 
GLU N   H    sing N N 157 
GLU N   H2   sing N N 158 
GLU CA  C    sing N N 159 
GLU CA  CB   sing N N 160 
GLU CA  HA   sing N N 161 
GLU C   O    doub N N 162 
GLU C   OXT  sing N N 163 
GLU CB  CG   sing N N 164 
GLU CB  HB2  sing N N 165 
GLU CB  HB3  sing N N 166 
GLU CG  CD   sing N N 167 
GLU CG  HG2  sing N N 168 
GLU CG  HG3  sing N N 169 
GLU CD  OE1  doub N N 170 
GLU CD  OE2  sing N N 171 
GLU OE2 HE2  sing N N 172 
GLU OXT HXT  sing N N 173 
GLY N   CA   sing N N 174 
GLY N   H    sing N N 175 
GLY N   H2   sing N N 176 
GLY CA  C    sing N N 177 
GLY CA  HA2  sing N N 178 
GLY CA  HA3  sing N N 179 
GLY C   O    doub N N 180 
GLY C   OXT  sing N N 181 
GLY OXT HXT  sing N N 182 
GOL C1  O1   sing N N 183 
GOL C1  C2   sing N N 184 
GOL C1  H11  sing N N 185 
GOL C1  H12  sing N N 186 
GOL O1  HO1  sing N N 187 
GOL C2  O2   sing N N 188 
GOL C2  C3   sing N N 189 
GOL C2  H2   sing N N 190 
GOL O2  HO2  sing N N 191 
GOL C3  O3   sing N N 192 
GOL C3  H31  sing N N 193 
GOL C3  H32  sing N N 194 
GOL O3  HO3  sing N N 195 
HIS N   CA   sing N N 196 
HIS N   H    sing N N 197 
HIS N   H2   sing N N 198 
HIS CA  C    sing N N 199 
HIS CA  CB   sing N N 200 
HIS CA  HA   sing N N 201 
HIS C   O    doub N N 202 
HIS C   OXT  sing N N 203 
HIS CB  CG   sing N N 204 
HIS CB  HB2  sing N N 205 
HIS CB  HB3  sing N N 206 
HIS CG  ND1  sing Y N 207 
HIS CG  CD2  doub Y N 208 
HIS ND1 CE1  doub Y N 209 
HIS ND1 HD1  sing N N 210 
HIS CD2 NE2  sing Y N 211 
HIS CD2 HD2  sing N N 212 
HIS CE1 NE2  sing Y N 213 
HIS CE1 HE1  sing N N 214 
HIS NE2 HE2  sing N N 215 
HIS OXT HXT  sing N N 216 
HOH O   H1   sing N N 217 
HOH O   H2   sing N N 218 
ILE N   CA   sing N N 219 
ILE N   H    sing N N 220 
ILE N   H2   sing N N 221 
ILE CA  C    sing N N 222 
ILE CA  CB   sing N N 223 
ILE CA  HA   sing N N 224 
ILE C   O    doub N N 225 
ILE C   OXT  sing N N 226 
ILE CB  CG1  sing N N 227 
ILE CB  CG2  sing N N 228 
ILE CB  HB   sing N N 229 
ILE CG1 CD1  sing N N 230 
ILE CG1 HG12 sing N N 231 
ILE CG1 HG13 sing N N 232 
ILE CG2 HG21 sing N N 233 
ILE CG2 HG22 sing N N 234 
ILE CG2 HG23 sing N N 235 
ILE CD1 HD11 sing N N 236 
ILE CD1 HD12 sing N N 237 
ILE CD1 HD13 sing N N 238 
ILE OXT HXT  sing N N 239 
LEU N   CA   sing N N 240 
LEU N   H    sing N N 241 
LEU N   H2   sing N N 242 
LEU CA  C    sing N N 243 
LEU CA  CB   sing N N 244 
LEU CA  HA   sing N N 245 
LEU C   O    doub N N 246 
LEU C   OXT  sing N N 247 
LEU CB  CG   sing N N 248 
LEU CB  HB2  sing N N 249 
LEU CB  HB3  sing N N 250 
LEU CG  CD1  sing N N 251 
LEU CG  CD2  sing N N 252 
LEU CG  HG   sing N N 253 
LEU CD1 HD11 sing N N 254 
LEU CD1 HD12 sing N N 255 
LEU CD1 HD13 sing N N 256 
LEU CD2 HD21 sing N N 257 
LEU CD2 HD22 sing N N 258 
LEU CD2 HD23 sing N N 259 
LEU OXT HXT  sing N N 260 
LYS N   CA   sing N N 261 
LYS N   H    sing N N 262 
LYS N   H2   sing N N 263 
LYS CA  C    sing N N 264 
LYS CA  CB   sing N N 265 
LYS CA  HA   sing N N 266 
LYS C   O    doub N N 267 
LYS C   OXT  sing N N 268 
LYS CB  CG   sing N N 269 
LYS CB  HB2  sing N N 270 
LYS CB  HB3  sing N N 271 
LYS CG  CD   sing N N 272 
LYS CG  HG2  sing N N 273 
LYS CG  HG3  sing N N 274 
LYS CD  CE   sing N N 275 
LYS CD  HD2  sing N N 276 
LYS CD  HD3  sing N N 277 
LYS CE  NZ   sing N N 278 
LYS CE  HE2  sing N N 279 
LYS CE  HE3  sing N N 280 
LYS NZ  HZ1  sing N N 281 
LYS NZ  HZ2  sing N N 282 
LYS NZ  HZ3  sing N N 283 
LYS OXT HXT  sing N N 284 
MET N   CA   sing N N 285 
MET N   H    sing N N 286 
MET N   H2   sing N N 287 
MET CA  C    sing N N 288 
MET CA  CB   sing N N 289 
MET CA  HA   sing N N 290 
MET C   O    doub N N 291 
MET C   OXT  sing N N 292 
MET CB  CG   sing N N 293 
MET CB  HB2  sing N N 294 
MET CB  HB3  sing N N 295 
MET CG  SD   sing N N 296 
MET CG  HG2  sing N N 297 
MET CG  HG3  sing N N 298 
MET SD  CE   sing N N 299 
MET CE  HE1  sing N N 300 
MET CE  HE2  sing N N 301 
MET CE  HE3  sing N N 302 
MET OXT HXT  sing N N 303 
NO3 N   O1   doub N N 304 
NO3 N   O2   sing N N 305 
NO3 N   O3   sing N N 306 
PHE N   CA   sing N N 307 
PHE N   H    sing N N 308 
PHE N   H2   sing N N 309 
PHE CA  C    sing N N 310 
PHE CA  CB   sing N N 311 
PHE CA  HA   sing N N 312 
PHE C   O    doub N N 313 
PHE C   OXT  sing N N 314 
PHE CB  CG   sing N N 315 
PHE CB  HB2  sing N N 316 
PHE CB  HB3  sing N N 317 
PHE CG  CD1  doub Y N 318 
PHE CG  CD2  sing Y N 319 
PHE CD1 CE1  sing Y N 320 
PHE CD1 HD1  sing N N 321 
PHE CD2 CE2  doub Y N 322 
PHE CD2 HD2  sing N N 323 
PHE CE1 CZ   doub Y N 324 
PHE CE1 HE1  sing N N 325 
PHE CE2 CZ   sing Y N 326 
PHE CE2 HE2  sing N N 327 
PHE CZ  HZ   sing N N 328 
PHE OXT HXT  sing N N 329 
PRO N   CA   sing N N 330 
PRO N   CD   sing N N 331 
PRO N   H    sing N N 332 
PRO CA  C    sing N N 333 
PRO CA  CB   sing N N 334 
PRO CA  HA   sing N N 335 
PRO C   O    doub N N 336 
PRO C   OXT  sing N N 337 
PRO CB  CG   sing N N 338 
PRO CB  HB2  sing N N 339 
PRO CB  HB3  sing N N 340 
PRO CG  CD   sing N N 341 
PRO CG  HG2  sing N N 342 
PRO CG  HG3  sing N N 343 
PRO CD  HD2  sing N N 344 
PRO CD  HD3  sing N N 345 
PRO OXT HXT  sing N N 346 
SER N   CA   sing N N 347 
SER N   H    sing N N 348 
SER N   H2   sing N N 349 
SER CA  C    sing N N 350 
SER CA  CB   sing N N 351 
SER CA  HA   sing N N 352 
SER C   O    doub N N 353 
SER C   OXT  sing N N 354 
SER CB  OG   sing N N 355 
SER CB  HB2  sing N N 356 
SER CB  HB3  sing N N 357 
SER OG  HG   sing N N 358 
SER OXT HXT  sing N N 359 
THR N   CA   sing N N 360 
THR N   H    sing N N 361 
THR N   H2   sing N N 362 
THR CA  C    sing N N 363 
THR CA  CB   sing N N 364 
THR CA  HA   sing N N 365 
THR C   O    doub N N 366 
THR C   OXT  sing N N 367 
THR CB  OG1  sing N N 368 
THR CB  CG2  sing N N 369 
THR CB  HB   sing N N 370 
THR OG1 HG1  sing N N 371 
THR CG2 HG21 sing N N 372 
THR CG2 HG22 sing N N 373 
THR CG2 HG23 sing N N 374 
THR OXT HXT  sing N N 375 
TRP N   CA   sing N N 376 
TRP N   H    sing N N 377 
TRP N   H2   sing N N 378 
TRP CA  C    sing N N 379 
TRP CA  CB   sing N N 380 
TRP CA  HA   sing N N 381 
TRP C   O    doub N N 382 
TRP C   OXT  sing N N 383 
TRP CB  CG   sing N N 384 
TRP CB  HB2  sing N N 385 
TRP CB  HB3  sing N N 386 
TRP CG  CD1  doub Y N 387 
TRP CG  CD2  sing Y N 388 
TRP CD1 NE1  sing Y N 389 
TRP CD1 HD1  sing N N 390 
TRP CD2 CE2  doub Y N 391 
TRP CD2 CE3  sing Y N 392 
TRP NE1 CE2  sing Y N 393 
TRP NE1 HE1  sing N N 394 
TRP CE2 CZ2  sing Y N 395 
TRP CE3 CZ3  doub Y N 396 
TRP CE3 HE3  sing N N 397 
TRP CZ2 CH2  doub Y N 398 
TRP CZ2 HZ2  sing N N 399 
TRP CZ3 CH2  sing Y N 400 
TRP CZ3 HZ3  sing N N 401 
TRP CH2 HH2  sing N N 402 
TRP OXT HXT  sing N N 403 
TYR N   CA   sing N N 404 
TYR N   H    sing N N 405 
TYR N   H2   sing N N 406 
TYR CA  C    sing N N 407 
TYR CA  CB   sing N N 408 
TYR CA  HA   sing N N 409 
TYR C   O    doub N N 410 
TYR C   OXT  sing N N 411 
TYR CB  CG   sing N N 412 
TYR CB  HB2  sing N N 413 
TYR CB  HB3  sing N N 414 
TYR CG  CD1  doub Y N 415 
TYR CG  CD2  sing Y N 416 
TYR CD1 CE1  sing Y N 417 
TYR CD1 HD1  sing N N 418 
TYR CD2 CE2  doub Y N 419 
TYR CD2 HD2  sing N N 420 
TYR CE1 CZ   doub Y N 421 
TYR CE1 HE1  sing N N 422 
TYR CE2 CZ   sing Y N 423 
TYR CE2 HE2  sing N N 424 
TYR CZ  OH   sing N N 425 
TYR OH  HH   sing N N 426 
TYR OXT HXT  sing N N 427 
VAL N   CA   sing N N 428 
VAL N   H    sing N N 429 
VAL N   H2   sing N N 430 
VAL CA  C    sing N N 431 
VAL CA  CB   sing N N 432 
VAL CA  HA   sing N N 433 
VAL C   O    doub N N 434 
VAL C   OXT  sing N N 435 
VAL CB  CG1  sing N N 436 
VAL CB  CG2  sing N N 437 
VAL CB  HB   sing N N 438 
VAL CG1 HG11 sing N N 439 
VAL CG1 HG12 sing N N 440 
VAL CG1 HG13 sing N N 441 
VAL CG2 HG21 sing N N 442 
VAL CG2 HG22 sing N N 443 
VAL CG2 HG23 sing N N 444 
VAL OXT HXT  sing N N 445 
# 
_atom_sites.entry_id                    5Z1R 
_atom_sites.fract_transf_matrix[1][1]   0.01597246 
_atom_sites.fract_transf_matrix[1][2]   -0.01221235 
_atom_sites.fract_transf_matrix[1][3]   -0.01965034 
_atom_sites.fract_transf_matrix[2][1]   -0.00021584 
_atom_sites.fract_transf_matrix[2][2]   -0.01807135 
_atom_sites.fract_transf_matrix[2][3]   0.01105559 
_atom_sites.fract_transf_matrix[3][1]   -0.01048260 
_atom_sites.fract_transf_matrix[3][2]   -0.00368603 
_atom_sites.fract_transf_matrix[3][3]   -0.00622980 
_atom_sites.fract_transf_vector[1]      0.343967 
_atom_sites.fract_transf_vector[2]      0.008435 
_atom_sites.fract_transf_vector[3]      0.105961 
# 
loop_
_atom_type.symbol 
BR 
C  
N  
O  
S  
# 
loop_
_atom_site.group_PDB 
_atom_site.id 
_atom_site.type_symbol 
_atom_site.label_atom_id 
_atom_site.label_alt_id 
_atom_site.label_comp_id 
_atom_site.label_asym_id 
_atom_site.label_entity_id 
_atom_site.label_seq_id 
_atom_site.pdbx_PDB_ins_code 
_atom_site.Cartn_x 
_atom_site.Cartn_y 
_atom_site.Cartn_z 
_atom_site.occupancy 
_atom_site.B_iso_or_equiv 
_atom_site.pdbx_formal_charge 
_atom_site.auth_seq_id 
_atom_site.auth_comp_id 
_atom_site.auth_asym_id 
_atom_site.auth_atom_id 
_atom_site.pdbx_PDB_model_num 
ATOM   1    N  N   . HIS A 1 6   ? 7.848   27.916  -32.297 1.00 33.38 ? 33  HIS A N   1 
ATOM   2    C  CA  . HIS A 1 6   ? 8.741   28.789  -31.486 1.00 32.30 ? 33  HIS A CA  1 
ATOM   3    C  C   . HIS A 1 6   ? 8.111   29.122  -30.116 1.00 27.40 ? 33  HIS A C   1 
ATOM   4    O  O   . HIS A 1 6   ? 8.777   29.040  -29.086 1.00 26.93 ? 33  HIS A O   1 
ATOM   5    C  CB  . HIS A 1 6   ? 9.089   30.080  -32.258 1.00 38.28 ? 33  HIS A CB  1 
ATOM   6    C  CG  . HIS A 1 6   ? 10.446  30.627  -31.936 1.00 43.59 ? 33  HIS A CG  1 
ATOM   7    N  ND1 . HIS A 1 6   ? 11.444  30.744  -32.879 1.00 48.41 ? 33  HIS A ND1 1 
ATOM   8    C  CD2 . HIS A 1 6   ? 10.979  31.072  -30.771 1.00 47.89 ? 33  HIS A CD2 1 
ATOM   9    C  CE1 . HIS A 1 6   ? 12.531  31.239  -32.314 1.00 48.07 ? 33  HIS A CE1 1 
ATOM   10   N  NE2 . HIS A 1 6   ? 12.277  31.447  -31.036 1.00 47.96 ? 33  HIS A NE2 1 
ATOM   11   N  N   . HIS A 1 7   ? 6.818   29.466  -30.112 1.00 25.24 ? 34  HIS A N   1 
ATOM   12   C  CA  . HIS A 1 7   ? 6.121   29.940  -28.887 1.00 23.14 ? 34  HIS A CA  1 
ATOM   13   C  C   . HIS A 1 7   ? 5.452   28.855  -28.015 1.00 23.98 ? 34  HIS A C   1 
ATOM   14   O  O   . HIS A 1 7   ? 4.849   29.184  -26.976 1.00 20.54 ? 34  HIS A O   1 
ATOM   15   C  CB  . HIS A 1 7   ? 5.076   31.005  -29.230 1.00 24.68 ? 34  HIS A CB  1 
ATOM   16   C  CG  . HIS A 1 7   ? 5.654   32.201  -29.916 1.00 26.37 ? 34  HIS A CG  1 
ATOM   17   N  ND1 . HIS A 1 7   ? 6.864   32.752  -29.549 1.00 26.54 ? 34  HIS A ND1 1 
ATOM   18   C  CD2 . HIS A 1 7   ? 5.184   32.960  -30.936 1.00 26.06 ? 34  HIS A CD2 1 
ATOM   19   C  CE1 . HIS A 1 7   ? 7.142   33.774  -30.342 1.00 27.57 ? 34  HIS A CE1 1 
ATOM   20   N  NE2 . HIS A 1 7   ? 6.128   33.931  -31.179 1.00 30.17 ? 34  HIS A NE2 1 
ATOM   21   N  N   . HIS A 1 8   ? 5.567   27.588  -28.416 1.00 23.29 ? 35  HIS A N   1 
ATOM   22   C  CA  . HIS A 1 8   ? 5.141   26.476  -27.573 1.00 25.34 ? 35  HIS A CA  1 
ATOM   23   C  C   . HIS A 1 8   ? 6.342   26.073  -26.732 1.00 23.50 ? 35  HIS A C   1 
ATOM   24   O  O   . HIS A 1 8   ? 7.387   25.698  -27.287 1.00 22.03 ? 35  HIS A O   1 
ATOM   25   C  CB  . HIS A 1 8   ? 4.688   25.270  -28.385 1.00 27.71 ? 35  HIS A CB  1 
ATOM   26   C  CG  . HIS A 1 8   ? 4.215   24.142  -27.523 1.00 33.02 ? 35  HIS A CG  1 
ATOM   27   N  ND1 . HIS A 1 8   ? 4.896   22.948  -27.403 1.00 39.44 ? 35  HIS A ND1 1 
ATOM   28   C  CD2 . HIS A 1 8   ? 3.156   24.053  -26.687 1.00 37.23 ? 35  HIS A CD2 1 
ATOM   29   C  CE1 . HIS A 1 8   ? 4.248   22.158  -26.563 1.00 39.45 ? 35  HIS A CE1 1 
ATOM   30   N  NE2 . HIS A 1 8   ? 3.188   22.805  -26.115 1.00 38.15 ? 35  HIS A NE2 1 
ATOM   31   N  N   . HIS A 1 9   ? 6.215   26.228  -25.416 1.00 21.14 ? 36  HIS A N   1 
ATOM   32   C  CA  . HIS A 1 9   ? 7.317   25.995  -24.476 1.00 20.13 ? 36  HIS A CA  1 
ATOM   33   C  C   . HIS A 1 9   ? 7.092   24.737  -23.636 1.00 21.56 ? 36  HIS A C   1 
ATOM   34   O  O   . HIS A 1 9   ? 7.820   24.518  -22.662 1.00 20.25 ? 36  HIS A O   1 
ATOM   35   C  CB  . HIS A 1 9   ? 7.505   27.217  -23.542 1.00 21.52 ? 36  HIS A CB  1 
ATOM   36   C  CG  . HIS A 1 9   ? 8.053   28.445  -24.212 1.00 22.69 ? 36  HIS A CG  1 
ATOM   37   N  ND1 . HIS A 1 9   ? 8.205   28.576  -25.577 1.00 23.25 ? 36  HIS A ND1 1 
ATOM   38   C  CD2 . HIS A 1 9   ? 8.456   29.622  -23.678 1.00 21.82 ? 36  HIS A CD2 1 
ATOM   39   C  CE1 . HIS A 1 9   ? 8.709   29.764  -25.852 1.00 23.02 ? 36  HIS A CE1 1 
ATOM   40   N  NE2 . HIS A 1 9   ? 8.841   30.430  -24.720 1.00 24.34 ? 36  HIS A NE2 1 
ATOM   41   N  N   . HIS A 1 10  ? 6.101   23.921  -24.019 1.00 19.44 ? 37  HIS A N   1 
ATOM   42   C  CA  . HIS A 1 10  ? 5.807   22.627  -23.352 1.00 19.98 ? 37  HIS A CA  1 
ATOM   43   C  C   . HIS A 1 10  ? 5.521   22.749  -21.868 1.00 19.02 ? 37  HIS A C   1 
ATOM   44   O  O   . HIS A 1 10  ? 5.911   21.889  -21.059 1.00 19.35 ? 37  HIS A O   1 
ATOM   45   C  CB  . HIS A 1 10  ? 6.953   21.614  -23.575 1.00 21.89 ? 37  HIS A CB  1 
ATOM   46   C  CG  . HIS A 1 10  ? 7.363   21.500  -25.005 1.00 25.91 ? 37  HIS A CG  1 
ATOM   47   N  ND1 . HIS A 1 10  ? 6.913   20.497  -25.831 1.00 29.41 ? 37  HIS A ND1 1 
ATOM   48   C  CD2 . HIS A 1 10  ? 8.165   22.285  -25.765 1.00 28.91 ? 37  HIS A CD2 1 
ATOM   49   C  CE1 . HIS A 1 10  ? 7.427   20.661  -27.037 1.00 30.21 ? 37  HIS A CE1 1 
ATOM   50   N  NE2 . HIS A 1 10  ? 8.187   21.743  -27.024 1.00 31.20 ? 37  HIS A NE2 1 
ATOM   51   N  N   . LEU A 1 11  ? 4.828   23.823  -21.513 1.00 17.76 ? 38  LEU A N   1 
ATOM   52   C  CA  . LEU A 1 11  ? 4.400   24.030  -20.133 1.00 17.04 ? 38  LEU A CA  1 
ATOM   53   C  C   . LEU A 1 11  ? 3.092   23.308  -19.827 1.00 16.87 ? 38  LEU A C   1 
ATOM   54   O  O   . LEU A 1 11  ? 2.724   23.168  -18.660 1.00 16.50 ? 38  LEU A O   1 
ATOM   55   C  CB  . LEU A 1 11  ? 4.264   25.528  -19.854 1.00 15.99 ? 38  LEU A CB  1 
ATOM   56   C  CG  . LEU A 1 11  ? 5.559   26.335  -20.005 1.00 16.23 ? 38  LEU A CG  1 
ATOM   57   C  CD1 . LEU A 1 11  ? 5.237   27.802  -19.910 1.00 16.48 ? 38  LEU A CD1 1 
ATOM   58   C  CD2 . LEU A 1 11  ? 6.578   25.938  -18.968 1.00 16.90 ? 38  LEU A CD2 1 
ATOM   59   N  N   . VAL A 1 12  ? 2.398   22.867  -20.883 1.00 17.02 ? 39  VAL A N   1 
ATOM   60   C  CA  . VAL A 1 12  ? 1.266   21.936  -20.774 1.00 17.35 ? 39  VAL A CA  1 
ATOM   61   C  C   . VAL A 1 12  ? 1.352   20.934  -21.941 1.00 18.00 ? 39  VAL A C   1 
ATOM   62   O  O   . VAL A 1 12  ? 2.030   21.221  -22.953 1.00 19.58 ? 39  VAL A O   1 
ATOM   63   C  CB  . VAL A 1 12  ? -0.099  22.657  -20.820 1.00 17.91 ? 39  VAL A CB  1 
ATOM   64   C  CG1 . VAL A 1 12  ? -0.417  23.306  -19.479 1.00 17.26 ? 39  VAL A CG1 1 
ATOM   65   C  CG2 . VAL A 1 12  ? -0.150  23.685  -21.954 1.00 17.79 ? 39  VAL A CG2 1 
ATOM   66   N  N   . PRO A 1 13  ? 0.728   19.755  -21.825 1.00 17.05 ? 40  PRO A N   1 
ATOM   67   C  CA  . PRO A 1 13  ? 0.026   19.222  -20.642 1.00 17.89 ? 40  PRO A CA  1 
ATOM   68   C  C   . PRO A 1 13  ? 0.961   18.886  -19.477 1.00 18.47 ? 40  PRO A C   1 
ATOM   69   O  O   . PRO A 1 13  ? 2.196   18.847  -19.629 1.00 18.27 ? 40  PRO A O   1 
ATOM   70   C  CB  . PRO A 1 13  ? -0.606  17.942  -21.176 1.00 17.83 ? 40  PRO A CB  1 
ATOM   71   C  CG  . PRO A 1 13  ? 0.327   17.511  -22.250 1.00 18.47 ? 40  PRO A CG  1 
ATOM   72   C  CD  . PRO A 1 13  ? 0.866   18.760  -22.895 1.00 18.32 ? 40  PRO A CD  1 
ATOM   73   N  N   . ARG A 1 14  ? 0.351   18.675  -18.316 1.00 18.85 ? 41  ARG A N   1 
ATOM   74   C  CA  . ARG A 1 14  ? 1.059   18.489  -17.050 1.00 19.19 ? 41  ARG A CA  1 
ATOM   75   C  C   . ARG A 1 14  ? 1.074   17.009  -16.696 1.00 18.57 ? 41  ARG A C   1 
ATOM   76   O  O   . ARG A 1 14  ? 0.429   16.169  -17.354 1.00 19.09 ? 41  ARG A O   1 
ATOM   77   C  CB  . ARG A 1 14  ? 0.377   19.291  -15.915 1.00 20.88 ? 41  ARG A CB  1 
ATOM   78   C  CG  . ARG A 1 14  ? 0.075   20.774  -16.203 1.00 21.16 ? 41  ARG A CG  1 
ATOM   79   C  CD  . ARG A 1 14  ? 1.322   21.630  -16.359 1.00 20.91 ? 41  ARG A CD  1 
ATOM   80   N  NE  . ARG A 1 14  ? 2.143   21.669  -15.155 1.00 19.63 ? 41  ARG A NE  1 
ATOM   81   C  CZ  . ARG A 1 14  ? 3.343   22.262  -15.066 1.00 18.93 ? 41  ARG A CZ  1 
ATOM   82   N  NH1 . ARG A 1 14  ? 4.024   22.216  -13.920 1.00 17.68 ? 41  ARG A NH1 1 
ATOM   83   N  NH2 . ARG A 1 14  ? 3.857   22.919  -16.096 1.00 17.82 ? 41  ARG A NH2 1 
ATOM   84   N  N   . GLY A 1 15  ? 1.841   16.694  -15.658 1.00 18.14 ? 42  GLY A N   1 
ATOM   85   C  CA  . GLY A 1 15  ? 1.814   15.366  -15.035 1.00 19.26 ? 42  GLY A CA  1 
ATOM   86   C  C   . GLY A 1 15  ? 0.552   15.148  -14.215 1.00 19.62 ? 42  GLY A C   1 
ATOM   87   O  O   . GLY A 1 15  ? -0.324  16.041  -14.111 1.00 20.77 ? 42  GLY A O   1 
ATOM   88   N  N   . SER A 1 16  ? 0.469   13.966  -13.608 1.00 17.17 ? 43  SER A N   1 
ATOM   89   C  CA  . SER A 1 16  ? -0.685  13.616  -12.830 1.00 17.12 ? 43  SER A CA  1 
ATOM   90   C  C   . SER A 1 16  ? -0.332  12.362  -12.072 1.00 14.79 ? 43  SER A C   1 
ATOM   91   O  O   . SER A 1 16  ? 0.700   11.716  -12.318 1.00 15.35 ? 43  SER A O   1 
ATOM   92   C  CB  . SER A 1 16  ? -1.899  13.346  -13.728 1.00 17.29 ? 43  SER A CB  1 
ATOM   93   O  OG  . SER A 1 16  ? -1.560  12.473  -14.809 1.00 20.11 ? 43  SER A OG  1 
ATOM   94   N  N   . ASN A 1 17  ? -1.181  12.048  -11.131 1.00 13.96 ? 44  ASN A N   1 
ATOM   95   C  CA  . ASN A 1 17  ? -1.138  10.744  -10.497 1.00 13.23 ? 44  ASN A CA  1 
ATOM   96   C  C   . ASN A 1 17  ? -1.950  9.776   -11.345 1.00 12.62 ? 44  ASN A C   1 
ATOM   97   O  O   . ASN A 1 17  ? -2.928  10.170  -11.980 1.00 13.12 ? 44  ASN A O   1 
ATOM   98   C  CB  . ASN A 1 17  ? -1.712  10.821  -9.105  1.00 13.43 ? 44  ASN A CB  1 
ATOM   99   C  CG  . ASN A 1 17  ? -0.846  11.657  -8.176  1.00 13.90 ? 44  ASN A CG  1 
ATOM   100  O  OD1 . ASN A 1 17  ? 0.360   11.482  -8.122  1.00 13.99 ? 44  ASN A OD1 1 
ATOM   101  N  ND2 . ASN A 1 17  ? -1.464  12.551  -7.455  1.00 15.23 ? 44  ASN A ND2 1 
ATOM   102  N  N   . PRO A 1 18  ? -1.594  8.510   -11.334 1.00 11.56 ? 45  PRO A N   1 
ATOM   103  C  CA  . PRO A 1 18  ? -2.428  7.518   -12.011 1.00 11.47 ? 45  PRO A CA  1 
ATOM   104  C  C   . PRO A 1 18  ? -3.689  7.228   -11.221 1.00 12.43 ? 45  PRO A C   1 
ATOM   105  O  O   . PRO A 1 18  ? -3.798  7.587   -10.066 1.00 11.61 ? 45  PRO A O   1 
ATOM   106  C  CB  . PRO A 1 18  ? -1.514  6.278   -12.063 1.00 11.94 ? 45  PRO A CB  1 
ATOM   107  C  CG  . PRO A 1 18  ? -0.703  6.420   -10.808 1.00 12.12 ? 45  PRO A CG  1 
ATOM   108  C  CD  . PRO A 1 18  ? -0.497  7.874   -10.594 1.00 11.98 ? 45  PRO A CD  1 
ATOM   109  N  N   . PRO A 1 19  ? -4.676  6.617   -11.880 1.00 13.04 ? 46  PRO A N   1 
ATOM   110  C  CA  . PRO A 1 19  ? -5.817  6.147   -11.104 1.00 14.60 ? 46  PRO A CA  1 
ATOM   111  C  C   . PRO A 1 19  ? -5.351  5.193   -10.025 1.00 13.90 ? 46  PRO A C   1 
ATOM   112  O  O   . PRO A 1 19  ? -4.433  4.381   -10.282 1.00 15.45 ? 46  PRO A O   1 
ATOM   113  C  CB  . PRO A 1 19  ? -6.699  5.408   -12.113 1.00 15.61 ? 46  PRO A CB  1 
ATOM   114  C  CG  . PRO A 1 19  ? -5.935  5.360   -13.388 1.00 16.29 ? 46  PRO A CG  1 
ATOM   115  C  CD  . PRO A 1 19  ? -4.699  6.206   -13.287 1.00 14.54 ? 46  PRO A CD  1 
ATOM   116  N  N   . PRO A 1 20  ? -5.933  5.298   -8.826  1.00 13.31 ? 47  PRO A N   1 
ATOM   117  C  CA  . PRO A 1 20  ? -5.536  4.399   -7.771  1.00 13.40 ? 47  PRO A CA  1 
ATOM   118  C  C   . PRO A 1 20  ? -6.028  2.981   -7.993  1.00 13.23 ? 47  PRO A C   1 
ATOM   119  O  O   . PRO A 1 20  ? -6.917  2.738   -8.845  1.00 14.00 ? 47  PRO A O   1 
ATOM   120  C  CB  . PRO A 1 20  ? -6.184  5.002   -6.536  1.00 14.10 ? 47  PRO A CB  1 
ATOM   121  C  CG  . PRO A 1 20  ? -7.387  5.671   -7.035  1.00 14.69 ? 47  PRO A CG  1 
ATOM   122  C  CD  . PRO A 1 20  ? -7.120  6.061   -8.458  1.00 14.43 ? 47  PRO A CD  1 
ATOM   123  N  N   . PRO A 1 21  ? -5.455  2.023   -7.251  1.00 12.26 ? 48  PRO A N   1 
ATOM   124  C  CA  . PRO A 1 21  ? -5.911  0.644   -7.346  1.00 12.69 ? 48  PRO A CA  1 
ATOM   125  C  C   . PRO A 1 21  ? -7.405  0.489   -7.006  1.00 12.77 ? 48  PRO A C   1 
ATOM   126  O  O   . PRO A 1 21  ? -7.934  1.182   -6.113  1.00 12.92 ? 48  PRO A O   1 
ATOM   127  C  CB  . PRO A 1 21  ? -5.004  -0.099  -6.351  1.00 13.85 ? 48  PRO A CB  1 
ATOM   128  C  CG  . PRO A 1 21  ? -3.848  0.789   -6.179  1.00 13.43 ? 48  PRO A CG  1 
ATOM   129  C  CD  . PRO A 1 21  ? -4.381  2.150   -6.251  1.00 13.08 ? 48  PRO A CD  1 
ATOM   130  N  N   . GLU A 1 22  ? -8.085  -0.435  -7.695  1.00 13.28 ? 49  GLU A N   1 
ATOM   131  C  CA  . GLU A 1 22  ? -9.476  -0.697  -7.367  1.00 14.90 ? 49  GLU A CA  1 
ATOM   132  C  C   . GLU A 1 22  ? -9.647  -1.231  -5.948  1.00 13.19 ? 49  GLU A C   1 
ATOM   133  O  O   . GLU A 1 22  ? -8.782  -1.949  -5.415  1.00 11.69 ? 49  GLU A O   1 
ATOM   134  C  CB  . GLU A 1 22  ? -10.109 -1.671  -8.361  1.00 17.56 ? 49  GLU A CB  1 
ATOM   135  C  CG  . GLU A 1 22  ? -9.606  -3.106  -8.250  1.00 22.49 ? 49  GLU A CG  1 
ATOM   136  C  CD  . GLU A 1 22  ? -10.219 -4.037  -9.267  1.00 25.12 ? 49  GLU A CD  1 
ATOM   137  O  OE1 . GLU A 1 22  ? -10.781 -3.468  -10.215 1.00 29.73 ? 49  GLU A OE1 1 
ATOM   138  O  OE2 . GLU A 1 22  ? -10.132 -5.310  -9.145  1.00 25.71 ? 49  GLU A OE2 1 
ATOM   139  N  N   . THR A 1 23  ? -10.787 -0.893  -5.360  1.00 12.55 ? 50  THR A N   1 
ATOM   140  C  CA  . THR A 1 23  ? -11.177 -1.398  -4.040  1.00 13.18 ? 50  THR A CA  1 
ATOM   141  C  C   . THR A 1 23  ? -12.507 -2.144  -4.040  1.00 13.60 ? 50  THR A C   1 
ATOM   142  O  O   . THR A 1 23  ? -12.900 -2.672  -3.008  1.00 14.69 ? 50  THR A O   1 
ATOM   143  C  CB  . THR A 1 23  ? -11.220 -0.302  -3.022  1.00 13.51 ? 50  THR A CB  1 
ATOM   144  O  OG1 . THR A 1 23  ? -12.176 0.674   -3.449  1.00 16.03 ? 50  THR A OG1 1 
ATOM   145  C  CG2 . THR A 1 23  ? -9.833  0.305   -2.895  1.00 14.15 ? 50  THR A CG2 1 
ATOM   146  N  N   . SER A 1 24  ? -13.114 -2.195  -5.210  1.00 14.49 ? 51  SER A N   1 
ATOM   147  C  CA  . SER A 1 24  ? -14.347 -2.910  -5.495  1.00 16.40 ? 51  SER A CA  1 
ATOM   148  C  C   . SER A 1 24  ? -14.211 -3.534  -6.843  1.00 15.01 ? 51  SER A C   1 
ATOM   149  O  O   . SER A 1 24  ? -13.571 -2.997  -7.721  1.00 16.25 ? 51  SER A O   1 
ATOM   150  C  CB  . SER A 1 24  ? -15.521 -1.917  -5.553  1.00 19.00 ? 51  SER A CB  1 
ATOM   151  O  OG  . SER A 1 24  ? -15.879 -1.655  -4.229  1.00 24.78 ? 51  SER A OG  1 
ATOM   152  N  N   . ASN A 1 25  ? -14.857 -4.657  -7.034  1.00 12.74 ? 52  ASN A N   1 
ATOM   153  C  CA  . ASN A 1 25  ? -14.931 -5.318  -8.316  1.00 12.78 ? 52  ASN A CA  1 
ATOM   154  C  C   . ASN A 1 25  ? -16.024 -6.381  -8.173  1.00 12.70 ? 52  ASN A C   1 
ATOM   155  O  O   . ASN A 1 25  ? -15.756 -7.474  -7.644  1.00 12.11 ? 52  ASN A O   1 
ATOM   156  C  CB  . ASN A 1 25  ? -13.592 -5.973  -8.709  1.00 13.53 ? 52  ASN A CB  1 
ATOM   157  C  CG  . ASN A 1 25  ? -13.670 -6.723  -10.041 1.00 14.05 ? 52  ASN A CG  1 
ATOM   158  O  OD1 . ASN A 1 25  ? -14.760 -7.046  -10.549 1.00 15.83 ? 52  ASN A OD1 1 
ATOM   159  N  ND2 . ASN A 1 25  ? -12.503 -7.011  -10.620 1.00 15.77 ? 52  ASN A ND2 1 
ATOM   160  N  N   . PRO A 1 26  ? -17.246 -6.091  -8.658  1.00 12.78 ? 53  PRO A N   1 
ATOM   161  C  CA  . PRO A 1 26  ? -18.312 -7.070  -8.384  1.00 12.95 ? 53  PRO A CA  1 
ATOM   162  C  C   . PRO A 1 26  ? -18.072 -8.482  -8.907  1.00 12.50 ? 53  PRO A C   1 
ATOM   163  O  O   . PRO A 1 26  ? -18.528 -9.431  -8.257  1.00 14.14 ? 53  PRO A O   1 
ATOM   164  C  CB  . PRO A 1 26  ? -19.541 -6.434  -9.071  1.00 12.75 ? 53  PRO A CB  1 
ATOM   165  C  CG  . PRO A 1 26  ? -19.270 -4.993  -8.995  1.00 13.44 ? 53  PRO A CG  1 
ATOM   166  C  CD  . PRO A 1 26  ? -17.803 -4.839  -9.213  1.00 13.92 ? 53  PRO A CD  1 
ATOM   167  N  N   . ASN A 1 27  ? -17.383 -8.656  -10.037 1.00 11.94 ? 54  ASN A N   1 
ATOM   168  C  CA  . ASN A 1 27  ? -17.105 -9.963  -10.579 1.00 12.01 ? 54  ASN A CA  1 
ATOM   169  C  C   . ASN A 1 27  ? -15.883 -10.694 -9.997  1.00 12.57 ? 54  ASN A C   1 
ATOM   170  O  O   . ASN A 1 27  ? -15.604 -11.869 -10.369 1.00 13.47 ? 54  ASN A O   1 
ATOM   171  C  CB  . ASN A 1 27  ? -16.975 -9.848  -12.098 1.00 12.37 ? 54  ASN A CB  1 
ATOM   172  C  CG  . ASN A 1 27  ? -18.319 -9.644  -12.777 1.00 12.82 ? 54  ASN A CG  1 
ATOM   173  O  OD1 . ASN A 1 27  ? -18.434 -8.893  -13.776 1.00 15.68 ? 54  ASN A OD1 1 
ATOM   174  N  ND2 . ASN A 1 27  ? -19.289 -10.382 -12.327 1.00 12.61 ? 54  ASN A ND2 1 
ATOM   175  N  N   . LYS A 1 28  ? -15.164 -10.049 -9.078  1.00 12.03 ? 55  LYS A N   1 
ATOM   176  C  CA  . LYS A 1 28  ? -14.016 -10.707 -8.473  1.00 12.43 ? 55  LYS A CA  1 
ATOM   177  C  C   . LYS A 1 28  ? -14.522 -11.677 -7.426  1.00 13.32 ? 55  LYS A C   1 
ATOM   178  O  O   . LYS A 1 28  ? -15.416 -11.320 -6.661  1.00 12.20 ? 55  LYS A O   1 
ATOM   179  C  CB  . LYS A 1 28  ? -13.078 -9.724  -7.832  1.00 12.31 ? 55  LYS A CB  1 
ATOM   180  C  CG  . LYS A 1 28  ? -11.823 -10.413 -7.276  1.00 12.15 ? 55  LYS A CG  1 
ATOM   181  C  CD  . LYS A 1 28  ? -10.940 -9.451  -6.491  1.00 12.63 ? 55  LYS A CD  1 
ATOM   182  C  CE  . LYS A 1 28  ? -9.801  -10.084 -5.675  1.00 12.27 ? 55  LYS A CE  1 
ATOM   183  N  NZ  . LYS A 1 28  ? -10.256 -11.177 -4.820  1.00 13.46 ? 55  LYS A NZ  1 
ATOM   184  N  N   . PRO A 1 29  ? -13.930 -12.896 -7.363  1.00 13.13 ? 56  PRO A N   1 
ATOM   185  C  CA  . PRO A 1 29  ? -14.345 -13.820 -6.295  1.00 13.76 ? 56  PRO A CA  1 
ATOM   186  C  C   . PRO A 1 29  ? -13.876 -13.300 -4.968  1.00 13.04 ? 56  PRO A C   1 
ATOM   187  O  O   . PRO A 1 29  ? -12.755 -12.842 -4.870  1.00 13.67 ? 56  PRO A O   1 
ATOM   188  C  CB  . PRO A 1 29  ? -13.626 -15.132 -6.631  1.00 14.31 ? 56  PRO A CB  1 
ATOM   189  C  CG  . PRO A 1 29  ? -13.068 -14.962 -7.980  1.00 15.12 ? 56  PRO A CG  1 
ATOM   190  C  CD  . PRO A 1 29  ? -13.170 -13.555 -8.440  1.00 13.81 ? 56  PRO A CD  1 
ATOM   191  N  N   . LYS A 1 30  ? -14.734 -13.415 -3.964  1.00 13.25 ? 57  LYS A N   1 
ATOM   192  C  CA  . LYS A 1 30  ? -14.447 -12.896 -2.620  1.00 14.22 ? 57  LYS A CA  1 
ATOM   193  C  C   . LYS A 1 30  ? -15.026 -13.779 -1.522  1.00 15.09 ? 57  LYS A C   1 
ATOM   194  O  O   . LYS A 1 30  ? -15.981 -14.514 -1.739  1.00 14.63 ? 57  LYS A O   1 
ATOM   195  C  CB  . LYS A 1 30  ? -14.815 -11.418 -2.493  1.00 16.94 ? 57  LYS A CB  1 
ATOM   196  C  CG  . LYS A 1 30  ? -16.181 -10.971 -2.895  1.00 19.42 ? 57  LYS A CG  1 
ATOM   197  C  CD  . LYS A 1 30  ? -16.346 -9.450  -2.971  1.00 18.68 ? 57  LYS A CD  1 
ATOM   198  C  CE  . LYS A 1 30  ? -15.798 -8.777  -4.210  1.00 19.31 ? 57  LYS A CE  1 
ATOM   199  N  NZ  . LYS A 1 30  ? -16.653 -8.988  -5.426  1.00 19.00 ? 57  LYS A NZ  1 
ATOM   200  N  N   . ARG A 1 31  ? -14.365 -13.779 -0.373  1.00 16.32 ? 58  ARG A N   1 
ATOM   201  C  CA  . ARG A 1 31  ? -14.781 -14.566 0.799   1.00 18.40 ? 58  ARG A CA  1 
ATOM   202  C  C   . ARG A 1 31  ? -14.466 -13.808 2.051   1.00 22.85 ? 58  ARG A C   1 
ATOM   203  O  O   . ARG A 1 31  ? -13.603 -12.916 2.059   1.00 22.11 ? 58  ARG A O   1 
ATOM   204  C  CB  . ARG A 1 31  ? -14.035 -15.886 0.890   1.00 19.26 ? 58  ARG A CB  1 
ATOM   205  C  CG  . ARG A 1 31  ? -14.456 -16.847 -0.172  1.00 20.47 ? 58  ARG A CG  1 
ATOM   206  C  CD  . ARG A 1 31  ? -13.850 -18.227 -0.059  1.00 20.51 ? 58  ARG A CD  1 
ATOM   207  N  NE  . ARG A 1 31  ? -12.472 -18.162 0.298   1.00 22.06 ? 58  ARG A NE  1 
ATOM   208  C  CZ  . ARG A 1 31  ? -11.661 -19.195 0.466   1.00 24.04 ? 58  ARG A CZ  1 
ATOM   209  N  NH1 . ARG A 1 31  ? -12.048 -20.448 0.213   1.00 25.62 ? 58  ARG A NH1 1 
ATOM   210  N  NH2 . ARG A 1 31  ? -10.416 -18.942 0.862   1.00 24.74 ? 58  ARG A NH2 1 
ATOM   211  N  N   . GLN A 1 32  ? -15.171 -14.182 3.106   1.00 22.93 ? 59  GLN A N   1 
ATOM   212  C  CA  . GLN A 1 32  ? -14.818 -13.782 4.450   1.00 26.31 ? 59  GLN A CA  1 
ATOM   213  C  C   . GLN A 1 32  ? -14.187 -15.026 5.079   1.00 26.28 ? 59  GLN A C   1 
ATOM   214  O  O   . GLN A 1 32  ? -14.730 -16.129 4.959   1.00 28.35 ? 59  GLN A O   1 
ATOM   215  C  CB  . GLN A 1 32  ? -16.073 -13.281 5.154   1.00 28.95 ? 59  GLN A CB  1 
ATOM   216  C  CG  . GLN A 1 32  ? -16.644 -12.046 4.469   1.00 32.26 ? 59  GLN A CG  1 
ATOM   217  C  CD  . GLN A 1 32  ? -17.884 -11.484 5.137   1.00 36.79 ? 59  GLN A CD  1 
ATOM   218  O  OE1 . GLN A 1 32  ? -18.888 -11.203 4.473   1.00 42.62 ? 59  GLN A OE1 1 
ATOM   219  N  NE2 . GLN A 1 32  ? -17.828 -11.309 6.450   1.00 41.29 ? 59  GLN A NE2 1 
ATOM   220  N  N   . THR A 1 33  ? -12.985 -14.894 5.623   1.00 23.62 ? 60  THR A N   1 
ATOM   221  C  CA  . THR A 1 33  ? -12.272 -15.992 6.287   1.00 22.35 ? 60  THR A CA  1 
ATOM   222  C  C   . THR A 1 33  ? -11.761 -15.494 7.629   1.00 23.91 ? 60  THR A C   1 
ATOM   223  O  O   . THR A 1 33  ? -11.615 -14.281 7.825   1.00 22.75 ? 60  THR A O   1 
ATOM   224  C  CB  . THR A 1 33  ? -11.088 -16.551 5.477   1.00 24.63 ? 60  THR A CB  1 
ATOM   225  O  OG1 . THR A 1 33  ? -9.974  -15.648 5.515   1.00 22.51 ? 60  THR A OG1 1 
ATOM   226  C  CG2 . THR A 1 33  ? -11.474 -16.801 4.029   1.00 23.10 ? 60  THR A CG2 1 
ATOM   227  N  N   . ASN A 1 34  ? -11.460 -16.410 8.548   1.00 25.14 ? 61  ASN A N   1 
ATOM   228  C  CA  . ASN A 1 34  ? -10.969 -15.955 9.857   1.00 25.69 ? 61  ASN A CA  1 
ATOM   229  C  C   . ASN A 1 34  ? -9.601  -15.268 9.735   1.00 23.52 ? 61  ASN A C   1 
ATOM   230  O  O   . ASN A 1 34  ? -9.355  -14.314 10.469  1.00 23.53 ? 61  ASN A O   1 
ATOM   231  C  CB  . ASN A 1 34  ? -10.978 -17.059 10.917  1.00 30.27 ? 61  ASN A CB  1 
ATOM   232  C  CG  . ASN A 1 34  ? -10.079 -18.211 10.556  1.00 33.61 ? 61  ASN A CG  1 
ATOM   233  O  OD1 . ASN A 1 34  ? -10.052 -18.628 9.407   1.00 40.03 ? 61  ASN A OD1 1 
ATOM   234  N  ND2 . ASN A 1 34  ? -9.310  -18.713 11.526  1.00 37.13 ? 61  ASN A ND2 1 
ATOM   235  N  N   . GLN A 1 35  ? -8.744  -15.731 8.812   1.00 22.53 ? 62  GLN A N   1 
ATOM   236  C  CA  . GLN A 1 35  ? -7.455  -15.079 8.529   1.00 20.18 ? 62  GLN A CA  1 
ATOM   237  C  C   . GLN A 1 35  ? -7.646  -13.640 7.986   1.00 20.01 ? 62  GLN A C   1 
ATOM   238  O  O   . GLN A 1 35  ? -6.992  -12.690 8.454   1.00 18.03 ? 62  GLN A O   1 
ATOM   239  C  CB  . GLN A 1 35  ? -6.579  -15.940 7.592   1.00 21.61 ? 62  GLN A CB  1 
ATOM   240  C  CG  . GLN A 1 35  ? -6.122  -17.279 8.206   1.00 21.69 ? 62  GLN A CG  1 
ATOM   241  C  CD  . GLN A 1 35  ? -5.204  -18.104 7.289   1.00 22.89 ? 62  GLN A CD  1 
ATOM   242  O  OE1 . GLN A 1 35  ? -5.239  -17.969 6.072   1.00 23.90 ? 62  GLN A OE1 1 
ATOM   243  N  NE2 . GLN A 1 35  ? -4.393  -18.966 7.880   1.00 23.36 ? 62  GLN A NE2 1 
ATOM   244  N  N   . LEU A 1 36  ? -8.594  -13.442 7.077   1.00 19.02 ? 63  LEU A N   1 
ATOM   245  C  CA  . LEU A 1 36  ? -8.851  -12.088 6.570   1.00 17.91 ? 63  LEU A CA  1 
ATOM   246  C  C   . LEU A 1 36  ? -9.451  -11.167 7.646   1.00 19.27 ? 63  LEU A C   1 
ATOM   247  O  O   . LEU A 1 36  ? -9.114  -9.998  7.726   1.00 17.08 ? 63  LEU A O   1 
ATOM   248  C  CB  . LEU A 1 36  ? -9.746  -12.132 5.319   1.00 17.60 ? 63  LEU A CB  1 
ATOM   249  C  CG  . LEU A 1 36  ? -9.067  -12.604 4.050   1.00 17.74 ? 63  LEU A CG  1 
ATOM   250  C  CD1 . LEU A 1 36  ? -10.179 -12.977 3.084   1.00 17.53 ? 63  LEU A CD1 1 
ATOM   251  C  CD2 . LEU A 1 36  ? -8.165  -11.511 3.470   1.00 16.57 ? 63  LEU A CD2 1 
ATOM   252  N  N   . GLN A 1 37  ? -10.312 -11.705 8.508   1.00 20.71 ? 64  GLN A N   1 
ATOM   253  C  CA  . GLN A 1 37  ? -10.810 -10.927 9.645   1.00 22.83 ? 64  GLN A CA  1 
ATOM   254  C  C   . GLN A 1 37  ? -9.674  -10.516 10.602  1.00 20.19 ? 64  GLN A C   1 
ATOM   255  O  O   . GLN A 1 37  ? -9.678  -9.370  11.086  1.00 21.70 ? 64  GLN A O   1 
ATOM   256  C  CB  . GLN A 1 37  ? -11.886 -11.710 10.402  1.00 25.19 ? 64  GLN A CB  1 
ATOM   257  C  CG  . GLN A 1 37  ? -13.180 -11.753 9.607   1.00 30.88 ? 64  GLN A CG  1 
ATOM   258  C  CD  . GLN A 1 37  ? -14.298 -12.478 10.334  1.00 36.76 ? 64  GLN A CD  1 
ATOM   259  O  OE1 . GLN A 1 37  ? -14.429 -12.372 11.559  1.00 44.00 ? 64  GLN A OE1 1 
ATOM   260  N  NE2 . GLN A 1 37  ? -15.132 -13.196 9.580   1.00 39.53 ? 64  GLN A NE2 1 
ATOM   261  N  N   . TYR A 1 38  ? -8.725  -11.417 10.856  1.00 19.79 ? 65  TYR A N   1 
ATOM   262  C  CA  . TYR A 1 38  ? -7.540  -11.118 11.679  1.00 19.07 ? 65  TYR A CA  1 
ATOM   263  C  C   . TYR A 1 38  ? -6.691  -10.053 10.980  1.00 18.91 ? 65  TYR A C   1 
ATOM   264  O  O   . TYR A 1 38  ? -6.148  -9.145  11.612  1.00 19.59 ? 65  TYR A O   1 
ATOM   265  C  CB  . TYR A 1 38  ? -6.712  -12.370 11.933  1.00 20.19 ? 65  TYR A CB  1 
ATOM   266  C  CG  . TYR A 1 38  ? -5.389  -12.199 12.681  1.00 20.61 ? 65  TYR A CG  1 
ATOM   267  C  CD1 . TYR A 1 38  ? -5.337  -12.316 14.070  1.00 22.39 ? 65  TYR A CD1 1 
ATOM   268  C  CD2 . TYR A 1 38  ? -4.185  -12.024 12.005  1.00 21.84 ? 65  TYR A CD2 1 
ATOM   269  C  CE1 . TYR A 1 38  ? -4.139  -12.216 14.763  1.00 22.88 ? 65  TYR A CE1 1 
ATOM   270  C  CE2 . TYR A 1 38  ? -2.967  -11.925 12.688  1.00 21.19 ? 65  TYR A CE2 1 
ATOM   271  C  CZ  . TYR A 1 38  ? -2.951  -12.031 14.080  1.00 22.41 ? 65  TYR A CZ  1 
ATOM   272  O  OH  . TYR A 1 38  ? -1.769  -11.955 14.785  1.00 23.83 ? 65  TYR A OH  1 
ATOM   273  N  N   . LEU A 1 39  ? -6.587  -10.165 9.667   1.00 16.15 ? 66  LEU A N   1 
ATOM   274  C  CA  . LEU A 1 39  ? -5.802  -9.171  8.907   1.00 16.28 ? 66  LEU A CA  1 
ATOM   275  C  C   . LEU A 1 39  ? -6.375  -7.774  9.043   1.00 16.34 ? 66  LEU A C   1 
ATOM   276  O  O   . LEU A 1 39  ? -5.623  -6.795  9.047   1.00 18.63 ? 66  LEU A O   1 
ATOM   277  C  CB  . LEU A 1 39  ? -5.652  -9.582  7.431   1.00 16.10 ? 66  LEU A CB  1 
ATOM   278  C  CG  . LEU A 1 39  ? -4.575  -10.663 7.179   1.00 16.21 ? 66  LEU A CG  1 
ATOM   279  C  CD1 . LEU A 1 39  ? -4.781  -11.395 5.847   1.00 16.55 ? 66  LEU A CD1 1 
ATOM   280  C  CD2 . LEU A 1 39  ? -3.152  -10.147 7.302   1.00 17.36 ? 66  LEU A CD2 1 
ATOM   281  N  N   . LEU A 1 40  ? -7.677  -7.652  9.148   1.00 15.63 ? 67  LEU A N   1 
ATOM   282  C  CA  . LEU A 1 40  ? -8.271  -6.344  9.303   1.00 16.54 ? 67  LEU A CA  1 
ATOM   283  C  C   . LEU A 1 40  ? -8.163  -5.907  10.748  1.00 19.34 ? 67  LEU A C   1 
ATOM   284  O  O   . LEU A 1 40  ? -7.667  -4.826  11.018  1.00 18.12 ? 67  LEU A O   1 
ATOM   285  C  CB  . LEU A 1 40  ? -9.715  -6.327  8.869   1.00 17.73 ? 67  LEU A CB  1 
ATOM   286  C  CG  . LEU A 1 40  ? -10.442 -4.989  9.011   1.00 17.41 ? 67  LEU A CG  1 
ATOM   287  C  CD1 . LEU A 1 40  ? -9.663  -3.830  8.372   1.00 17.86 ? 67  LEU A CD1 1 
ATOM   288  C  CD2 . LEU A 1 40  ? -11.866 -4.961  8.462   1.00 19.88 ? 67  LEU A CD2 1 
ATOM   289  N  N   . ARG A 1 41  ? -8.669  -6.737  11.662  1.00 19.88 ? 68  ARG A N   1 
ATOM   290  C  CA  . ARG A 1 41  ? -8.805  -6.340  13.087  1.00 23.56 ? 68  ARG A CA  1 
ATOM   291  C  C   . ARG A 1 41  ? -7.466  -6.202  13.798  1.00 22.99 ? 68  ARG A C   1 
ATOM   292  O  O   . ARG A 1 41  ? -7.322  -5.333  14.683  1.00 25.04 ? 68  ARG A O   1 
ATOM   293  C  CB  . ARG A 1 41  ? -9.681  -7.338  13.853  1.00 27.03 ? 68  ARG A CB  1 
ATOM   294  C  CG  . ARG A 1 41  ? -11.132 -7.422  13.408  1.00 34.49 ? 68  ARG A CG  1 
ATOM   295  C  CD  . ARG A 1 41  ? -11.898 -8.459  14.239  1.00 41.66 ? 68  ARG A CD  1 
ATOM   296  N  NE  . ARG A 1 41  ? -12.884 -9.213  13.453  1.00 47.68 ? 68  ARG A NE  1 
ATOM   297  C  CZ  . ARG A 1 41  ? -14.083 -8.761  13.066  1.00 53.52 ? 68  ARG A CZ  1 
ATOM   298  N  NH1 . ARG A 1 41  ? -14.501 -7.532  13.375  1.00 57.72 ? 68  ARG A NH1 1 
ATOM   299  N  NH2 . ARG A 1 41  ? -14.883 -9.554  12.355  1.00 56.33 ? 68  ARG A NH2 1 
ATOM   300  N  N   . VAL A 1 42  ? -6.476  -7.010  13.417  1.00 22.64 ? 69  VAL A N   1 
ATOM   301  C  CA  . VAL A 1 42  ? -5.200  -7.025  14.110  1.00 22.48 ? 69  VAL A CA  1 
ATOM   302  C  C   . VAL A 1 42  ? -4.092  -6.422  13.262  1.00 22.36 ? 69  VAL A C   1 
ATOM   303  O  O   . VAL A 1 42  ? -3.446  -5.458  13.704  1.00 24.07 ? 69  VAL A O   1 
ATOM   304  C  CB  . VAL A 1 42  ? -4.819  -8.444  14.597  1.00 24.73 ? 69  VAL A CB  1 
ATOM   305  C  CG1 . VAL A 1 42  ? -3.454  -8.478  15.269  1.00 24.82 ? 69  VAL A CG1 1 
ATOM   306  C  CG2 . VAL A 1 42  ? -5.871  -8.936  15.573  1.00 23.49 ? 69  VAL A CG2 1 
ATOM   307  N  N   . VAL A 1 43  ? -3.841  -6.963  12.068  1.00 19.25 ? 70  VAL A N   1 
ATOM   308  C  CA  . VAL A 1 43  ? -2.662  -6.579  11.354  1.00 17.96 ? 70  VAL A CA  1 
ATOM   309  C  C   . VAL A 1 43  ? -2.797  -5.130  10.858  1.00 19.65 ? 70  VAL A C   1 
ATOM   310  O  O   . VAL A 1 43  ? -1.948  -4.306  11.157  1.00 19.13 ? 70  VAL A O   1 
ATOM   311  C  CB  . VAL A 1 43  ? -2.308  -7.546  10.233  1.00 18.30 ? 70  VAL A CB  1 
ATOM   312  C  CG1 . VAL A 1 43  ? -1.091  -7.062  9.470   1.00 18.93 ? 70  VAL A CG1 1 
ATOM   313  C  CG2 . VAL A 1 43  ? -2.062  -8.947  10.795  1.00 19.01 ? 70  VAL A CG2 1 
ATOM   314  N  N   . LEU A 1 44  ? -3.873  -4.817  10.142  1.00 17.55 ? 71  LEU A N   1 
ATOM   315  C  CA  . LEU A 1 44  ? -4.029  -3.501  9.529   1.00 19.03 ? 71  LEU A CA  1 
ATOM   316  C  C   . LEU A 1 44  ? -4.243  -2.442  10.597  1.00 22.03 ? 71  LEU A C   1 
ATOM   317  O  O   . LEU A 1 44  ? -3.589  -1.397  10.565  1.00 23.22 ? 71  LEU A O   1 
ATOM   318  C  CB  . LEU A 1 44  ? -5.202  -3.509  8.533   1.00 17.77 ? 71  LEU A CB  1 
ATOM   319  C  CG  . LEU A 1 44  ? -5.542  -2.234  7.724   1.00 20.19 ? 71  LEU A CG  1 
ATOM   320  C  CD1 . LEU A 1 44  ? -6.229  -1.117  8.497   1.00 20.80 ? 71  LEU A CD1 1 
ATOM   321  C  CD2 . LEU A 1 44  ? -4.279  -1.737  7.023   1.00 20.61 ? 71  LEU A CD2 1 
ATOM   322  N  N   . LYS A 1 45  ? -5.136  -2.690  11.543  1.00 24.93 ? 72  LYS A N   1 
ATOM   323  C  CA  . LYS A 1 45  ? -5.402  -1.707  12.594  1.00 27.21 ? 72  LYS A CA  1 
ATOM   324  C  C   . LYS A 1 45  ? -4.166  -1.397  13.449  1.00 27.12 ? 72  LYS A C   1 
ATOM   325  O  O   . LYS A 1 45  ? -4.000  -0.268  13.849  1.00 31.39 ? 72  LYS A O   1 
ATOM   326  C  CB  . LYS A 1 45  ? -6.592  -2.081  13.467  1.00 31.87 ? 72  LYS A CB  1 
ATOM   327  C  CG  . LYS A 1 45  ? -7.770  -1.147  13.251  1.00 36.26 ? 72  LYS A CG  1 
ATOM   328  C  CD  . LYS A 1 45  ? -8.465  -1.368  11.913  1.00 38.67 ? 72  LYS A CD  1 
ATOM   329  C  CE  . LYS A 1 45  ? -9.812  -2.056  12.086  1.00 41.40 ? 72  LYS A CE  1 
ATOM   330  N  NZ  . LYS A 1 45  ? -10.865 -1.105  12.553  1.00 45.13 ? 72  LYS A NZ  1 
ATOM   331  N  N   . THR A 1 46  ? -3.275  -2.362  13.656  1.00 26.82 ? 73  THR A N   1 
ATOM   332  C  CA  . THR A 1 46  ? -2.009  -2.124  14.403  1.00 28.00 ? 73  THR A CA  1 
ATOM   333  C  C   . THR A 1 46  ? -1.021  -1.243  13.629  1.00 27.13 ? 73  THR A C   1 
ATOM   334  O  O   . THR A 1 46  ? -0.322  -0.385  14.197  1.00 23.42 ? 73  THR A O   1 
ATOM   335  C  CB  . THR A 1 46  ? -1.311  -3.459  14.689  1.00 31.86 ? 73  THR A CB  1 
ATOM   336  O  OG1 . THR A 1 46  ? -2.130  -4.206  15.594  1.00 33.59 ? 73  THR A OG1 1 
ATOM   337  C  CG2 . THR A 1 46  ? 0.110   -3.289  15.291  1.00 34.16 ? 73  THR A CG2 1 
ATOM   338  N  N   . LEU A 1 47  ? -0.899  -1.526  12.347  1.00 22.05 ? 74  LEU A N   1 
ATOM   339  C  CA  . LEU A 1 47  ? -0.061  -0.729  11.488  1.00 21.74 ? 74  LEU A CA  1 
ATOM   340  C  C   . LEU A 1 47  ? -0.642  0.677   11.284  1.00 19.86 ? 74  LEU A C   1 
ATOM   341  O  O   . LEU A 1 47  ? 0.121   1.657   11.311  1.00 18.72 ? 74  LEU A O   1 
ATOM   342  C  CB  . LEU A 1 47  ? 0.163   -1.429  10.151  1.00 22.54 ? 74  LEU A CB  1 
ATOM   343  C  CG  . LEU A 1 47  ? 1.294   -2.446  10.080  1.00 27.09 ? 74  LEU A CG  1 
ATOM   344  C  CD1 . LEU A 1 47  ? 1.323   -3.466  11.210  1.00 30.45 ? 74  LEU A CD1 1 
ATOM   345  C  CD2 . LEU A 1 47  ? 1.272   -3.121  8.724   1.00 28.08 ? 74  LEU A CD2 1 
ATOM   346  N  N   . TRP A 1 48  ? -1.961  0.775   11.110  1.00 18.60 ? 75  TRP A N   1 
ATOM   347  C  CA  . TRP A 1 48  ? -2.654  2.045   10.789  1.00 17.92 ? 75  TRP A CA  1 
ATOM   348  C  C   . TRP A 1 48  ? -2.446  3.135   11.853  1.00 18.47 ? 75  TRP A C   1 
ATOM   349  O  O   . TRP A 1 48  ? -2.245  4.317   11.516  1.00 18.53 ? 75  TRP A O   1 
ATOM   350  C  CB  . TRP A 1 48  ? -4.146  1.781   10.562  1.00 18.87 ? 75  TRP A CB  1 
ATOM   351  C  CG  . TRP A 1 48  ? -4.892  2.905   9.990   1.00 18.51 ? 75  TRP A CG  1 
ATOM   352  C  CD1 . TRP A 1 48  ? -5.606  3.842   10.675  1.00 19.13 ? 75  TRP A CD1 1 
ATOM   353  C  CD2 . TRP A 1 48  ? -4.995  3.254   8.615   1.00 16.19 ? 75  TRP A CD2 1 
ATOM   354  N  NE1 . TRP A 1 48  ? -6.146  4.759   9.814   1.00 19.88 ? 75  TRP A NE1 1 
ATOM   355  C  CE2 . TRP A 1 48  ? -5.807  4.401   8.529   1.00 16.52 ? 75  TRP A CE2 1 
ATOM   356  C  CE3 . TRP A 1 48  ? -4.493  2.700   7.437   1.00 14.98 ? 75  TRP A CE3 1 
ATOM   357  C  CZ2 . TRP A 1 48  ? -6.117  5.022   7.319   1.00 15.94 ? 75  TRP A CZ2 1 
ATOM   358  C  CZ3 . TRP A 1 48  ? -4.811  3.332   6.236   1.00 14.59 ? 75  TRP A CZ3 1 
ATOM   359  C  CH2 . TRP A 1 48  ? -5.602  4.470   6.184   1.00 14.57 ? 75  TRP A CH2 1 
ATOM   360  N  N   . LYS A 1 49  ? -2.513  2.730   13.120  1.00 19.91 ? 76  LYS A N   1 
ATOM   361  C  CA  . LYS A 1 49  ? -2.358  3.623   14.281  1.00 21.02 ? 76  LYS A CA  1 
ATOM   362  C  C   . LYS A 1 49  ? -0.922  4.001   14.623  1.00 19.10 ? 76  LYS A C   1 
ATOM   363  O  O   . LYS A 1 49  ? -0.707  4.827   15.498  1.00 20.11 ? 76  LYS A O   1 
ATOM   364  C  CB  . LYS A 1 49  ? -2.995  2.979   15.503  1.00 25.53 ? 76  LYS A CB  1 
ATOM   365  C  CG  . LYS A 1 49  ? -4.481  2.796   15.310  1.00 28.89 ? 76  LYS A CG  1 
ATOM   366  C  CD  . LYS A 1 49  ? -5.175  2.302   16.570  1.00 32.43 ? 76  LYS A CD  1 
ATOM   367  C  CE  . LYS A 1 49  ? -4.568  1.002   17.076  1.00 33.90 ? 76  LYS A CE  1 
ATOM   368  N  NZ  . LYS A 1 49  ? -5.472  0.354   18.058  1.00 36.06 ? 76  LYS A NZ  1 
ATOM   369  N  N   . HIS A 1 50  ? 0.035   3.401   13.957  1.00 15.12 ? 77  HIS A N   1 
ATOM   370  C  CA  . HIS A 1 50  ? 1.454   3.575   14.259  1.00 13.94 ? 77  HIS A CA  1 
ATOM   371  C  C   . HIS A 1 50  ? 1.904   4.923   13.754  1.00 12.86 ? 77  HIS A C   1 
ATOM   372  O  O   . HIS A 1 50  ? 1.432   5.393   12.716  1.00 12.59 ? 77  HIS A O   1 
ATOM   373  C  CB  . HIS A 1 50  ? 2.288   2.487   13.603  1.00 13.55 ? 77  HIS A CB  1 
ATOM   374  C  CG  . HIS A 1 50  ? 3.660   2.395   14.162  1.00 13.43 ? 77  HIS A CG  1 
ATOM   375  N  ND1 . HIS A 1 50  ? 4.693   3.230   13.788  1.00 13.60 ? 77  HIS A ND1 1 
ATOM   376  C  CD2 . HIS A 1 50  ? 4.143   1.650   15.175  1.00 13.62 ? 77  HIS A CD2 1 
ATOM   377  C  CE1 . HIS A 1 50  ? 5.781   2.934   14.471  1.00 13.70 ? 77  HIS A CE1 1 
ATOM   378  N  NE2 . HIS A 1 50  ? 5.474   1.964   15.315  1.00 14.59 ? 77  HIS A NE2 1 
ATOM   379  N  N   . GLN A 1 51  ? 2.779   5.584   14.505  1.00 13.37 ? 78  GLN A N   1 
ATOM   380  C  CA  . GLN A 1 51  ? 3.257   6.897   14.108  1.00 12.59 ? 78  GLN A CA  1 
ATOM   381  C  C   . GLN A 1 51  ? 4.106   6.939   12.846  1.00 11.84 ? 78  GLN A C   1 
ATOM   382  O  O   . GLN A 1 51  ? 4.353   8.013   12.320  1.00 11.03 ? 78  GLN A O   1 
ATOM   383  C  CB  . GLN A 1 51  ? 4.105   7.501   15.236  1.00 13.47 ? 78  GLN A CB  1 
ATOM   384  C  CG  . GLN A 1 51  ? 5.421   6.768   15.469  1.00 13.76 ? 78  GLN A CG  1 
ATOM   385  C  CD  . GLN A 1 51  ? 6.422   7.550   16.303  1.00 16.50 ? 78  GLN A CD  1 
ATOM   386  O  OE1 . GLN A 1 51  ? 6.367   8.799   16.374  1.00 18.94 ? 78  GLN A OE1 1 
ATOM   387  N  NE2 . GLN A 1 51  ? 7.315   6.840   16.946  1.00 15.21 ? 78  GLN A NE2 1 
ATOM   388  N  N   . PHE A 1 52  ? 4.437   5.773   12.286  1.00 10.85 ? 79  PHE A N   1 
ATOM   389  C  CA  . PHE A 1 52  ? 5.141   5.701   10.995  1.00 11.24 ? 79  PHE A CA  1 
ATOM   390  C  C   . PHE A 1 52  ? 4.191   5.349   9.867   1.00 11.37 ? 79  PHE A C   1 
ATOM   391  O  O   . PHE A 1 52  ? 4.680   5.208   8.740   1.00 11.31 ? 79  PHE A O   1 
ATOM   392  C  CB  . PHE A 1 52  ? 6.284   4.681   10.999  1.00 10.87 ? 79  PHE A CB  1 
ATOM   393  C  CG  . PHE A 1 52  ? 7.425   4.981   11.938  1.00 11.18 ? 79  PHE A CG  1 
ATOM   394  C  CD1 . PHE A 1 52  ? 7.675   6.263   12.441  1.00 11.55 ? 79  PHE A CD1 1 
ATOM   395  C  CD2 . PHE A 1 52  ? 8.331   3.973   12.253  1.00 11.77 ? 79  PHE A CD2 1 
ATOM   396  C  CE1 . PHE A 1 52  ? 8.750   6.491   13.273  1.00 12.19 ? 79  PHE A CE1 1 
ATOM   397  C  CE2 . PHE A 1 52  ? 9.422   4.215   13.058  1.00 12.40 ? 79  PHE A CE2 1 
ATOM   398  C  CZ  . PHE A 1 52  ? 9.621   5.465   13.591  1.00 12.08 ? 79  PHE A CZ  1 
ATOM   399  N  N   . ALA A 1 53  ? 2.881   5.249   10.130  1.00 11.64 ? 80  ALA A N   1 
ATOM   400  C  CA  . ALA A 1 53  ? 1.918   4.802   9.093   1.00 10.92 ? 80  ALA A CA  1 
ATOM   401  C  C   . ALA A 1 53  ? 1.680   5.849   8.034   1.00 11.07 ? 80  ALA A C   1 
ATOM   402  O  O   . ALA A 1 53  ? 1.342   5.500   6.897   1.00 11.00 ? 80  ALA A O   1 
ATOM   403  C  CB  . ALA A 1 53  ? 0.587   4.403   9.698   1.00 10.82 ? 80  ALA A CB  1 
ATOM   404  N  N   . TRP A 1 54  ? 1.783   7.132   8.364   1.00 9.76  ? 81  TRP A N   1 
ATOM   405  C  CA  . TRP A 1 54  ? 1.223   8.176   7.518   1.00 9.64  ? 81  TRP A CA  1 
ATOM   406  C  C   . TRP A 1 54  ? 1.680   8.241   6.044   1.00 9.18  ? 81  TRP A C   1 
ATOM   407  O  O   . TRP A 1 54  ? 0.858   8.564   5.202   1.00 10.13 ? 81  TRP A O   1 
ATOM   408  C  CB  . TRP A 1 54  ? 1.356   9.580   8.171   1.00 9.61  ? 81  TRP A CB  1 
ATOM   409  C  CG  . TRP A 1 54  ? 2.744   9.954   8.491   1.00 9.29  ? 81  TRP A CG  1 
ATOM   410  C  CD1 . TRP A 1 54  ? 3.392   9.743   9.665   1.00 9.23  ? 81  TRP A CD1 1 
ATOM   411  C  CD2 . TRP A 1 54  ? 3.656   10.716  7.674   1.00 9.24  ? 81  TRP A CD2 1 
ATOM   412  N  NE1 . TRP A 1 54  ? 4.676   10.223  9.595   1.00 10.01 ? 81  TRP A NE1 1 
ATOM   413  C  CE2 . TRP A 1 54  ? 4.849   10.853  8.406   1.00 9.27  ? 81  TRP A CE2 1 
ATOM   414  C  CE3 . TRP A 1 54  ? 3.617   11.214  6.360   1.00 9.53  ? 81  TRP A CE3 1 
ATOM   415  C  CZ2 . TRP A 1 54  ? 5.976   11.507  7.891   1.00 9.36  ? 81  TRP A CZ2 1 
ATOM   416  C  CZ3 . TRP A 1 54  ? 4.703   11.866  5.882   1.00 8.95  ? 81  TRP A CZ3 1 
ATOM   417  C  CH2 . TRP A 1 54  ? 5.868   12.013  6.652   1.00 8.86  ? 81  TRP A CH2 1 
ATOM   418  N  N   . PRO A 1 55  ? 2.949   7.873   5.729   1.00 8.90  ? 82  PRO A N   1 
ATOM   419  C  CA  . PRO A 1 55  ? 3.283   7.924   4.293   1.00 8.73  ? 82  PRO A CA  1 
ATOM   420  C  C   . PRO A 1 55  ? 2.615   6.832   3.486   1.00 9.39  ? 82  PRO A C   1 
ATOM   421  O  O   . PRO A 1 55  ? 2.577   6.897   2.256   1.00 9.90  ? 82  PRO A O   1 
ATOM   422  C  CB  . PRO A 1 55  ? 4.788   7.748   4.255   1.00 8.59  ? 82  PRO A CB  1 
ATOM   423  C  CG  . PRO A 1 55  ? 5.241   8.067   5.672   1.00 8.33  ? 82  PRO A CG  1 
ATOM   424  C  CD  . PRO A 1 55  ? 4.128   7.552   6.532   1.00 8.32  ? 82  PRO A CD  1 
ATOM   425  N  N   . PHE A 1 56  ? 2.107   5.839   4.197   1.00 9.35  ? 83  PHE A N   1 
ATOM   426  C  CA  . PHE A 1 56  ? 1.550   4.612   3.604   1.00 9.19  ? 83  PHE A CA  1 
ATOM   427  C  C   . PHE A 1 56  ? 0.026   4.534   3.734   1.00 10.41 ? 83  PHE A C   1 
ATOM   428  O  O   . PHE A 1 56  ? -0.579  3.506   3.337   1.00 11.15 ? 83  PHE A O   1 
ATOM   429  C  CB  . PHE A 1 56  ? 2.211   3.404   4.285   1.00 9.41  ? 83  PHE A CB  1 
ATOM   430  C  CG  . PHE A 1 56  ? 3.697   3.447   4.258   1.00 9.38  ? 83  PHE A CG  1 
ATOM   431  C  CD1 . PHE A 1 56  ? 4.440   3.203   3.096   1.00 10.00 ? 83  PHE A CD1 1 
ATOM   432  C  CD2 . PHE A 1 56  ? 4.400   3.879   5.368   1.00 9.27  ? 83  PHE A CD2 1 
ATOM   433  C  CE1 . PHE A 1 56  ? 5.833   3.316   3.089   1.00 10.16 ? 83  PHE A CE1 1 
ATOM   434  C  CE2 . PHE A 1 56  ? 5.776   3.963   5.372   1.00 10.50 ? 83  PHE A CE2 1 
ATOM   435  C  CZ  . PHE A 1 56  ? 6.512   3.687   4.235   1.00 10.43 ? 83  PHE A CZ  1 
ATOM   436  N  N   . GLN A 1 57  ? -0.639  5.578   4.206   1.00 9.98  ? 84  GLN A N   1 
ATOM   437  C  CA  . GLN A 1 57  ? -2.087  5.527   4.453   1.00 10.74 ? 84  GLN A CA  1 
ATOM   438  C  C   . GLN A 1 57  ? -2.964  5.861   3.225   1.00 10.53 ? 84  GLN A C   1 
ATOM   439  O  O   . GLN A 1 57  ? -4.180  5.855   3.291   1.00 11.74 ? 84  GLN A O   1 
ATOM   440  C  CB  . GLN A 1 57  ? -2.462  6.420   5.649   1.00 11.57 ? 84  GLN A CB  1 
ATOM   441  C  CG  . GLN A 1 57  ? -2.088  5.832   6.964   1.00 12.40 ? 84  GLN A CG  1 
ATOM   442  C  CD  . GLN A 1 57  ? -2.351  6.810   8.110   1.00 13.29 ? 84  GLN A CD  1 
ATOM   443  O  OE1 . GLN A 1 57  ? -2.244  8.027   7.952   1.00 14.72 ? 84  GLN A OE1 1 
ATOM   444  N  NE2 . GLN A 1 57  ? -2.716  6.268   9.248   1.00 14.24 ? 84  GLN A NE2 1 
ATOM   445  N  N   . GLN A 1 58  ? -2.321  6.196   2.120   1.00 10.01 ? 85  GLN A N   1 
ATOM   446  C  CA  . GLN A 1 58  ? -3.019  6.610   0.921   1.00 10.53 ? 85  GLN A CA  1 
ATOM   447  C  C   . GLN A 1 58  ? -2.140  6.341   -0.291  1.00 11.08 ? 85  GLN A C   1 
ATOM   448  O  O   . GLN A 1 58  ? -0.916  6.228   -0.158  1.00 10.77 ? 85  GLN A O   1 
ATOM   449  C  CB  . GLN A 1 58  ? -3.415  8.082   0.986   1.00 10.92 ? 85  GLN A CB  1 
ATOM   450  C  CG  . GLN A 1 58  ? -2.255  9.058   1.062   1.00 11.76 ? 85  GLN A CG  1 
ATOM   451  C  CD  . GLN A 1 58  ? -1.580  9.073   2.433   1.00 12.07 ? 85  GLN A CD  1 
ATOM   452  O  OE1 . GLN A 1 58  ? -2.279  9.147   3.459   1.00 14.84 ? 85  GLN A OE1 1 
ATOM   453  N  NE2 . GLN A 1 58  ? -0.255  8.951   2.457   1.00 12.67 ? 85  GLN A NE2 1 
ATOM   454  N  N   . PRO A 1 59  ? -2.763  6.221   -1.478  1.00 11.20 ? 86  PRO A N   1 
ATOM   455  C  CA  . PRO A 1 59  ? -1.945  6.158   -2.678  1.00 11.66 ? 86  PRO A CA  1 
ATOM   456  C  C   . PRO A 1 59  ? -0.929  7.290   -2.765  1.00 11.55 ? 86  PRO A C   1 
ATOM   457  O  O   . PRO A 1 59  ? -1.212  8.412   -2.358  1.00 12.00 ? 86  PRO A O   1 
ATOM   458  C  CB  . PRO A 1 59  ? -2.963  6.263   -3.799  1.00 12.18 ? 86  PRO A CB  1 
ATOM   459  C  CG  . PRO A 1 59  ? -4.249  5.702   -3.224  1.00 11.55 ? 86  PRO A CG  1 
ATOM   460  C  CD  . PRO A 1 59  ? -4.208  6.127   -1.774  1.00 11.70 ? 86  PRO A CD  1 
ATOM   461  N  N   . VAL A 1 60  ? 0.258   6.980   -3.245  1.00 10.41 ? 87  VAL A N   1 
ATOM   462  C  CA  . VAL A 1 60  ? 1.303   7.977   -3.311  1.00 10.38 ? 87  VAL A CA  1 
ATOM   463  C  C   . VAL A 1 60  ? 0.885   9.151   -4.186  1.00 10.79 ? 87  VAL A C   1 
ATOM   464  O  O   . VAL A 1 60  ? 0.534   9.005   -5.330  1.00 11.30 ? 87  VAL A O   1 
ATOM   465  C  CB  . VAL A 1 60  ? 2.617   7.367   -3.788  1.00 9.41  ? 87  VAL A CB  1 
ATOM   466  C  CG1 . VAL A 1 60  ? 3.677   8.458   -4.092  1.00 10.01 ? 87  VAL A CG1 1 
ATOM   467  C  CG2 . VAL A 1 60  ? 3.145   6.379   -2.754  1.00 9.42  ? 87  VAL A CG2 1 
ATOM   468  N  N   . ASP A 1 61  ? 0.863   10.334  -3.589  1.00 11.29 ? 88  ASP A N   1 
ATOM   469  C  CA  . ASP A 1 61  ? 0.566   11.547  -4.312  1.00 12.60 ? 88  ASP A CA  1 
ATOM   470  C  C   . ASP A 1 61  ? 1.888   12.115  -4.777  1.00 13.17 ? 88  ASP A C   1 
ATOM   471  O  O   . ASP A 1 61  ? 2.523   12.919  -4.092  1.00 12.65 ? 88  ASP A O   1 
ATOM   472  C  CB  . ASP A 1 61  ? -0.179  12.521  -3.425  1.00 14.11 ? 88  ASP A CB  1 
ATOM   473  C  CG  . ASP A 1 61  ? -0.629  13.763  -4.179  1.00 16.22 ? 88  ASP A CG  1 
ATOM   474  O  OD1 . ASP A 1 61  ? -0.157  14.079  -5.298  1.00 16.65 ? 88  ASP A OD1 1 
ATOM   475  O  OD2 . ASP A 1 61  ? -1.530  14.432  -3.651  1.00 21.99 ? 88  ASP A OD2 1 
ATOM   476  N  N   . ALA A 1 62  ? 2.301   11.674  -5.955  1.00 12.10 ? 89  ALA A N   1 
ATOM   477  C  CA  . ALA A 1 62  ? 3.599   12.062  -6.516  1.00 12.73 ? 89  ALA A CA  1 
ATOM   478  C  C   . ALA A 1 62  ? 3.632   13.537  -6.905  1.00 13.18 ? 89  ALA A C   1 
ATOM   479  O  O   . ALA A 1 62  ? 4.698   14.149  -6.936  1.00 13.83 ? 89  ALA A O   1 
ATOM   480  C  CB  . ALA A 1 62  ? 3.967   11.172  -7.709  1.00 13.40 ? 89  ALA A CB  1 
ATOM   481  N  N   . VAL A 1 63  ? 2.461   14.107  -7.180  1.00 14.06 ? 90  VAL A N   1 
ATOM   482  C  CA  . VAL A 1 63  ? 2.371   15.531  -7.508  1.00 15.29 ? 90  VAL A CA  1 
ATOM   483  C  C   . VAL A 1 63  ? 2.670   16.368  -6.247  1.00 15.54 ? 90  VAL A C   1 
ATOM   484  O  O   . VAL A 1 63  ? 3.620   17.167  -6.225  1.00 17.71 ? 90  VAL A O   1 
ATOM   485  C  CB  . VAL A 1 63  ? 1.005   15.871  -8.134  1.00 16.90 ? 90  VAL A CB  1 
ATOM   486  C  CG1 . VAL A 1 63  ? 0.881   17.395  -8.297  1.00 17.42 ? 90  VAL A CG1 1 
ATOM   487  C  CG2 . VAL A 1 63  ? 0.846   15.157  -9.467  1.00 17.23 ? 90  VAL A CG2 1 
ATOM   488  N  N   . LYS A 1 64  ? 1.881   16.176  -5.199  1.00 14.60 ? 91  LYS A N   1 
ATOM   489  C  CA  . LYS A 1 64  ? 2.107   16.864  -3.885  1.00 14.90 ? 91  LYS A CA  1 
ATOM   490  C  C   . LYS A 1 64  ? 3.504   16.707  -3.353  1.00 14.78 ? 91  LYS A C   1 
ATOM   491  O  O   . LYS A 1 64  ? 4.123   17.659  -2.856  1.00 15.48 ? 91  LYS A O   1 
ATOM   492  C  CB  . LYS A 1 64  ? 1.147   16.341  -2.831  1.00 15.73 ? 91  LYS A CB  1 
ATOM   493  C  CG  . LYS A 1 64  ? 1.305   17.043  -1.487  1.00 16.59 ? 91  LYS A CG  1 
ATOM   494  C  CD  . LYS A 1 64  ? 0.351   16.478  -0.476  1.00 17.68 ? 91  LYS A CD  1 
ATOM   495  C  CE  . LYS A 1 64  ? 0.625   17.094  0.882   1.00 17.35 ? 91  LYS A CE  1 
ATOM   496  N  NZ  . LYS A 1 64  ? -0.248  16.467  1.902   1.00 18.97 ? 91  LYS A NZ  1 
ATOM   497  N  N   . LEU A 1 65  ? 4.033   15.487  -3.411  1.00 13.93 ? 92  LEU A N   1 
ATOM   498  C  CA  . LEU A 1 65  ? 5.320   15.186  -2.825  1.00 13.25 ? 92  LEU A CA  1 
ATOM   499  C  C   . LEU A 1 65  ? 6.524   15.498  -3.705  1.00 13.21 ? 92  LEU A C   1 
ATOM   500  O  O   . LEU A 1 65  ? 7.643   15.245  -3.331  1.00 13.95 ? 92  LEU A O   1 
ATOM   501  C  CB  . LEU A 1 65  ? 5.348   13.718  -2.383  1.00 13.37 ? 92  LEU A CB  1 
ATOM   502  C  CG  . LEU A 1 65  ? 4.237   13.337  -1.436  1.00 14.11 ? 92  LEU A CG  1 
ATOM   503  C  CD1 . LEU A 1 65  ? 4.197   11.838  -1.199  1.00 13.64 ? 92  LEU A CD1 1 
ATOM   504  C  CD2 . LEU A 1 65  ? 4.364   14.099  -0.127  1.00 14.24 ? 92  LEU A CD2 1 
ATOM   505  N  N   . ASN A 1 66  ? 6.259   15.992  -4.913  1.00 14.38 ? 93  ASN A N   1 
ATOM   506  C  CA  . ASN A 1 66  ? 7.292   16.338  -5.864  1.00 15.03 ? 93  ASN A CA  1 
ATOM   507  C  C   . ASN A 1 66  ? 8.220   15.160  -6.117  1.00 13.78 ? 93  ASN A C   1 
ATOM   508  O  O   . ASN A 1 66  ? 9.445   15.226  -5.991  1.00 13.59 ? 93  ASN A O   1 
ATOM   509  C  CB  . ASN A 1 66  ? 8.059   17.569  -5.364  1.00 17.94 ? 93  ASN A CB  1 
ATOM   510  C  CG  . ASN A 1 66  ? 8.819   18.243  -6.451  1.00 22.81 ? 93  ASN A CG  1 
ATOM   511  O  OD1 . ASN A 1 66  ? 8.472   18.124  -7.627  1.00 26.99 ? 93  ASN A OD1 1 
ATOM   512  N  ND2 . ASN A 1 66  ? 9.855   18.966  -6.079  1.00 27.47 ? 93  ASN A ND2 1 
ATOM   513  N  N   . LEU A 1 67  ? 7.577   14.038  -6.465  1.00 12.60 ? 94  LEU A N   1 
ATOM   514  C  CA  . LEU A 1 67  ? 8.252   12.793  -6.824  1.00 11.82 ? 94  LEU A CA  1 
ATOM   515  C  C   . LEU A 1 67  ? 7.902   12.402  -8.249  1.00 11.87 ? 94  LEU A C   1 
ATOM   516  O  O   . LEU A 1 67  ? 7.198   11.382  -8.510  1.00 11.59 ? 94  LEU A O   1 
ATOM   517  C  CB  . LEU A 1 67  ? 7.854   11.649  -5.865  1.00 11.13 ? 94  LEU A CB  1 
ATOM   518  C  CG  . LEU A 1 67  ? 8.082   11.844  -4.347  1.00 10.57 ? 94  LEU A CG  1 
ATOM   519  C  CD1 . LEU A 1 67  ? 7.631   10.617  -3.580  1.00 10.96 ? 94  LEU A CD1 1 
ATOM   520  C  CD2 . LEU A 1 67  ? 9.532   12.112  -3.999  1.00 10.46 ? 94  LEU A CD2 1 
ATOM   521  N  N   . PRO A 1 68  ? 8.384   13.191  -9.230  1.00 11.30 ? 95  PRO A N   1 
ATOM   522  C  CA  . PRO A 1 68  ? 7.928   12.954  -10.598 1.00 11.23 ? 95  PRO A CA  1 
ATOM   523  C  C   . PRO A 1 68  ? 8.366   11.668  -11.192 1.00 11.38 ? 95  PRO A C   1 
ATOM   524  O  O   . PRO A 1 68  ? 7.736   11.245  -12.161 1.00 12.41 ? 95  PRO A O   1 
ATOM   525  C  CB  . PRO A 1 68  ? 8.491   14.176  -11.364 1.00 11.15 ? 95  PRO A CB  1 
ATOM   526  C  CG  . PRO A 1 68  ? 9.638   14.592  -10.545 1.00 11.42 ? 95  PRO A CG  1 
ATOM   527  C  CD  . PRO A 1 68  ? 9.134   14.445  -9.149  1.00 11.77 ? 95  PRO A CD  1 
ATOM   528  N  N   . ASP A 1 69  ? 9.396   11.028  -10.630 1.00 10.91 ? 96  ASP A N   1 
ATOM   529  C  CA  . ASP A 1 69  ? 9.820   9.708   -11.044 1.00 11.13 ? 96  ASP A CA  1 
ATOM   530  C  C   . ASP A 1 69  ? 9.094   8.537   -10.399 1.00 10.66 ? 96  ASP A C   1 
ATOM   531  O  O   . ASP A 1 69  ? 9.371   7.385   -10.746 1.00 11.29 ? 96  ASP A O   1 
ATOM   532  C  CB  . ASP A 1 69  ? 11.330  9.553   -10.814 1.00 11.88 ? 96  ASP A CB  1 
ATOM   533  C  CG  . ASP A 1 69  ? 11.762  9.771   -9.403  1.00 12.20 ? 96  ASP A CG  1 
ATOM   534  O  OD1 . ASP A 1 69  ? 10.920  10.176  -8.562  1.00 13.07 ? 96  ASP A OD1 1 
ATOM   535  O  OD2 . ASP A 1 69  ? 12.972  9.573   -9.123  1.00 15.05 ? 96  ASP A OD2 1 
ATOM   536  N  N   . TYR A 1 70  ? 8.182   8.804   -9.449  1.00 9.24  ? 97  TYR A N   1 
ATOM   537  C  CA  . TYR A 1 70  ? 7.696   7.675   -8.635  1.00 9.06  ? 97  TYR A CA  1 
ATOM   538  C  C   . TYR A 1 70  ? 6.983   6.629   -9.487  1.00 8.60  ? 97  TYR A C   1 
ATOM   539  O  O   . TYR A 1 70  ? 7.281   5.465   -9.404  1.00 8.26  ? 97  TYR A O   1 
ATOM   540  C  CB  . TYR A 1 70  ? 6.749   8.170   -7.513  1.00 8.92  ? 97  TYR A CB  1 
ATOM   541  C  CG  . TYR A 1 70  ? 6.387   7.029   -6.585  1.00 8.42  ? 97  TYR A CG  1 
ATOM   542  C  CD1 . TYR A 1 70  ? 7.239   6.611   -5.583  1.00 8.17  ? 97  TYR A CD1 1 
ATOM   543  C  CD2 . TYR A 1 70  ? 5.224   6.330   -6.773  1.00 8.89  ? 97  TYR A CD2 1 
ATOM   544  C  CE1 . TYR A 1 70  ? 6.925   5.521   -4.783  1.00 8.55  ? 97  TYR A CE1 1 
ATOM   545  C  CE2 . TYR A 1 70  ? 4.890   5.242   -6.018  1.00 8.88  ? 97  TYR A CE2 1 
ATOM   546  C  CZ  . TYR A 1 70  ? 5.738   4.848   -4.984  1.00 8.47  ? 97  TYR A CZ  1 
ATOM   547  O  OH  . TYR A 1 70  ? 5.452   3.759   -4.190  1.00 8.69  ? 97  TYR A OH  1 
ATOM   548  N  N   . TYR A 1 71  ? 6.048   7.066   -10.297 1.00 8.79  ? 98  TYR A N   1 
ATOM   549  C  CA  . TYR A 1 71  ? 5.261   6.130   -11.132 1.00 9.15  ? 98  TYR A CA  1 
ATOM   550  C  C   . TYR A 1 71  ? 5.962   5.737   -12.446 1.00 9.89  ? 98  TYR A C   1 
ATOM   551  O  O   . TYR A 1 71  ? 5.443   4.916   -13.215 1.00 12.18 ? 98  TYR A O   1 
ATOM   552  C  CB  . TYR A 1 71  ? 3.864   6.654   -11.366 1.00 8.88  ? 98  TYR A CB  1 
ATOM   553  C  CG  . TYR A 1 71  ? 3.049   6.689   -10.103 1.00 8.66  ? 98  TYR A CG  1 
ATOM   554  C  CD1 . TYR A 1 71  ? 2.613   5.533   -9.512  1.00 8.64  ? 98  TYR A CD1 1 
ATOM   555  C  CD2 . TYR A 1 71  ? 2.734   7.889   -9.490  1.00 8.76  ? 98  TYR A CD2 1 
ATOM   556  C  CE1 . TYR A 1 71  ? 1.861   5.559   -8.348  1.00 8.52  ? 98  TYR A CE1 1 
ATOM   557  C  CE2 . TYR A 1 71  ? 1.962   7.946   -8.324  1.00 9.20  ? 98  TYR A CE2 1 
ATOM   558  C  CZ  . TYR A 1 71  ? 1.499   6.760   -7.756  1.00 8.34  ? 98  TYR A CZ  1 
ATOM   559  O  OH  . TYR A 1 71  ? 0.685   6.669   -6.613  1.00 9.43  ? 98  TYR A OH  1 
ATOM   560  N  N   . LYS A 1 72  ? 7.166   6.284   -12.667 1.00 10.84 ? 99  LYS A N   1 
ATOM   561  C  CA  . LYS A 1 72  ? 8.079   5.742   -13.688 1.00 11.71 ? 99  LYS A CA  1 
ATOM   562  C  C   . LYS A 1 72  ? 8.756   4.492   -13.213 1.00 11.68 ? 99  LYS A C   1 
ATOM   563  O  O   . LYS A 1 72  ? 9.057   3.581   -13.990 1.00 12.53 ? 99  LYS A O   1 
ATOM   564  C  CB  . LYS A 1 72  ? 9.159   6.743   -14.041 1.00 12.62 ? 99  LYS A CB  1 
ATOM   565  C  CG  . LYS A 1 72  ? 8.778   8.135   -14.440 1.00 15.70 ? 99  LYS A CG  1 
ATOM   566  C  CD  . LYS A 1 72  ? 7.839   8.177   -15.537 1.00 16.85 ? 99  LYS A CD  1 
ATOM   567  C  CE  . LYS A 1 72  ? 7.508   9.574   -16.033 1.00 18.96 ? 99  LYS A CE  1 
ATOM   568  N  NZ  . LYS A 1 72  ? 6.267   9.522   -16.872 1.00 20.87 ? 99  LYS A NZ  1 
ATOM   569  N  N   . ILE A 1 73  ? 9.028   4.437   -11.916 1.00 10.86 ? 100 ILE A N   1 
ATOM   570  C  CA  . ILE A 1 73  ? 9.765   3.346   -11.285 1.00 11.11 ? 100 ILE A CA  1 
ATOM   571  C  C   . ILE A 1 73  ? 8.840   2.280   -10.701 1.00 11.55 ? 100 ILE A C   1 
ATOM   572  O  O   . ILE A 1 73  ? 9.115   1.077   -10.784 1.00 11.74 ? 100 ILE A O   1 
ATOM   573  C  CB  . ILE A 1 73  ? 10.709  3.929   -10.184 1.00 11.20 ? 100 ILE A CB  1 
ATOM   574  C  CG1 . ILE A 1 73  ? 11.793  4.829   -10.806 1.00 11.77 ? 100 ILE A CG1 1 
ATOM   575  C  CG2 . ILE A 1 73  ? 11.318  2.845   -9.314  1.00 12.07 ? 100 ILE A CG2 1 
ATOM   576  C  CD1 . ILE A 1 73  ? 12.525  5.700   -9.793  1.00 11.95 ? 100 ILE A CD1 1 
ATOM   577  N  N   . ILE A 1 74  ? 7.764   2.735   -10.042 1.00 10.36 ? 101 ILE A N   1 
ATOM   578  C  CA  . ILE A 1 74  ? 6.797   1.847   -9.385  1.00 10.69 ? 101 ILE A CA  1 
ATOM   579  C  C   . ILE A 1 74  ? 5.569   1.681   -10.242 1.00 10.51 ? 101 ILE A C   1 
ATOM   580  O  O   . ILE A 1 74  ? 4.773   2.621   -10.390 1.00 10.95 ? 101 ILE A O   1 
ATOM   581  C  CB  . ILE A 1 74  ? 6.417   2.408   -8.008  1.00 10.57 ? 101 ILE A CB  1 
ATOM   582  C  CG1 . ILE A 1 74  ? 7.685   2.557   -7.120  1.00 10.51 ? 101 ILE A CG1 1 
ATOM   583  C  CG2 . ILE A 1 74  ? 5.336   1.589   -7.342  1.00 11.40 ? 101 ILE A CG2 1 
ATOM   584  C  CD1 . ILE A 1 74  ? 8.472   1.301   -6.889  1.00 10.62 ? 101 ILE A CD1 1 
ATOM   585  N  N   . LYS A 1 75  ? 5.416   0.489   -10.823 1.00 10.91 ? 102 LYS A N   1 
ATOM   586  C  CA  . LYS A 1 75  ? 4.321   0.193   -11.733 1.00 11.81 ? 102 LYS A CA  1 
ATOM   587  C  C   . LYS A 1 75  ? 3.241   -0.660  -11.090 1.00 11.54 ? 102 LYS A C   1 
ATOM   588  O  O   . LYS A 1 75  ? 2.218   -0.851  -11.695 1.00 12.95 ? 102 LYS A O   1 
ATOM   589  C  CB  . LYS A 1 75  ? 4.824   -0.570  -12.985 1.00 13.22 ? 102 LYS A CB  1 
ATOM   590  C  CG  . LYS A 1 75  ? 5.949   0.062   -13.757 1.00 14.76 ? 102 LYS A CG  1 
ATOM   591  C  CD  . LYS A 1 75  ? 5.566   1.442   -14.184 1.00 15.98 ? 102 LYS A CD  1 
ATOM   592  C  CE  . LYS A 1 75  ? 6.366   2.002   -15.328 1.00 17.71 ? 102 LYS A CE  1 
ATOM   593  N  NZ  . LYS A 1 75  ? 5.912   3.387   -15.529 1.00 18.59 ? 102 LYS A NZ  1 
ATOM   594  N  N   . THR A 1 76  ? 3.461   -1.152  -9.867  1.00 10.82 ? 103 THR A N   1 
ATOM   595  C  CA  . THR A 1 76  ? 2.441   -1.829  -9.104  1.00 12.34 ? 103 THR A CA  1 
ATOM   596  C  C   . THR A 1 76  ? 2.250   -1.151  -7.746  1.00 10.93 ? 103 THR A C   1 
ATOM   597  O  O   . THR A 1 76  ? 2.650   -1.645  -6.708  1.00 11.42 ? 103 THR A O   1 
ATOM   598  C  CB  . THR A 1 76  ? 2.760   -3.326  -8.938  1.00 15.47 ? 103 THR A CB  1 
ATOM   599  O  OG1 . THR A 1 76  ? 2.969   -3.886  -10.256 1.00 18.44 ? 103 THR A OG1 1 
ATOM   600  C  CG2 . THR A 1 76  ? 1.584   -4.029  -8.389  1.00 17.85 ? 103 THR A CG2 1 
ATOM   601  N  N   . PRO A 1 77  ? 1.695   0.071   -7.746  1.00 9.98  ? 104 PRO A N   1 
ATOM   602  C  CA  . PRO A 1 77  ? 1.574   0.810   -6.483  1.00 9.90  ? 104 PRO A CA  1 
ATOM   603  C  C   . PRO A 1 77  ? 0.595   0.127   -5.532  1.00 9.47  ? 104 PRO A C   1 
ATOM   604  O  O   . PRO A 1 77  ? -0.332  -0.558  -5.985  1.00 10.16 ? 104 PRO A O   1 
ATOM   605  C  CB  . PRO A 1 77  ? 0.990   2.156   -6.895  1.00 10.97 ? 104 PRO A CB  1 
ATOM   606  C  CG  . PRO A 1 77  ? 0.586   2.009   -8.288  1.00 11.54 ? 104 PRO A CG  1 
ATOM   607  C  CD  . PRO A 1 77  ? 1.122   0.784   -8.882  1.00 10.72 ? 104 PRO A CD  1 
ATOM   608  N  N   . MET A 1 78  ? 0.878   0.231   -4.232  1.00 8.68  ? 105 MET A N   1 
ATOM   609  C  CA  . MET A 1 78  ? -0.010  -0.286  -3.231  1.00 8.86  ? 105 MET A CA  1 
ATOM   610  C  C   . MET A 1 78  ? 0.220   0.473   -1.926  1.00 9.52  ? 105 MET A C   1 
ATOM   611  O  O   . MET A 1 78  ? 1.330   0.868   -1.645  1.00 10.30 ? 105 MET A O   1 
ATOM   612  C  CB  . MET A 1 78  ? 0.190   -1.799  -3.044  1.00 9.05  ? 105 MET A CB  1 
ATOM   613  C  CG  . MET A 1 78  ? -0.853  -2.447  -2.117  1.00 9.82  ? 105 MET A CG  1 
ATOM   614  S  SD  . MET A 1 78  ? -2.584  -2.131  -2.482  1.00 10.79 ? 105 MET A SD  1 
ATOM   615  C  CE  . MET A 1 78  ? -2.701  -2.668  -4.195  1.00 9.99  ? 105 MET A CE  1 
ATOM   616  N  N   . ASP A 1 79  ? -0.854  0.663   -1.204  1.00 9.85  ? 106 ASP A N   1 
ATOM   617  C  CA  . ASP A 1 79  ? -0.842  1.404   0.055   1.00 9.98  ? 106 ASP A CA  1 
ATOM   618  C  C   . ASP A 1 79  ? -1.850  0.859   1.060   1.00 10.33 ? 106 ASP A C   1 
ATOM   619  O  O   . ASP A 1 79  ? -2.751  0.125   0.687   1.00 9.88  ? 106 ASP A O   1 
ATOM   620  C  CB  . ASP A 1 79  ? -1.153  2.860   -0.247  1.00 10.60 ? 106 ASP A CB  1 
ATOM   621  C  CG  . ASP A 1 79  ? -2.584  3.043   -0.704  1.00 10.69 ? 106 ASP A CG  1 
ATOM   622  O  OD1 . ASP A 1 79  ? -2.859  2.817   -1.911  1.00 12.72 ? 106 ASP A OD1 1 
ATOM   623  O  OD2 . ASP A 1 79  ? -3.447  3.330   0.155   1.00 11.99 ? 106 ASP A OD2 1 
ATOM   624  N  N   . MET A 1 80  ? -1.706  1.242   2.324   1.00 10.23 ? 107 MET A N   1 
ATOM   625  C  CA  . MET A 1 80  ? -2.585  0.712   3.374   1.00 11.15 ? 107 MET A CA  1 
ATOM   626  C  C   . MET A 1 80  ? -3.992  1.257   3.317   1.00 10.58 ? 107 MET A C   1 
ATOM   627  O  O   . MET A 1 80  ? -4.930  0.616   3.823   1.00 11.22 ? 107 MET A O   1 
ATOM   628  C  CB  . MET A 1 80  ? -2.029  0.927   4.780   1.00 12.17 ? 107 MET A CB  1 
ATOM   629  C  CG  . MET A 1 80  ? -0.761  0.194   5.053   1.00 13.13 ? 107 MET A CG  1 
ATOM   630  S  SD  . MET A 1 80  ? -0.503  -0.025  6.831   1.00 16.39 ? 107 MET A SD  1 
ATOM   631  C  CE  . MET A 1 80  ? -0.037  1.613   7.311   1.00 15.48 ? 107 MET A CE  1 
ATOM   632  N  N   . GLY A 1 81  ? -4.189  2.440   2.735   1.00 10.02 ? 108 GLY A N   1 
ATOM   633  C  CA  . GLY A 1 81  ? -5.538  2.980   2.486   1.00 10.33 ? 108 GLY A CA  1 
ATOM   634  C  C   . GLY A 1 81  ? -6.337  2.077   1.567   1.00 10.58 ? 108 GLY A C   1 
ATOM   635  O  O   . GLY A 1 81  ? -7.473  1.729   1.846   1.00 11.69 ? 108 GLY A O   1 
ATOM   636  N  N   . THR A 1 82  ? -5.706  1.683   0.469   1.00 10.19 ? 109 THR A N   1 
ATOM   637  C  CA  . THR A 1 82  ? -6.266  0.728   -0.468  1.00 9.76  ? 109 THR A CA  1 
ATOM   638  C  C   . THR A 1 82  ? -6.539  -0.608  0.236   1.00 9.85  ? 109 THR A C   1 
ATOM   639  O  O   . THR A 1 82  ? -7.619  -1.191  0.048   1.00 9.05  ? 109 THR A O   1 
ATOM   640  C  CB  . THR A 1 82  ? -5.330  0.538   -1.651  1.00 9.76  ? 109 THR A CB  1 
ATOM   641  O  OG1 . THR A 1 82  ? -5.242  1.801   -2.312  1.00 10.57 ? 109 THR A OG1 1 
ATOM   642  C  CG2 . THR A 1 82  ? -5.846  -0.519  -2.620  1.00 10.36 ? 109 THR A CG2 1 
ATOM   643  N  N   . ILE A 1 83  ? -5.557  -1.128  0.973   1.00 9.05  ? 110 ILE A N   1 
ATOM   644  C  CA  . ILE A 1 83  ? -5.688  -2.434  1.659   1.00 9.43  ? 110 ILE A CA  1 
ATOM   645  C  C   . ILE A 1 83  ? -6.858  -2.344  2.643   1.00 9.90  ? 110 ILE A C   1 
ATOM   646  O  O   . ILE A 1 83  ? -7.706  -3.261  2.742   1.00 10.04 ? 110 ILE A O   1 
ATOM   647  C  CB  . ILE A 1 83  ? -4.421  -2.865  2.377   1.00 9.58  ? 110 ILE A CB  1 
ATOM   648  C  CG1 . ILE A 1 83  ? -3.283  -3.142  1.374   1.00 9.59  ? 110 ILE A CG1 1 
ATOM   649  C  CG2 . ILE A 1 83  ? -4.667  -4.099  3.223   1.00 9.94  ? 110 ILE A CG2 1 
ATOM   650  C  CD1 . ILE A 1 83  ? -1.884  -3.237  1.962   1.00 9.88  ? 110 ILE A CD1 1 
ATOM   651  N  N   . LYS A 1 84  ? -6.888  -1.261  3.406   1.00 10.43 ? 111 LYS A N   1 
ATOM   652  C  CA  . LYS A 1 84  ? -7.996  -1.060  4.364   1.00 11.67 ? 111 LYS A CA  1 
ATOM   653  C  C   . LYS A 1 84  ? -9.350  -1.069  3.713   1.00 11.71 ? 111 LYS A C   1 
ATOM   654  O  O   . LYS A 1 84  ? -10.255 -1.762  4.188   1.00 11.74 ? 111 LYS A O   1 
ATOM   655  C  CB  . LYS A 1 84  ? -7.818  0.276   5.082   1.00 13.39 ? 111 LYS A CB  1 
ATOM   656  C  CG  . LYS A 1 84  ? -8.848  0.584   6.141   1.00 15.99 ? 111 LYS A CG  1 
ATOM   657  C  CD  . LYS A 1 84  ? -8.383  1.822   6.893   1.00 18.60 ? 111 LYS A CD  1 
ATOM   658  C  CE  . LYS A 1 84  ? -9.277  2.090   8.087   1.00 22.44 ? 111 LYS A CE  1 
ATOM   659  N  NZ  . LYS A 1 84  ? -10.518 2.696   7.574   1.00 24.59 ? 111 LYS A NZ  1 
ATOM   660  N  N   . LYS A 1 85  ? -9.494  -0.353  2.608   1.00 11.24 ? 112 LYS A N   1 
ATOM   661  C  CA  . LYS A 1 85  ? -10.747 -0.309  1.895   1.00 13.50 ? 112 LYS A CA  1 
ATOM   662  C  C   . LYS A 1 85  ? -11.093 -1.708  1.311   1.00 12.59 ? 112 LYS A C   1 
ATOM   663  O  O   . LYS A 1 85  ? -12.256 -2.163  1.352   1.00 11.98 ? 112 LYS A O   1 
ATOM   664  C  CB  . LYS A 1 85  ? -10.688 0.745   0.797   1.00 17.02 ? 112 LYS A CB  1 
ATOM   665  C  CG  . LYS A 1 85  ? -10.903 2.174   1.263   1.00 22.46 ? 112 LYS A CG  1 
ATOM   666  C  CD  . LYS A 1 85  ? -12.375 2.640   1.367   1.00 28.36 ? 112 LYS A CD  1 
ATOM   667  C  CE  . LYS A 1 85  ? -13.480 1.570   1.276   1.00 32.01 ? 112 LYS A CE  1 
ATOM   668  N  NZ  . LYS A 1 85  ? -14.542 1.673   2.324   1.00 35.89 ? 112 LYS A NZ  1 
ATOM   669  N  N   . ARG A 1 86  ? -10.071 -2.401  0.824   1.00 10.06 ? 113 ARG A N   1 
ATOM   670  C  CA  . ARG A 1 86  ? -10.296 -3.757  0.273   1.00 10.30 ? 113 ARG A CA  1 
ATOM   671  C  C   . ARG A 1 86  ? -10.805 -4.698  1.371   1.00 10.48 ? 113 ARG A C   1 
ATOM   672  O  O   . ARG A 1 86  ? -11.772 -5.446  1.159   1.00 11.29 ? 113 ARG A O   1 
ATOM   673  C  CB  . ARG A 1 86  ? -9.020  -4.313  -0.384  1.00 9.81  ? 113 ARG A CB  1 
ATOM   674  C  CG  . ARG A 1 86  ? -8.729  -3.715  -1.758  1.00 9.37  ? 113 ARG A CG  1 
ATOM   675  C  CD  . ARG A 1 86  ? -7.419  -4.178  -2.307  1.00 8.99  ? 113 ARG A CD  1 
ATOM   676  N  NE  . ARG A 1 86  ? -7.325  -3.641  -3.671  1.00 8.79  ? 113 ARG A NE  1 
ATOM   677  C  CZ  . ARG A 1 86  ? -6.447  -4.047  -4.582  1.00 9.50  ? 113 ARG A CZ  1 
ATOM   678  N  NH1 . ARG A 1 86  ? -5.540  -4.955  -4.302  1.00 10.71 ? 113 ARG A NH1 1 
ATOM   679  N  NH2 . ARG A 1 86  ? -6.507  -3.519  -5.788  1.00 10.53 ? 113 ARG A NH2 1 
ATOM   680  N  N   . LEU A 1 87  ? -10.197 -4.663  2.546   1.00 11.06 ? 114 LEU A N   1 
ATOM   681  C  CA  . LEU A 1 87  ? -10.666 -5.480  3.666   1.00 11.55 ? 114 LEU A CA  1 
ATOM   682  C  C   . LEU A 1 87  ? -12.079 -5.110  4.081   1.00 13.04 ? 114 LEU A C   1 
ATOM   683  O  O   . LEU A 1 87  ? -12.914 -6.012  4.320   1.00 13.10 ? 114 LEU A O   1 
ATOM   684  C  CB  . LEU A 1 87  ? -9.719  -5.350  4.865   1.00 11.47 ? 114 LEU A CB  1 
ATOM   685  C  CG  . LEU A 1 87  ? -8.378  -6.055  4.624   1.00 11.93 ? 114 LEU A CG  1 
ATOM   686  C  CD1 . LEU A 1 87  ? -7.299  -5.623  5.623   1.00 12.45 ? 114 LEU A CD1 1 
ATOM   687  C  CD2 . LEU A 1 87  ? -8.534  -7.578  4.672   1.00 12.56 ? 114 LEU A CD2 1 
ATOM   688  N  N   . GLU A 1 88  ? -12.362 -3.819  4.148   1.00 14.23 ? 115 GLU A N   1 
ATOM   689  C  CA  . GLU A 1 88  ? -13.712 -3.339  4.548   1.00 16.08 ? 115 GLU A CA  1 
ATOM   690  C  C   . GLU A 1 88  ? -14.787 -3.742  3.546   1.00 16.72 ? 115 GLU A C   1 
ATOM   691  O  O   . GLU A 1 88  ? -15.930 -3.981  3.901   1.00 18.01 ? 115 GLU A O   1 
ATOM   692  C  CB  . GLU A 1 88  ? -13.721 -1.826  4.741   1.00 18.40 ? 115 GLU A CB  1 
ATOM   693  C  CG  . GLU A 1 88  ? -12.973 -1.409  5.970   1.00 20.42 ? 115 GLU A CG  1 
ATOM   694  C  CD  . GLU A 1 88  ? -12.685 0.080   6.025   1.00 21.74 ? 115 GLU A CD  1 
ATOM   695  O  OE1 . GLU A 1 88  ? -12.956 0.802   5.038   1.00 26.09 ? 115 GLU A OE1 1 
ATOM   696  O  OE2 . GLU A 1 88  ? -12.141 0.509   7.070   1.00 26.11 ? 115 GLU A OE2 1 
ATOM   697  N  N   . ASN A 1 89  ? -14.392 -3.839  2.291   1.00 14.43 ? 116 ASN A N   1 
ATOM   698  C  CA  . ASN A 1 89  ? -15.287 -4.212  1.191   1.00 16.01 ? 116 ASN A CA  1 
ATOM   699  C  C   . ASN A 1 89  ? -15.289 -5.702  0.917   1.00 15.78 ? 116 ASN A C   1 
ATOM   700  O  O   . ASN A 1 89  ? -15.882 -6.126  -0.067  1.00 17.98 ? 116 ASN A O   1 
ATOM   701  C  CB  . ASN A 1 89  ? -14.880 -3.495  -0.090  1.00 17.43 ? 116 ASN A CB  1 
ATOM   702  C  CG  . ASN A 1 89  ? -15.154 -2.022  -0.079  1.00 18.96 ? 116 ASN A CG  1 
ATOM   703  O  OD1 . ASN A 1 89  ? -15.803 -1.481  0.824   1.00 21.76 ? 116 ASN A OD1 1 
ATOM   704  N  ND2 . ASN A 1 89  ? -14.663 -1.350  -1.119  1.00 18.27 ? 116 ASN A ND2 1 
ATOM   705  N  N   . ASN A 1 90  ? -14.587 -6.489  1.714   1.00 15.23 ? 117 ASN A N   1 
ATOM   706  C  CA  . ASN A 1 90  ? -14.508 -7.934  1.587   1.00 15.49 ? 117 ASN A CA  1 
ATOM   707  C  C   . ASN A 1 90  ? -14.007 -8.331  0.205   1.00 15.14 ? 117 ASN A C   1 
ATOM   708  O  O   . ASN A 1 90  ? -14.506 -9.269  -0.355  1.00 16.25 ? 117 ASN A O   1 
ATOM   709  C  CB  . ASN A 1 90  ? -15.889 -8.568  1.856   1.00 17.37 ? 117 ASN A CB  1 
ATOM   710  C  CG  . ASN A 1 90  ? -16.345 -8.344  3.286   1.00 20.64 ? 117 ASN A CG  1 
ATOM   711  O  OD1 . ASN A 1 90  ? -15.604 -8.627  4.228   1.00 24.68 ? 117 ASN A OD1 1 
ATOM   712  N  ND2 . ASN A 1 90  ? -17.536 -7.814  3.450   1.00 25.35 ? 117 ASN A ND2 1 
ATOM   713  N  N   . TYR A 1 91  ? -13.050 -7.580  -0.347  1.00 11.91 ? 118 TYR A N   1 
ATOM   714  C  CA  . TYR A 1 91  ? -12.526 -7.734  -1.722  1.00 11.74 ? 118 TYR A CA  1 
ATOM   715  C  C   . TYR A 1 91  ? -11.720 -9.016  -1.987  1.00 11.11 ? 118 TYR A C   1 
ATOM   716  O  O   . TYR A 1 91  ? -11.607 -9.472  -3.132  1.00 10.76 ? 118 TYR A O   1 
ATOM   717  C  CB  . TYR A 1 91  ? -11.674 -6.477  -2.029  1.00 10.91 ? 118 TYR A CB  1 
ATOM   718  C  CG  . TYR A 1 91  ? -10.968 -6.380  -3.367  1.00 10.85 ? 118 TYR A CG  1 
ATOM   719  C  CD1 . TYR A 1 91  ? -11.595 -5.838  -4.448  1.00 11.29 ? 118 TYR A CD1 1 
ATOM   720  C  CD2 . TYR A 1 91  ? -9.650  -6.817  -3.533  1.00 11.15 ? 118 TYR A CD2 1 
ATOM   721  C  CE1 . TYR A 1 91  ? -10.960 -5.690  -5.650  1.00 11.23 ? 118 TYR A CE1 1 
ATOM   722  C  CE2 . TYR A 1 91  ? -9.018  -6.699  -4.745  1.00 11.32 ? 118 TYR A CE2 1 
ATOM   723  C  CZ  . TYR A 1 91  ? -9.688  -6.124  -5.790  1.00 11.85 ? 118 TYR A CZ  1 
ATOM   724  O  OH  . TYR A 1 91  ? -9.038  -6.026  -6.978  1.00 14.30 ? 118 TYR A OH  1 
ATOM   725  N  N   . TYR A 1 92  ? -11.073 -9.525  -0.941  1.00 10.19 ? 119 TYR A N   1 
ATOM   726  C  CA  . TYR A 1 92  ? -10.144 -10.622 -1.088  1.00 9.99  ? 119 TYR A CA  1 
ATOM   727  C  C   . TYR A 1 92  ? -10.863 -11.987 -1.052  1.00 10.27 ? 119 TYR A C   1 
ATOM   728  O  O   . TYR A 1 92  ? -11.914 -12.131 -0.406  1.00 10.34 ? 119 TYR A O   1 
ATOM   729  C  CB  . TYR A 1 92  ? -9.098  -10.570 0.022   1.00 10.40 ? 119 TYR A CB  1 
ATOM   730  C  CG  . TYR A 1 92  ? -8.271  -9.299  0.015   1.00 10.00 ? 119 TYR A CG  1 
ATOM   731  C  CD1 . TYR A 1 92  ? -7.356  -9.087  -0.979  1.00 9.78  ? 119 TYR A CD1 1 
ATOM   732  C  CD2 . TYR A 1 92  ? -8.366  -8.364  1.024   1.00 9.86  ? 119 TYR A CD2 1 
ATOM   733  C  CE1 . TYR A 1 92  ? -6.542  -7.967  -1.010  1.00 9.31  ? 119 TYR A CE1 1 
ATOM   734  C  CE2 . TYR A 1 92  ? -7.563  -7.234  1.003   1.00 9.99  ? 119 TYR A CE2 1 
ATOM   735  C  CZ  . TYR A 1 92  ? -6.630  -7.067  -0.005  1.00 10.01 ? 119 TYR A CZ  1 
ATOM   736  O  OH  . TYR A 1 92  ? -5.812  -5.967  0.059   1.00 10.19 ? 119 TYR A OH  1 
ATOM   737  N  N   . TRP A 1 93  ? -10.263 -12.953 -1.709  1.00 10.52 ? 120 TRP A N   1 
ATOM   738  C  CA  . TRP A 1 93  ? -10.698 -14.358 -1.651  1.00 11.33 ? 120 TRP A CA  1 
ATOM   739  C  C   . TRP A 1 93  ? -10.005 -15.100 -0.483  1.00 11.56 ? 120 TRP A C   1 
ATOM   740  O  O   . TRP A 1 93  ? -10.568 -16.031 0.099   1.00 12.54 ? 120 TRP A O   1 
ATOM   741  C  CB  . TRP A 1 93  ? -10.354 -15.034 -2.971  1.00 10.83 ? 120 TRP A CB  1 
ATOM   742  C  CG  . TRP A 1 93  ? -10.648 -16.503 -3.020  1.00 11.28 ? 120 TRP A CG  1 
ATOM   743  C  CD1 . TRP A 1 93  ? -9.768  -17.505 -2.806  1.00 12.16 ? 120 TRP A CD1 1 
ATOM   744  C  CD2 . TRP A 1 93  ? -11.906 -17.098 -3.249  1.00 10.55 ? 120 TRP A CD2 1 
ATOM   745  N  NE1 . TRP A 1 93  ? -10.398 -18.713 -2.968  1.00 12.21 ? 120 TRP A NE1 1 
ATOM   746  C  CE2 . TRP A 1 93  ? -11.729 -18.484 -3.203  1.00 10.84 ? 120 TRP A CE2 1 
ATOM   747  C  CE3 . TRP A 1 93  ? -13.173 -16.584 -3.493  1.00 9.96  ? 120 TRP A CE3 1 
ATOM   748  C  CZ2 . TRP A 1 93  ? -12.779 -19.382 -3.418  1.00 11.38 ? 120 TRP A CZ2 1 
ATOM   749  C  CZ3 . TRP A 1 93  ? -14.232 -17.498 -3.721  1.00 10.56 ? 120 TRP A CZ3 1 
ATOM   750  C  CH2 . TRP A 1 93  ? -14.012 -18.861 -3.657  1.00 10.79 ? 120 TRP A CH2 1 
ATOM   751  N  N   . ASN A 1 94  ? -8.753  -14.729 -0.171  1.00 11.43 ? 121 ASN A N   1 
ATOM   752  C  CA  . ASN A 1 94  ? -8.006  -15.422 0.870   1.00 12.72 ? 121 ASN A CA  1 
ATOM   753  C  C   . ASN A 1 94  ? -6.990  -14.503 1.491   1.00 13.22 ? 121 ASN A C   1 
ATOM   754  O  O   . ASN A 1 94  ? -6.774  -13.399 1.014   1.00 12.80 ? 121 ASN A O   1 
ATOM   755  C  CB  . ASN A 1 94  ? -7.336  -16.706 0.376   1.00 13.35 ? 121 ASN A CB  1 
ATOM   756  C  CG  . ASN A 1 94  ? -6.293  -16.487 -0.710  1.00 14.14 ? 121 ASN A CG  1 
ATOM   757  O  OD1 . ASN A 1 94  ? -5.759  -15.409 -0.862  1.00 15.12 ? 121 ASN A OD1 1 
ATOM   758  N  ND2 . ASN A 1 94  ? -6.056  -17.516 -1.547  1.00 16.04 ? 121 ASN A ND2 1 
ATOM   759  N  N   . ALA A 1 95  ? -6.333  -14.990 2.521   1.00 13.44 ? 122 ALA A N   1 
ATOM   760  C  CA  . ALA A 1 95  ? -5.349  -14.147 3.209   1.00 14.14 ? 122 ALA A CA  1 
ATOM   761  C  C   . ALA A 1 95  ? -4.140  -13.857 2.348   1.00 13.29 ? 122 ALA A C   1 
ATOM   762  O  O   . ALA A 1 95  ? -3.557  -12.772 2.448   1.00 13.03 ? 122 ALA A O   1 
ATOM   763  C  CB  . ALA A 1 95  ? -4.946  -14.789 4.534   1.00 15.40 ? 122 ALA A CB  1 
ATOM   764  N  N   . GLN A 1 96  ? -3.766  -14.773 1.476   1.00 12.45 ? 123 GLN A N   1 
ATOM   765  C  CA  . GLN A 1 96  ? -2.606  -14.602 0.600   1.00 12.69 ? 123 GLN A CA  1 
ATOM   766  C  C   . GLN A 1 96  ? -2.755  -13.367 -0.258  1.00 12.17 ? 123 GLN A C   1 
ATOM   767  O  O   . GLN A 1 96  ? -1.799  -12.597 -0.377  1.00 12.10 ? 123 GLN A O   1 
ATOM   768  C  CB  . GLN A 1 96  ? -2.334  -15.827 -0.280  1.00 13.89 ? 123 GLN A CB  1 
ATOM   769  C  CG  . GLN A 1 96  ? -0.967  -15.828 -0.979  1.00 16.43 ? 123 GLN A CG  1 
ATOM   770  C  CD  . GLN A 1 96  ? -0.797  -14.984 -2.243  1.00 19.57 ? 123 GLN A CD  1 
ATOM   771  O  OE1 . GLN A 1 96  ? 0.301   -14.399 -2.485  1.00 24.62 ? 123 GLN A OE1 1 
ATOM   772  N  NE2 . GLN A 1 96  ? -1.853  -14.864 -3.042  1.00 22.75 ? 123 GLN A NE2 1 
ATOM   773  N  N   . GLU A 1 97  ? -3.950  -13.122 -0.816  1.00 11.07 ? 124 GLU A N   1 
ATOM   774  C  CA  . GLU A 1 97  ? -4.100  -11.935 -1.653  1.00 10.98 ? 124 GLU A CA  1 
ATOM   775  C  C   . GLU A 1 97  ? -3.827  -10.632 -0.881  1.00 11.33 ? 124 GLU A C   1 
ATOM   776  O  O   . GLU A 1 97  ? -3.214  -9.732  -1.413  1.00 11.68 ? 124 GLU A O   1 
ATOM   777  C  CB  . GLU A 1 97  ? -5.492  -11.845 -2.252  1.00 11.13 ? 124 GLU A CB  1 
ATOM   778  C  CG  . GLU A 1 97  ? -5.854  -12.998 -3.180  1.00 12.12 ? 124 GLU A CG  1 
ATOM   779  C  CD  . GLU A 1 97  ? -7.206  -12.863 -3.840  1.00 12.16 ? 124 GLU A CD  1 
ATOM   780  O  OE1 . GLU A 1 97  ? -8.071  -12.172 -3.311  1.00 11.36 ? 124 GLU A OE1 1 
ATOM   781  O  OE2 . GLU A 1 97  ? -7.380  -13.519 -4.913  1.00 15.81 ? 124 GLU A OE2 1 
ATOM   782  N  N   . CYS A 1 98  ? -4.286  -10.570 0.359   1.00 10.74 ? 125 CYS A N   1 
ATOM   783  C  CA  . CYS A 1 98  ? -4.081  -9.371  1.167   1.00 10.58 ? 125 CYS A CA  1 
ATOM   784  C  C   . CYS A 1 98  ? -2.629  -9.208  1.605   1.00 10.52 ? 125 CYS A C   1 
ATOM   785  O  O   . CYS A 1 98  ? -2.033  -8.131  1.536   1.00 10.76 ? 125 CYS A O   1 
ATOM   786  C  CB  . CYS A 1 98  ? -5.032  -9.405  2.371   1.00 11.07 ? 125 CYS A CB  1 
ATOM   787  S  SG  . CYS A 1 98  ? -4.759  -8.095  3.592   1.00 12.20 ? 125 CYS A SG  1 
ATOM   788  N  N   . ILE A 1 99  ? -2.049  -10.298 2.054   1.00 11.04 ? 126 ILE A N   1 
ATOM   789  C  CA  . ILE A 1 99  ? -0.614  -10.310 2.397   1.00 11.31 ? 126 ILE A CA  1 
ATOM   790  C  C   . ILE A 1 99  ? 0.254   -9.876  1.220   1.00 11.68 ? 126 ILE A C   1 
ATOM   791  O  O   . ILE A 1 99  ? 1.213   -9.124  1.384   1.00 10.88 ? 126 ILE A O   1 
ATOM   792  C  CB  . ILE A 1 99  ? -0.199  -11.694 2.935   1.00 12.37 ? 126 ILE A CB  1 
ATOM   793  C  CG1 . ILE A 1 99  ? -0.813  -11.866 4.315   1.00 12.02 ? 126 ILE A CG1 1 
ATOM   794  C  CG2 . ILE A 1 99  ? 1.310   -11.834 2.959   1.00 13.08 ? 126 ILE A CG2 1 
ATOM   795  C  CD1 . ILE A 1 99  ? -0.764  -13.274 4.878   1.00 12.80 ? 126 ILE A CD1 1 
ATOM   796  N  N   . GLN A 1 100 ? -0.079  -10.320 0.006   1.00 11.33 ? 127 GLN A N   1 
ATOM   797  C  CA  . GLN A 1 100 ? 0.710   -9.933  -1.126  1.00 13.20 ? 127 GLN A CA  1 
ATOM   798  C  C   . GLN A 1 100 ? 0.627   -8.418  -1.347  1.00 11.58 ? 127 GLN A C   1 
ATOM   799  O  O   . GLN A 1 100 ? 1.589   -7.810  -1.809  1.00 11.13 ? 127 GLN A O   1 
ATOM   800  C  CB  . GLN A 1 100 ? 0.207   -10.679 -2.356  1.00 17.23 ? 127 GLN A CB  1 
ATOM   801  C  CG  . GLN A 1 100 ? 1.021   -10.383 -3.617  1.00 23.68 ? 127 GLN A CG  1 
ATOM   802  C  CD  . GLN A 1 100 ? 1.164   -11.576 -4.579  1.00 31.61 ? 127 GLN A CD  1 
ATOM   803  O  OE1 . GLN A 1 100 ? 2.100   -11.623 -5.391  1.00 45.15 ? 127 GLN A OE1 1 
ATOM   804  N  NE2 . GLN A 1 100 ? 0.253   -12.542 -4.485  1.00 34.86 ? 127 GLN A NE2 1 
ATOM   805  N  N   . ASP A 1 101 ? -0.529  -7.830  -1.056  1.00 10.22 ? 128 ASP A N   1 
ATOM   806  C  CA  . ASP A 1 101 ? -0.637  -6.366  -1.172  1.00 10.13 ? 128 ASP A CA  1 
ATOM   807  C  C   . ASP A 1 101 ? 0.298   -5.679  -0.179  1.00 9.92  ? 128 ASP A C   1 
ATOM   808  O  O   . ASP A 1 101 ? 0.988   -4.707  -0.526  1.00 8.78  ? 128 ASP A O   1 
ATOM   809  C  CB  . ASP A 1 101 ? -2.077  -5.867  -1.004  1.00 10.55 ? 128 ASP A CB  1 
ATOM   810  C  CG  . ASP A 1 101 ? -2.954  -6.113  -2.220  1.00 11.49 ? 128 ASP A CG  1 
ATOM   811  O  OD1 . ASP A 1 101 ? -2.435  -6.349  -3.346  1.00 11.91 ? 128 ASP A OD1 1 
ATOM   812  O  OD2 . ASP A 1 101 ? -4.193  -6.030  -2.028  1.00 12.13 ? 128 ASP A OD2 1 
ATOM   813  N  N   . PHE A 1 102 ? 0.373   -6.189  1.052   1.00 9.91  ? 129 PHE A N   1 
ATOM   814  C  CA  . PHE A 1 102 ? 1.317   -5.592  2.036   1.00 10.16 ? 129 PHE A CA  1 
ATOM   815  C  C   . PHE A 1 102 ? 2.749   -5.740  1.535   1.00 9.68  ? 129 PHE A C   1 
ATOM   816  O  O   . PHE A 1 102 ? 3.519   -4.797  1.562   1.00 9.36  ? 129 PHE A O   1 
ATOM   817  C  CB  . PHE A 1 102 ? 1.178   -6.279  3.424   1.00 10.25 ? 129 PHE A CB  1 
ATOM   818  C  CG  . PHE A 1 102 ? 0.052   -5.748  4.275   1.00 11.17 ? 129 PHE A CG  1 
ATOM   819  C  CD1 . PHE A 1 102 ? 0.218   -4.602  5.054   1.00 12.16 ? 129 PHE A CD1 1 
ATOM   820  C  CD2 . PHE A 1 102 ? -1.120  -6.443  4.419   1.00 12.06 ? 129 PHE A CD2 1 
ATOM   821  C  CE1 . PHE A 1 102 ? -0.786  -4.104  5.851   1.00 12.85 ? 129 PHE A CE1 1 
ATOM   822  C  CE2 . PHE A 1 102 ? -2.131  -5.955  5.227   1.00 12.56 ? 129 PHE A CE2 1 
ATOM   823  C  CZ  . PHE A 1 102 ? -1.957  -4.813  5.980   1.00 13.14 ? 129 PHE A CZ  1 
ATOM   824  N  N   . ASN A 1 103 ? 3.077   -6.936  1.020   1.00 10.38 ? 130 ASN A N   1 
ATOM   825  C  CA  . ASN A 1 103 ? 4.431   -7.216  0.517   1.00 10.98 ? 130 ASN A CA  1 
ATOM   826  C  C   . ASN A 1 103 ? 4.770   -6.253  -0.615  1.00 10.68 ? 130 ASN A C   1 
ATOM   827  O  O   . ASN A 1 103 ? 5.888   -5.770  -0.689  1.00 10.83 ? 130 ASN A O   1 
ATOM   828  C  CB  . ASN A 1 103 ? 4.609   -8.660  -0.019  1.00 12.83 ? 130 ASN A CB  1 
ATOM   829  C  CG  . ASN A 1 103 ? 4.482   -9.714  1.048   1.00 15.55 ? 130 ASN A CG  1 
ATOM   830  O  OD1 . ASN A 1 103 ? 4.646   -9.422  2.236   1.00 17.79 ? 130 ASN A OD1 1 
ATOM   831  N  ND2 . ASN A 1 103 ? 4.188   -10.941 0.627   1.00 17.01 ? 130 ASN A ND2 1 
ATOM   832  N  N   . THR A 1 104 ? 3.825   -6.022  -1.511  1.00 10.42 ? 131 THR A N   1 
ATOM   833  C  CA  . THR A 1 104 ? 3.995   -5.066  -2.609  1.00 10.38 ? 131 THR A CA  1 
ATOM   834  C  C   . THR A 1 104 ? 4.290   -3.653  -2.097  1.00 9.31  ? 131 THR A C   1 
ATOM   835  O  O   . THR A 1 104 ? 5.228   -3.010  -2.583  1.00 9.33  ? 131 THR A O   1 
ATOM   836  C  CB  . THR A 1 104 ? 2.752   -5.056  -3.502  1.00 10.72 ? 131 THR A CB  1 
ATOM   837  O  OG1 . THR A 1 104 ? 2.514   -6.361  -4.022  1.00 11.19 ? 131 THR A OG1 1 
ATOM   838  C  CG2 . THR A 1 104 ? 2.827   -4.075  -4.647  1.00 11.13 ? 131 THR A CG2 1 
ATOM   839  N  N   . MET A 1 105 ? 3.508   -3.206  -1.125  1.00 8.95  ? 132 MET A N   1 
ATOM   840  C  CA  . MET A 1 105 ? 3.725   -1.901  -0.514  1.00 9.30  ? 132 MET A CA  1 
ATOM   841  C  C   . MET A 1 105 ? 5.137   -1.757  0.057   1.00 9.09  ? 132 MET A C   1 
ATOM   842  O  O   . MET A 1 105 ? 5.832   -0.777  -0.224  1.00 8.71  ? 132 MET A O   1 
ATOM   843  C  CB  . MET A 1 105 ? 2.695   -1.647  0.600   1.00 9.56  ? 132 MET A CB  1 
ATOM   844  C  CG  . MET A 1 105 ? 2.888   -0.320  1.315   1.00 10.67 ? 132 MET A CG  1 
ATOM   845  S  SD  . MET A 1 105 ? 1.684   -0.137  2.628   1.00 11.42 ? 132 MET A SD  1 
ATOM   846  C  CE  . MET A 1 105 ? 2.502   -1.141  3.867   1.00 13.87 ? 132 MET A CE  1 
ATOM   847  N  N   . PHE A 1 106 ? 5.572   -2.713  0.877   1.00 9.33  ? 133 PHE A N   1 
ATOM   848  C  CA  . PHE A 1 106 ? 6.934   -2.657  1.440   1.00 9.42  ? 133 PHE A CA  1 
ATOM   849  C  C   . PHE A 1 106 ? 8.011   -2.722  0.349   1.00 9.73  ? 133 PHE A C   1 
ATOM   850  O  O   . PHE A 1 106 ? 8.932   -1.916  0.332   1.00 10.20 ? 133 PHE A O   1 
ATOM   851  C  CB  . PHE A 1 106 ? 7.120   -3.809  2.434   1.00 10.84 ? 133 PHE A CB  1 
ATOM   852  C  CG  . PHE A 1 106 ? 6.294   -3.663  3.696   1.00 11.59 ? 133 PHE A CG  1 
ATOM   853  C  CD1 . PHE A 1 106 ? 6.391   -2.515  4.481   1.00 13.85 ? 133 PHE A CD1 1 
ATOM   854  C  CD2 . PHE A 1 106 ? 5.386   -4.642  4.099   1.00 13.23 ? 133 PHE A CD2 1 
ATOM   855  C  CE1 . PHE A 1 106 ? 5.608   -2.354  5.619   1.00 14.64 ? 133 PHE A CE1 1 
ATOM   856  C  CE2 . PHE A 1 106 ? 4.641   -4.499  5.266   1.00 13.44 ? 133 PHE A CE2 1 
ATOM   857  C  CZ  . PHE A 1 106 ? 4.760   -3.347  6.033   1.00 14.80 ? 133 PHE A CZ  1 
ATOM   858  N  N   . THR A 1 107 ? 7.876   -3.675  -0.570  1.00 9.98  ? 134 THR A N   1 
ATOM   859  C  CA  . THR A 1 107 ? 8.837   -3.821  -1.679  1.00 11.49 ? 134 THR A CA  1 
ATOM   860  C  C   . THR A 1 107 ? 8.946   -2.534  -2.507  1.00 10.36 ? 134 THR A C   1 
ATOM   861  O  O   . THR A 1 107 ? 10.046  -2.106  -2.854  1.00 10.77 ? 134 THR A O   1 
ATOM   862  C  CB  . THR A 1 107 ? 8.492   -5.021  -2.548  1.00 13.58 ? 134 THR A CB  1 
ATOM   863  O  OG1 . THR A 1 107 ? 8.685   -6.206  -1.740  1.00 17.63 ? 134 THR A OG1 1 
ATOM   864  C  CG2 . THR A 1 107 ? 9.351   -5.067  -3.856  1.00 14.62 ? 134 THR A CG2 1 
ATOM   865  N  N   . ASN A 1 108 ? 7.823   -1.878  -2.800  1.00 9.71  ? 135 ASN A N   1 
ATOM   866  C  CA  . ASN A 1 108 ? 7.893   -0.612  -3.541  1.00 9.27  ? 135 ASN A CA  1 
ATOM   867  C  C   . ASN A 1 108 ? 8.801   0.394   -2.813  1.00 9.20  ? 135 ASN A C   1 
ATOM   868  O  O   . ASN A 1 108 ? 9.587   1.129   -3.428  1.00 8.73  ? 135 ASN A O   1 
ATOM   869  C  CB  . ASN A 1 108 ? 6.504   0.017   -3.761  1.00 8.93  ? 135 ASN A CB  1 
ATOM   870  C  CG  . ASN A 1 108 ? 5.621   -0.789  -4.712  1.00 8.87  ? 135 ASN A CG  1 
ATOM   871  O  OD1 . ASN A 1 108 ? 6.099   -1.630  -5.512  1.00 10.52 ? 135 ASN A OD1 1 
ATOM   872  N  ND2 . ASN A 1 108 ? 4.319   -0.539  -4.610  1.00 9.36  ? 135 ASN A ND2 1 
ATOM   873  N  N   . CYS A 1 109 ? 8.651   0.445   -1.488  1.00 9.72  ? 136 CYS A N   1 
ATOM   874  C  CA  . CYS A 1 109 ? 9.398   1.410   -0.702  1.00 10.08 ? 136 CYS A CA  1 
ATOM   875  C  C   . CYS A 1 109 ? 10.911  1.109   -0.787  1.00 10.24 ? 136 CYS A C   1 
ATOM   876  O  O   . CYS A 1 109 ? 11.752  1.983   -1.013  1.00 10.00 ? 136 CYS A O   1 
ATOM   877  C  CB  . CYS A 1 109 ? 8.889   1.367   0.731   1.00 10.72 ? 136 CYS A CB  1 
ATOM   878  S  SG  . CYS A 1 109 ? 9.661   2.592   1.759   1.00 13.80 ? 136 CYS A SG  1 
ATOM   879  N  N   . TYR A 1 110 ? 11.221  -0.171  -0.704  1.00 10.99 ? 137 TYR A N   1 
ATOM   880  C  CA  . TYR A 1 110 ? 12.642  -0.582  -0.778  1.00 11.37 ? 137 TYR A CA  1 
ATOM   881  C  C   . TYR A 1 110 ? 13.221  -0.406  -2.155  1.00 12.19 ? 137 TYR A C   1 
ATOM   882  O  O   . TYR A 1 110 ? 14.405  -0.034  -2.263  1.00 13.38 ? 137 TYR A O   1 
ATOM   883  C  CB  . TYR A 1 110 ? 12.829  -1.992  -0.255  1.00 12.52 ? 137 TYR A CB  1 
ATOM   884  C  CG  . TYR A 1 110 ? 12.271  -2.222  1.101   1.00 12.60 ? 137 TYR A CG  1 
ATOM   885  C  CD1 . TYR A 1 110 ? 12.384  -1.256  2.110   1.00 13.76 ? 137 TYR A CD1 1 
ATOM   886  C  CD2 . TYR A 1 110 ? 11.605  -3.403  1.421   1.00 13.23 ? 137 TYR A CD2 1 
ATOM   887  C  CE1 . TYR A 1 110 ? 11.825  -1.473  3.366   1.00 13.33 ? 137 TYR A CE1 1 
ATOM   888  C  CE2 . TYR A 1 110 ? 11.078  -3.644  2.678   1.00 13.92 ? 137 TYR A CE2 1 
ATOM   889  C  CZ  . TYR A 1 110 ? 11.187  -2.660  3.655   1.00 14.91 ? 137 TYR A CZ  1 
ATOM   890  O  OH  . TYR A 1 110 ? 10.686  -2.891  4.907   1.00 16.89 ? 137 TYR A OH  1 
ATOM   891  N  N   . ILE A 1 111 ? 12.422  -0.583  -3.204  1.00 12.24 ? 138 ILE A N   1 
ATOM   892  C  CA  . ILE A 1 111 ? 12.877  -0.276  -4.571  1.00 12.49 ? 138 ILE A CA  1 
ATOM   893  C  C   . ILE A 1 111 ? 13.142  1.216   -4.785  1.00 12.28 ? 138 ILE A C   1 
ATOM   894  O  O   . ILE A 1 111 ? 14.154  1.597   -5.358  1.00 12.29 ? 138 ILE A O   1 
ATOM   895  C  CB  . ILE A 1 111 ? 11.858  -0.790  -5.619  1.00 13.87 ? 138 ILE A CB  1 
ATOM   896  C  CG1 . ILE A 1 111 ? 11.824  -2.299  -5.603  1.00 14.81 ? 138 ILE A CG1 1 
ATOM   897  C  CG2 . ILE A 1 111 ? 12.159  -0.276  -7.023  1.00 13.78 ? 138 ILE A CG2 1 
ATOM   898  C  CD1 . ILE A 1 111 ? 10.732  -2.899  -6.431  1.00 15.92 ? 138 ILE A CD1 1 
ATOM   899  N  N   . TYR A 1 112 ? 12.183  2.072   -4.401  1.00 10.30 ? 139 TYR A N   1 
ATOM   900  C  CA  . TYR A 1 112 ? 12.219  3.457   -4.750  1.00 9.98  ? 139 TYR A CA  1 
ATOM   901  C  C   . TYR A 1 112 ? 13.259  4.251   -3.979  1.00 10.48 ? 139 TYR A C   1 
ATOM   902  O  O   . TYR A 1 112 ? 13.862  5.191   -4.518  1.00 12.04 ? 139 TYR A O   1 
ATOM   903  C  CB  . TYR A 1 112 ? 10.805  4.072   -4.624  1.00 9.58  ? 139 TYR A CB  1 
ATOM   904  C  CG  . TYR A 1 112 ? 10.757  5.498   -4.999  1.00 9.43  ? 139 TYR A CG  1 
ATOM   905  C  CD1 . TYR A 1 112 ? 10.861  5.905   -6.342  1.00 9.02  ? 139 TYR A CD1 1 
ATOM   906  C  CD2 . TYR A 1 112 ? 10.775  6.489   -4.035  1.00 9.44  ? 139 TYR A CD2 1 
ATOM   907  C  CE1 . TYR A 1 112 ? 10.896  7.220   -6.670  1.00 9.52  ? 139 TYR A CE1 1 
ATOM   908  C  CE2 . TYR A 1 112 ? 10.769  7.840   -4.355  1.00 9.43  ? 139 TYR A CE2 1 
ATOM   909  C  CZ  . TYR A 1 112 ? 10.881  8.214   -5.701  1.00 9.55  ? 139 TYR A CZ  1 
ATOM   910  O  OH  . TYR A 1 112 ? 10.970  9.557   -6.007  1.00 11.25 ? 139 TYR A OH  1 
ATOM   911  N  N   . ASN A 1 113 ? 13.441  3.916   -2.711  1.00 11.09 ? 140 ASN A N   1 
ATOM   912  C  CA  . ASN A 1 113 ? 14.277  4.719   -1.814  1.00 12.04 ? 140 ASN A CA  1 
ATOM   913  C  C   . ASN A 1 113 ? 15.608  3.994   -1.569  1.00 15.54 ? 140 ASN A C   1 
ATOM   914  O  O   . ASN A 1 113 ? 15.855  2.952   -2.143  1.00 17.01 ? 140 ASN A O   1 
ATOM   915  C  CB  . ASN A 1 113 ? 13.527  5.004   -0.498  1.00 12.40 ? 140 ASN A CB  1 
ATOM   916  C  CG  . ASN A 1 113 ? 12.146  5.576   -0.745  1.00 10.93 ? 140 ASN A CG  1 
ATOM   917  O  OD1 . ASN A 1 113 ? 11.980  6.798   -0.950  1.00 10.87 ? 140 ASN A OD1 1 
ATOM   918  N  ND2 . ASN A 1 113 ? 11.136  4.710   -0.712  1.00 10.32 ? 140 ASN A ND2 1 
ATOM   919  N  N   . LYS A 1 114 ? 16.457  4.581   -0.739  1.00 18.01 ? 141 LYS A N   1 
ATOM   920  C  CA  . LYS A 1 114 ? 17.822  4.072   -0.465  1.00 22.25 ? 141 LYS A CA  1 
ATOM   921  C  C   . LYS A 1 114 ? 17.879  3.520   0.970   1.00 23.24 ? 141 LYS A C   1 
ATOM   922  O  O   . LYS A 1 114 ? 17.233  4.090   1.850   1.00 20.02 ? 141 LYS A O   1 
ATOM   923  C  CB  . LYS A 1 114 ? 18.821  5.226   -0.554  1.00 25.61 ? 141 LYS A CB  1 
ATOM   924  C  CG  . LYS A 1 114 ? 18.825  5.988   -1.855  1.00 29.19 ? 141 LYS A CG  1 
ATOM   925  C  CD  . LYS A 1 114 ? 19.424  5.148   -2.976  1.00 32.32 ? 141 LYS A CD  1 
ATOM   926  C  CE  . LYS A 1 114 ? 19.681  5.983   -4.226  1.00 33.89 ? 141 LYS A CE  1 
ATOM   927  N  NZ  . LYS A 1 114 ? 20.610  5.282   -5.164  1.00 34.99 ? 141 LYS A NZ  1 
ATOM   928  N  N   . PRO A 1 115 ? 18.706  2.466   1.234   1.00 22.41 ? 142 PRO A N   1 
ATOM   929  C  CA  . PRO A 1 115 ? 18.849  2.023   2.625   1.00 24.00 ? 142 PRO A CA  1 
ATOM   930  C  C   . PRO A 1 115 ? 19.223  3.207   3.527   1.00 23.12 ? 142 PRO A C   1 
ATOM   931  O  O   . PRO A 1 115 ? 19.946  4.088   3.092   1.00 24.60 ? 142 PRO A O   1 
ATOM   932  C  CB  . PRO A 1 115 ? 20.004  1.006   2.564   1.00 25.31 ? 142 PRO A CB  1 
ATOM   933  C  CG  . PRO A 1 115 ? 20.075  0.570   1.135   1.00 24.46 ? 142 PRO A CG  1 
ATOM   934  C  CD  . PRO A 1 115 ? 19.584  1.710   0.315   1.00 24.32 ? 142 PRO A CD  1 
ATOM   935  N  N   . GLY A 1 116 ? 18.681  3.260   4.733   1.00 23.66 ? 143 GLY A N   1 
ATOM   936  C  CA  . GLY A 1 116 ? 18.913  4.396   5.631   1.00 22.41 ? 143 GLY A CA  1 
ATOM   937  C  C   . GLY A 1 116 ? 18.065  5.659   5.472   1.00 22.01 ? 143 GLY A C   1 
ATOM   938  O  O   . GLY A 1 116 ? 18.031  6.487   6.387   1.00 20.16 ? 143 GLY A O   1 
ATOM   939  N  N   . ASP A 1 117 ? 17.392  5.853   4.331   1.00 18.77 ? 144 ASP A N   1 
ATOM   940  C  CA  . ASP A 1 117 ? 16.415  6.953   4.231   1.00 16.15 ? 144 ASP A CA  1 
ATOM   941  C  C   . ASP A 1 117 ? 15.361  6.839   5.345   1.00 14.88 ? 144 ASP A C   1 
ATOM   942  O  O   . ASP A 1 117 ? 14.954  5.757   5.714   1.00 14.25 ? 144 ASP A O   1 
ATOM   943  C  CB  . ASP A 1 117 ? 15.627  6.886   2.920   1.00 17.42 ? 144 ASP A CB  1 
ATOM   944  C  CG  . ASP A 1 117 ? 16.432  7.317   1.732   1.00 19.65 ? 144 ASP A CG  1 
ATOM   945  O  OD1 . ASP A 1 117 ? 17.509  7.920   1.951   1.00 22.54 ? 144 ASP A OD1 1 
ATOM   946  O  OD2 . ASP A 1 117 ? 15.999  7.082   0.558   1.00 20.44 ? 144 ASP A OD2 1 
ATOM   947  N  N   . ASP A 1 118 ? 14.842  7.968   5.806   1.00 14.08 ? 145 ASP A N   1 
ATOM   948  C  CA  . ASP A 1 118 ? 13.809  7.952   6.856   1.00 14.16 ? 145 ASP A CA  1 
ATOM   949  C  C   . ASP A 1 118 ? 12.610  7.090   6.483   1.00 12.32 ? 145 ASP A C   1 
ATOM   950  O  O   . ASP A 1 118 ? 12.063  6.343   7.315   1.00 11.40 ? 145 ASP A O   1 
ATOM   951  C  CB  . ASP A 1 118 ? 13.287  9.353   7.110   1.00 15.75 ? 145 ASP A CB  1 
ATOM   952  C  CG  . ASP A 1 118 ? 14.053  10.078  8.192   1.00 17.63 ? 145 ASP A CG  1 
ATOM   953  O  OD1 . ASP A 1 118 ? 14.749  9.441   9.012   1.00 20.13 ? 145 ASP A OD1 1 
ATOM   954  O  OD2 . ASP A 1 118 ? 13.940  11.340  8.207   1.00 20.81 ? 145 ASP A OD2 1 
ATOM   955  N  N   . ILE A 1 119 ? 12.176  7.220   5.240   1.00 12.19 ? 146 ILE A N   1 
ATOM   956  C  CA  . ILE A 1 119 ? 11.040  6.442   4.791   1.00 12.18 ? 146 ILE A CA  1 
ATOM   957  C  C   . ILE A 1 119 ? 11.306  4.936   4.834   1.00 11.51 ? 146 ILE A C   1 
ATOM   958  O  O   . ILE A 1 119 ? 10.399  4.156   5.149   1.00 10.73 ? 146 ILE A O   1 
ATOM   959  C  CB  . ILE A 1 119 ? 10.588  6.877   3.373   1.00 13.20 ? 146 ILE A CB  1 
ATOM   960  C  CG1 . ILE A 1 119 ? 9.235   6.281   3.011   1.00 15.44 ? 146 ILE A CG1 1 
ATOM   961  C  CG2 . ILE A 1 119 ? 11.626  6.512   2.353   1.00 14.43 ? 146 ILE A CG2 1 
ATOM   962  C  CD1 . ILE A 1 119 ? 8.103   7.082   3.671   1.00 17.47 ? 146 ILE A CD1 1 
ATOM   963  N  N   . VAL A 1 120 ? 12.541  4.543   4.553   1.00 11.68 ? 147 VAL A N   1 
ATOM   964  C  CA  . VAL A 1 120 ? 12.946  3.160   4.626   1.00 12.26 ? 147 VAL A CA  1 
ATOM   965  C  C   . VAL A 1 120 ? 12.995  2.679   6.092   1.00 12.00 ? 147 VAL A C   1 
ATOM   966  O  O   . VAL A 1 120 ? 12.534  1.571   6.379   1.00 12.91 ? 147 VAL A O   1 
ATOM   967  C  CB  . VAL A 1 120 ? 14.290  2.904   3.889   1.00 12.97 ? 147 VAL A CB  1 
ATOM   968  C  CG1 . VAL A 1 120 ? 14.753  1.472   4.125   1.00 14.07 ? 147 VAL A CG1 1 
ATOM   969  C  CG2 . VAL A 1 120 ? 14.066  3.090   2.412   1.00 13.02 ? 147 VAL A CG2 1 
ATOM   970  N  N   . LEU A 1 121 ? 13.488  3.523   7.008   1.00 12.51 ? 148 LEU A N   1 
ATOM   971  C  CA  . LEU A 1 121 ? 13.436  3.163   8.423   1.00 13.75 ? 148 LEU A CA  1 
ATOM   972  C  C   . LEU A 1 121 ? 12.005  2.945   8.906   1.00 12.78 ? 148 LEU A C   1 
ATOM   973  O  O   . LEU A 1 121 ? 11.705  2.038   9.696   1.00 12.46 ? 148 LEU A O   1 
ATOM   974  C  CB  . LEU A 1 121 ? 14.065  4.285   9.260   1.00 16.18 ? 148 LEU A CB  1 
ATOM   975  C  CG  . LEU A 1 121 ? 15.561  4.533   9.103   1.00 18.71 ? 148 LEU A CG  1 
ATOM   976  C  CD1 . LEU A 1 121 ? 15.920  5.693   10.016  1.00 19.74 ? 148 LEU A CD1 1 
ATOM   977  C  CD2 . LEU A 1 121 ? 16.422  3.311   9.389   1.00 20.06 ? 148 LEU A CD2 1 
ATOM   978  N  N   . MET A 1 122 ? 11.089  3.753   8.411   1.00 10.93 ? 149 MET A N   1 
ATOM   979  C  CA  . MET A 1 122 ? 9.695   3.633   8.718   1.00 11.30 ? 149 MET A CA  1 
ATOM   980  C  C   . MET A 1 122 ? 9.118   2.317   8.213   1.00 12.14 ? 149 MET A C   1 
ATOM   981  O  O   . MET A 1 122 ? 8.425   1.607   8.924   1.00 13.14 ? 149 MET A O   1 
ATOM   982  C  CB  . MET A 1 122 ? 8.936   4.825   8.135   1.00 11.59 ? 149 MET A CB  1 
ATOM   983  C  CG  . MET A 1 122 ? 9.268   6.113   8.870   1.00 11.52 ? 149 MET A CG  1 
ATOM   984  S  SD  . MET A 1 122 ? 8.722   7.579   7.965   1.00 13.41 ? 149 MET A SD  1 
ATOM   985  C  CE  . MET A 1 122 ? 7.176   7.773   8.706   1.00 12.24 ? 149 MET A CE  1 
ATOM   986  N  N   . ALA A 1 123 ? 9.366   2.041   6.943   1.00 11.68 ? 150 ALA A N   1 
ATOM   987  C  CA  . ALA A 1 123 ? 8.875   0.828   6.325   1.00 12.24 ? 150 ALA A CA  1 
ATOM   988  C  C   . ALA A 1 123 ? 9.420   -0.398  7.062   1.00 13.28 ? 150 ALA A C   1 
ATOM   989  O  O   . ALA A 1 123 ? 8.658   -1.351  7.278   1.00 14.31 ? 150 ALA A O   1 
ATOM   990  C  CB  . ALA A 1 123 ? 9.293   0.802   4.844   1.00 12.12 ? 150 ALA A CB  1 
ATOM   991  N  N   . GLU A 1 124 ? 10.705  -0.370  7.415   1.00 14.71 ? 151 GLU A N   1 
ATOM   992  C  CA  . GLU A 1 124 ? 11.380  -1.497  8.118   1.00 16.52 ? 151 GLU A CA  1 
ATOM   993  C  C   . GLU A 1 124 ? 10.710  -1.766  9.451   1.00 16.02 ? 151 GLU A C   1 
ATOM   994  O  O   . GLU A 1 124 ? 10.410  -2.915  9.799   1.00 16.55 ? 151 GLU A O   1 
ATOM   995  C  CB  . GLU A 1 124 ? 12.880  -1.281  8.308   1.00 18.20 ? 151 GLU A CB  1 
ATOM   996  C  CG  . GLU A 1 124 ? 13.706  -1.391  7.042   1.00 22.84 ? 151 GLU A CG  1 
ATOM   997  C  CD  . GLU A 1 124 ? 15.161  -1.029  7.226   1.00 27.35 ? 151 GLU A CD  1 
ATOM   998  O  OE1 . GLU A 1 124 ? 15.546  -0.498  8.285   1.00 34.91 ? 151 GLU A OE1 1 
ATOM   999  O  OE2 . GLU A 1 124 ? 15.941  -1.238  6.278   1.00 34.28 ? 151 GLU A OE2 1 
ATOM   1000 N  N   . ALA A 1 125 ? 10.393  -0.710  10.192  1.00 15.06 ? 152 ALA A N   1 
ATOM   1001 C  CA  . ALA A 1 125 ? 9.723   -0.907  11.461  1.00 13.94 ? 152 ALA A CA  1 
ATOM   1002 C  C   . ALA A 1 125 ? 8.328   -1.427  11.293  1.00 13.33 ? 152 ALA A C   1 
ATOM   1003 O  O   . ALA A 1 125 ? 7.884   -2.265  12.066  1.00 14.05 ? 152 ALA A O   1 
ATOM   1004 C  CB  . ALA A 1 125 ? 9.715   0.382   12.257  1.00 13.61 ? 152 ALA A CB  1 
ATOM   1005 N  N   . LEU A 1 126 ? 7.606   -0.955  10.272  1.00 12.41 ? 153 LEU A N   1 
ATOM   1006 C  CA  . LEU A 1 126 ? 6.248   -1.423  10.036  1.00 12.46 ? 153 LEU A CA  1 
ATOM   1007 C  C   . LEU A 1 126 ? 6.270   -2.881  9.553   1.00 13.00 ? 153 LEU A C   1 
ATOM   1008 O  O   . LEU A 1 126 ? 5.381   -3.626  9.944   1.00 14.15 ? 153 LEU A O   1 
ATOM   1009 C  CB  . LEU A 1 126 ? 5.520   -0.549  9.020   1.00 12.92 ? 153 LEU A CB  1 
ATOM   1010 C  CG  . LEU A 1 126 ? 5.162   0.867   9.474   1.00 13.21 ? 153 LEU A CG  1 
ATOM   1011 C  CD1 . LEU A 1 126 ? 4.737   1.651   8.229   1.00 13.54 ? 153 LEU A CD1 1 
ATOM   1012 C  CD2 . LEU A 1 126 ? 4.074   0.885   10.540  1.00 13.42 ? 153 LEU A CD2 1 
ATOM   1013 N  N   . GLU A 1 127 ? 7.284   -3.228  8.749   1.00 14.79 ? 154 GLU A N   1 
ATOM   1014 C  CA  . GLU A 1 127 ? 7.439   -4.618  8.251   1.00 15.41 ? 154 GLU A CA  1 
ATOM   1015 C  C   . GLU A 1 127 ? 7.671   -5.552  9.446   1.00 17.16 ? 154 GLU A C   1 
ATOM   1016 O  O   . GLU A 1 127 ? 7.078   -6.626  9.513   1.00 17.38 ? 154 GLU A O   1 
ATOM   1017 C  CB  . GLU A 1 127 ? 8.600   -4.739  7.283   1.00 18.21 ? 154 GLU A CB  1 
ATOM   1018 C  CG  . GLU A 1 127 ? 8.580   -6.052  6.492   1.00 22.19 ? 154 GLU A CG  1 
ATOM   1019 C  CD  . GLU A 1 127 ? 9.752   -6.200  5.540   1.00 26.28 ? 154 GLU A CD  1 
ATOM   1020 O  OE1 . GLU A 1 127 ? 10.504  -5.249  5.320   1.00 28.39 ? 154 GLU A OE1 1 
ATOM   1021 O  OE2 . GLU A 1 127 ? 9.976   -7.315  5.016   1.00 35.86 ? 154 GLU A OE2 1 
ATOM   1022 N  N   . LYS A 1 128 ? 8.540   -5.124  10.370  1.00 16.68 ? 155 LYS A N   1 
ATOM   1023 C  CA  . LYS A 1 128 ? 8.819   -5.900  11.577  1.00 18.53 ? 155 LYS A CA  1 
ATOM   1024 C  C   . LYS A 1 128 ? 7.531   -6.178  12.344  1.00 18.50 ? 155 LYS A C   1 
ATOM   1025 O  O   . LYS A 1 128 ? 7.264   -7.330  12.742  1.00 18.05 ? 155 LYS A O   1 
ATOM   1026 C  CB  . LYS A 1 128 ? 9.836   -5.164  12.470  1.00 20.88 ? 155 LYS A CB  1 
ATOM   1027 C  CG  . LYS A 1 128 ? 10.395  -6.018  13.604  1.00 23.06 ? 155 LYS A CG  1 
ATOM   1028 C  CD  . LYS A 1 128 ? 11.324  -5.209  14.496  1.00 26.90 ? 155 LYS A CD  1 
ATOM   1029 C  CE  . LYS A 1 128 ? 10.985  -5.334  15.970  1.00 28.34 ? 155 LYS A CE  1 
ATOM   1030 N  NZ  . LYS A 1 128 ? 11.773  -4.364  16.785  1.00 30.63 ? 155 LYS A NZ  1 
ATOM   1031 N  N   . LEU A 1 129 ? 6.703   -5.155  12.556  1.00 17.00 ? 156 LEU A N   1 
ATOM   1032 C  CA  . LEU A 1 129 ? 5.449   -5.331  13.250  1.00 17.04 ? 156 LEU A CA  1 
ATOM   1033 C  C   . LEU A 1 129 ? 4.512   -6.248  12.451  1.00 18.38 ? 156 LEU A C   1 
ATOM   1034 O  O   . LEU A 1 129 ? 3.839   -7.088  13.015  1.00 17.13 ? 156 LEU A O   1 
ATOM   1035 C  CB  . LEU A 1 129 ? 4.774   -3.997  13.519  1.00 19.84 ? 156 LEU A CB  1 
ATOM   1036 C  CG  . LEU A 1 129 ? 5.408   -3.162  14.610  1.00 22.83 ? 156 LEU A CG  1 
ATOM   1037 C  CD1 . LEU A 1 129 ? 4.483   -1.980  14.868  1.00 24.34 ? 156 LEU A CD1 1 
ATOM   1038 C  CD2 . LEU A 1 129 ? 5.650   -3.972  15.872  1.00 25.51 ? 156 LEU A CD2 1 
ATOM   1039 N  N   . PHE A 1 130 ? 4.477   -6.022  11.135  1.00 15.88 ? 157 PHE A N   1 
ATOM   1040 C  CA  . PHE A 1 130 ? 3.677   -6.836  10.239  1.00 16.14 ? 157 PHE A CA  1 
ATOM   1041 C  C   . PHE A 1 130 ? 4.024   -8.318  10.432  1.00 16.07 ? 157 PHE A C   1 
ATOM   1042 O  O   . PHE A 1 130 ? 3.082   -9.119  10.685  1.00 18.59 ? 157 PHE A O   1 
ATOM   1043 C  CB  . PHE A 1 130 ? 3.958   -6.406  8.779   1.00 15.25 ? 157 PHE A CB  1 
ATOM   1044 C  CG  . PHE A 1 130 ? 3.246   -7.237  7.752   1.00 15.27 ? 157 PHE A CG  1 
ATOM   1045 C  CD1 . PHE A 1 130 ? 1.880   -7.176  7.648   1.00 15.11 ? 157 PHE A CD1 1 
ATOM   1046 C  CD2 . PHE A 1 130 ? 3.981   -8.043  6.910   1.00 15.60 ? 157 PHE A CD2 1 
ATOM   1047 C  CE1 . PHE A 1 130 ? 1.202   -7.963  6.693   1.00 16.39 ? 157 PHE A CE1 1 
ATOM   1048 C  CE2 . PHE A 1 130 ? 3.336   -8.801  5.938   1.00 16.28 ? 157 PHE A CE2 1 
ATOM   1049 C  CZ  . PHE A 1 130 ? 1.949   -8.752  5.854   1.00 15.49 ? 157 PHE A CZ  1 
ATOM   1050 N  N   . LEU A 1 131 ? 5.307   -8.647  10.348  1.00 17.71 ? 158 LEU A N   1 
ATOM   1051 C  CA  . LEU A 1 131 ? 5.755   -10.058 10.391  1.00 17.80 ? 158 LEU A CA  1 
ATOM   1052 C  C   . LEU A 1 131 ? 5.453   -10.634 11.779  1.00 20.59 ? 158 LEU A C   1 
ATOM   1053 O  O   . LEU A 1 131 ? 5.057   -11.784 11.880  1.00 20.24 ? 158 LEU A O   1 
ATOM   1054 C  CB  . LEU A 1 131 ? 7.201   -10.262 9.957   1.00 19.62 ? 158 LEU A CB  1 
ATOM   1055 C  CG  . LEU A 1 131 ? 7.594   -9.880  8.515   1.00 19.84 ? 158 LEU A CG  1 
ATOM   1056 C  CD1 . LEU A 1 131 ? 9.095   -9.934  8.317   1.00 21.81 ? 158 LEU A CD1 1 
ATOM   1057 C  CD2 . LEU A 1 131 ? 6.848   -10.757 7.510   1.00 22.04 ? 158 LEU A CD2 1 
ATOM   1058 N  N   . GLN A 1 132 ? 5.592   -9.836  12.845  1.00 20.27 ? 159 GLN A N   1 
ATOM   1059 C  CA  . GLN A 1 132 ? 5.199   -10.299 14.191  1.00 21.77 ? 159 GLN A CA  1 
ATOM   1060 C  C   . GLN A 1 132 ? 3.745   -10.703 14.279  1.00 21.08 ? 159 GLN A C   1 
ATOM   1061 O  O   . GLN A 1 132 ? 3.407   -11.783 14.799  1.00 21.20 ? 159 GLN A O   1 
ATOM   1062 C  CB  . GLN A 1 132 ? 5.391   -9.236  15.263  1.00 24.17 ? 159 GLN A CB  1 
ATOM   1063 C  CG  . GLN A 1 132 ? 6.809   -9.038  15.671  1.00 30.03 ? 159 GLN A CG  1 
ATOM   1064 C  CD  . GLN A 1 132 ? 6.933   -7.990  16.754  1.00 32.31 ? 159 GLN A CD  1 
ATOM   1065 O  OE1 . GLN A 1 132 ? 5.965   -7.703  17.494  1.00 37.15 ? 159 GLN A OE1 1 
ATOM   1066 N  NE2 . GLN A 1 132 ? 8.120   -7.415  16.871  1.00 34.82 ? 159 GLN A NE2 1 
ATOM   1067 N  N   . LYS A 1 133 ? 2.870   -9.855  13.765  1.00 20.55 ? 160 LYS A N   1 
ATOM   1068 C  CA  . LYS A 1 133 ? 1.463   -10.151 13.759  1.00 20.41 ? 160 LYS A CA  1 
ATOM   1069 C  C   . LYS A 1 133 ? 1.129   -11.326 12.791  1.00 19.76 ? 160 LYS A C   1 
ATOM   1070 O  O   . LYS A 1 133 ? 0.293   -12.172 13.120  1.00 20.60 ? 160 LYS A O   1 
ATOM   1071 C  CB  . LYS A 1 133 ? 0.637   -8.906  13.420  1.00 22.72 ? 160 LYS A CB  1 
ATOM   1072 C  CG  . LYS A 1 133 ? 0.735   -7.724  14.392  1.00 22.47 ? 160 LYS A CG  1 
ATOM   1073 C  CD  . LYS A 1 133 ? 0.552   -8.154  15.839  1.00 25.46 ? 160 LYS A CD  1 
ATOM   1074 C  CE  . LYS A 1 133 ? -0.120  -7.092  16.680  1.00 29.09 ? 160 LYS A CE  1 
ATOM   1075 N  NZ  . LYS A 1 133 ? -0.178  -7.566  18.092  1.00 29.06 ? 160 LYS A NZ  1 
ATOM   1076 N  N   . ILE A 1 134 ? 1.813   -11.414 11.647  1.00 19.62 ? 161 ILE A N   1 
ATOM   1077 C  CA  . ILE A 1 134 ? 1.603   -12.545 10.717  1.00 20.02 ? 161 ILE A CA  1 
ATOM   1078 C  C   . ILE A 1 134 ? 1.962   -13.891 11.346  1.00 19.86 ? 161 ILE A C   1 
ATOM   1079 O  O   . ILE A 1 134 ? 1.303   -14.914 11.064  1.00 19.90 ? 161 ILE A O   1 
ATOM   1080 C  CB  . ILE A 1 134 ? 2.412   -12.366 9.398   1.00 21.75 ? 161 ILE A CB  1 
ATOM   1081 C  CG1 . ILE A 1 134 ? 1.827   -11.220 8.589   1.00 23.72 ? 161 ILE A CG1 1 
ATOM   1082 C  CG2 . ILE A 1 134 ? 2.489   -13.664 8.581   1.00 23.00 ? 161 ILE A CG2 1 
ATOM   1083 C  CD1 . ILE A 1 134 ? 0.648   -11.573 7.748   1.00 24.60 ? 161 ILE A CD1 1 
ATOM   1084 N  N   . ASN A 1 135 ? 3.007   -13.934 12.174  1.00 20.24 ? 162 ASN A N   1 
ATOM   1085 C  CA  . ASN A 1 135 ? 3.359   -15.177 12.858  1.00 22.20 ? 162 ASN A CA  1 
ATOM   1086 C  C   . ASN A 1 135 ? 2.310   -15.605 13.869  1.00 22.89 ? 162 ASN A C   1 
ATOM   1087 O  O   . ASN A 1 135 ? 2.430   -16.691 14.401  1.00 23.55 ? 162 ASN A O   1 
ATOM   1088 C  CB  . ASN A 1 135 ? 4.780   -15.159 13.515  1.00 22.79 ? 162 ASN A CB  1 
ATOM   1089 C  CG  . ASN A 1 135 ? 5.937   -15.358 12.497  1.00 25.42 ? 162 ASN A CG  1 
ATOM   1090 O  OD1 . ASN A 1 135 ? 7.043   -14.794 12.642  1.00 30.13 ? 162 ASN A OD1 1 
ATOM   1091 N  ND2 . ASN A 1 135 ? 5.709   -16.175 11.500  1.00 23.79 ? 162 ASN A ND2 1 
ATOM   1092 N  N   . GLU A 1 136 ? 1.272   -14.809 14.120  1.00 22.06 ? 163 GLU A N   1 
ATOM   1093 C  CA  . GLU A 1 136 ? 0.207   -15.172 15.038  1.00 23.46 ? 163 GLU A CA  1 
ATOM   1094 C  C   . GLU A 1 136 ? -1.096  -15.341 14.269  1.00 23.01 ? 163 GLU A C   1 
ATOM   1095 O  O   . GLU A 1 136 ? -2.172  -15.327 14.842  1.00 22.33 ? 163 GLU A O   1 
ATOM   1096 C  CB  . GLU A 1 136 ? 0.121   -14.108 16.153  1.00 27.01 ? 163 GLU A CB  1 
ATOM   1097 C  CG  . GLU A 1 136 ? 0.766   -14.529 17.474  1.00 33.21 ? 163 GLU A CG  1 
ATOM   1098 C  CD  . GLU A 1 136 ? 2.257   -14.262 17.551  1.00 39.78 ? 163 GLU A CD  1 
ATOM   1099 O  OE1 . GLU A 1 136 ? 3.019   -15.225 17.773  1.00 46.84 ? 163 GLU A OE1 1 
ATOM   1100 O  OE2 . GLU A 1 136 ? 2.684   -13.088 17.423  1.00 50.17 ? 163 GLU A OE2 1 
ATOM   1101 N  N   . LEU A 1 137 ? -1.000  -15.489 12.949  1.00 20.00 ? 164 LEU A N   1 
ATOM   1102 C  CA  . LEU A 1 137 ? -2.178  -15.686 12.122  1.00 21.48 ? 164 LEU A CA  1 
ATOM   1103 C  C   . LEU A 1 137 ? -2.890  -16.970 12.577  1.00 21.43 ? 164 LEU A C   1 
ATOM   1104 O  O   . LEU A 1 137 ? -2.240  -17.995 12.813  1.00 23.36 ? 164 LEU A O   1 
ATOM   1105 C  CB  . LEU A 1 137 ? -1.780  -15.779 10.624  1.00 21.53 ? 164 LEU A CB  1 
ATOM   1106 C  CG  . LEU A 1 137 ? -2.852  -15.604 9.533   1.00 23.80 ? 164 LEU A CG  1 
ATOM   1107 C  CD1 . LEU A 1 137 ? -3.390  -14.197 9.448   1.00 22.88 ? 164 LEU A CD1 1 
ATOM   1108 C  CD2 . LEU A 1 137 ? -2.345  -16.053 8.179   1.00 24.81 ? 164 LEU A CD2 1 
ATOM   1109 N  N   . PRO A 1 138 ? -4.218  -16.921 12.708  1.00 23.00 ? 165 PRO A N   1 
ATOM   1110 C  CA  . PRO A 1 138 ? -4.921  -18.184 12.991  1.00 24.00 ? 165 PRO A CA  1 
ATOM   1111 C  C   . PRO A 1 138 ? -4.636  -19.281 11.908  1.00 27.91 ? 165 PRO A C   1 
ATOM   1112 O  O   . PRO A 1 138 ? -4.620  -18.994 10.698  1.00 28.22 ? 165 PRO A O   1 
ATOM   1113 C  CB  . PRO A 1 138 ? -6.390  -17.770 13.024  1.00 25.06 ? 165 PRO A CB  1 
ATOM   1114 C  CG  . PRO A 1 138 ? -6.416  -16.288 13.174  1.00 24.93 ? 165 PRO A CG  1 
ATOM   1115 C  CD  . PRO A 1 138 ? -5.116  -15.755 12.683  1.00 22.93 ? 165 PRO A CD  1 
ATOM   1116 N  N   . THR A 1 139 ? -4.366  -20.513 12.341  1.00 32.03 ? 166 THR A N   1 
ATOM   1117 C  CA  . THR A 1 139 ? -3.911  -21.570 11.415  1.00 36.66 ? 166 THR A CA  1 
ATOM   1118 C  C   . THR A 1 139 ? -5.094  -22.328 10.826  1.00 41.54 ? 166 THR A C   1 
ATOM   1119 O  O   . THR A 1 139 ? -5.038  -22.754 9.675   1.00 46.35 ? 166 THR A O   1 
ATOM   1120 C  CB  . THR A 1 139 ? -2.916  -22.567 12.088  1.00 38.14 ? 166 THR A CB  1 
ATOM   1121 O  OG1 . THR A 1 139 ? -3.581  -23.309 13.110  1.00 40.03 ? 166 THR A OG1 1 
ATOM   1122 C  CG2 . THR A 1 139 ? -1.700  -21.825 12.694  1.00 36.59 ? 166 THR A CG2 1 
HETATM 1123 C  CAZ . EFL B 2 .   ? 11.393  15.160  1.936   1.00 16.42 ? 201 EFL A CAZ 1 
HETATM 1124 O  OAY . EFL B 2 .   ? 10.177  14.381  2.097   1.00 14.75 ? 201 EFL A OAY 1 
HETATM 1125 C  CAW . EFL B 2 .   ? 10.136  13.450  3.085   1.00 13.30 ? 201 EFL A CAW 1 
HETATM 1126 C  CAV . EFL B 2 .   ? 11.237  13.097  3.914   1.00 13.77 ? 201 EFL A CAV 1 
HETATM 1127 C  CAU . EFL B 2 .   ? 11.015  12.142  4.898   1.00 13.57 ? 201 EFL A CAU 1 
HETATM 1128 C  CAT . EFL B 2 .   ? 9.775   11.545  5.036   1.00 13.39 ? 201 EFL A CAT 1 
HETATM 1129 BR BR  . EFL B 2 .   ? 9.568   10.238  6.341   1.00 16.43 ? 201 EFL A BR  1 
HETATM 1130 C  CAS . EFL B 2 .   ? 8.712   11.876  4.260   1.00 12.68 ? 201 EFL A CAS 1 
HETATM 1131 C  CAR . EFL B 2 .   ? 8.870   12.864  3.301   1.00 12.41 ? 201 EFL A CAR 1 
HETATM 1132 S  SAO . EFL B 2 .   ? 7.504   13.314  2.300   1.00 12.10 ? 201 EFL A SAO 1 
HETATM 1133 O  OAP . EFL B 2 .   ? 6.346   12.512  2.763   1.00 12.33 ? 201 EFL A OAP 1 
HETATM 1134 O  OAQ . EFL B 2 .   ? 7.319   14.806  2.203   1.00 12.17 ? 201 EFL A OAQ 1 
HETATM 1135 N  NAN . EFL B 2 .   ? 7.974   12.824  0.757   1.00 12.30 ? 201 EFL A NAN 1 
HETATM 1136 C  CAB . EFL B 2 .   ? 8.276   11.546  0.474   1.00 11.66 ? 201 EFL A CAB 1 
HETATM 1137 C  CAC . EFL B 2 .   ? 7.420   10.500  0.777   1.00 10.90 ? 201 EFL A CAC 1 
HETATM 1138 C  CAD . EFL B 2 .   ? 7.751   9.188   0.434   1.00 10.45 ? 201 EFL A CAD 1 
HETATM 1139 O  OAG . EFL B 2 .   ? 6.948   8.118   0.747   1.00 9.82  ? 201 EFL A OAG 1 
HETATM 1140 C  CAH . EFL B 2 .   ? 6.693   7.141   -0.249  1.00 9.46  ? 201 EFL A CAH 1 
HETATM 1141 C  CAL . EFL B 2 .   ? 6.039   5.987   0.289   1.00 8.72  ? 201 EFL A CAL 1 
HETATM 1142 C  CAM . EFL B 2 .   ? 6.243   7.797   -1.540  1.00 9.12  ? 201 EFL A CAM 1 
HETATM 1143 C  CAI . EFL B 2 .   ? 8.078   6.676   -0.619  1.00 9.79  ? 201 EFL A CAI 1 
HETATM 1144 O  OAK . EFL B 2 .   ? 8.435   5.512   -0.992  1.00 9.77  ? 201 EFL A OAK 1 
HETATM 1145 N  NAJ . EFL B 2 .   ? 9.152   7.557   -0.588  1.00 10.01 ? 201 EFL A NAJ 1 
HETATM 1146 C  CAE . EFL B 2 .   ? 8.930   8.910   -0.230  1.00 10.10 ? 201 EFL A CAE 1 
HETATM 1147 C  CAF . EFL B 2 .   ? 9.786   9.965   -0.589  1.00 10.98 ? 201 EFL A CAF 1 
HETATM 1148 C  CAA . EFL B 2 .   ? 9.462   11.288  -0.221  1.00 11.18 ? 201 EFL A CAA 1 
HETATM 1149 C  C1  . EDO C 3 .   ? 8.087   -1.892  -9.520  1.00 18.67 ? 202 EDO A C1  1 
HETATM 1150 O  O1  . EDO C 3 .   ? 7.493   -1.531  -10.778 1.00 19.92 ? 202 EDO A O1  1 
HETATM 1151 C  C2  . EDO C 3 .   ? 7.014   -2.590  -8.701  1.00 18.84 ? 202 EDO A C2  1 
HETATM 1152 O  O2  . EDO C 3 .   ? 5.958   -1.701  -8.276  1.00 18.36 ? 202 EDO A O2  1 
HETATM 1153 C  C1  . EDO D 3 .   ? 13.200  11.135  1.644   1.00 28.82 ? 203 EDO A C1  1 
HETATM 1154 O  O1  . EDO D 3 .   ? 14.444  10.559  1.246   1.00 34.65 ? 203 EDO A O1  1 
HETATM 1155 C  C2  . EDO D 3 .   ? 12.404  10.026  2.330   1.00 27.04 ? 203 EDO A C2  1 
HETATM 1156 O  O2  . EDO D 3 .   ? 13.176  9.363   3.351   1.00 20.32 ? 203 EDO A O2  1 
HETATM 1157 C  C1  . EDO E 3 .   ? 6.538   6.140   -17.939 1.00 24.43 ? 204 EDO A C1  1 
HETATM 1158 O  O1  . EDO E 3 .   ? 7.108   4.909   -17.580 1.00 23.11 ? 204 EDO A O1  1 
HETATM 1159 C  C2  . EDO E 3 .   ? 5.544   6.584   -16.893 1.00 22.96 ? 204 EDO A C2  1 
HETATM 1160 O  O2  . EDO E 3 .   ? 5.000   5.665   -16.003 1.00 26.68 ? 204 EDO A O2  1 
HETATM 1161 C  C1  . GOL F 4 .   ? -4.134  -0.235  -12.543 1.00 34.51 ? 205 GOL A C1  1 
HETATM 1162 O  O1  . GOL F 4 .   ? -5.240  -0.604  -13.376 1.00 35.98 ? 205 GOL A O1  1 
HETATM 1163 C  C2  . GOL F 4 .   ? -4.609  0.513   -11.319 1.00 31.85 ? 205 GOL A C2  1 
HETATM 1164 O  O2  . GOL F 4 .   ? -4.634  1.904   -11.663 1.00 31.06 ? 205 GOL A O2  1 
HETATM 1165 C  C3  . GOL F 4 .   ? -3.657  0.286   -10.150 1.00 30.64 ? 205 GOL A C3  1 
HETATM 1166 O  O3  . GOL F 4 .   ? -2.421  0.963   -10.351 1.00 27.09 ? 205 GOL A O3  1 
HETATM 1167 N  N   . NO3 G 5 .   ? 3.112   26.002  -23.846 1.00 27.45 ? 206 NO3 A N   1 
HETATM 1168 O  O1  . NO3 G 5 .   ? 2.367   25.123  -23.466 1.00 29.08 ? 206 NO3 A O1  1 
HETATM 1169 O  O2  . NO3 G 5 .   ? 2.791   26.777  -24.955 1.00 28.92 ? 206 NO3 A O2  1 
HETATM 1170 O  O3  . NO3 G 5 .   ? 4.292   26.274  -23.186 1.00 21.82 ? 206 NO3 A O3  1 
HETATM 1171 O  O   . HOH H 6 .   ? 8.851   -9.211  13.289  1.00 35.55 ? 301 HOH A O   1 
HETATM 1172 O  O   . HOH H 6 .   ? 16.174  0.996   -3.735  1.00 19.47 ? 302 HOH A O   1 
HETATM 1173 O  O   . HOH H 6 .   ? -0.664  13.585  -16.933 1.00 23.71 ? 303 HOH A O   1 
HETATM 1174 O  O   . HOH H 6 .   ? 8.452   -8.424  -3.023  1.00 28.93 ? 304 HOH A O   1 
HETATM 1175 O  O   . HOH H 6 .   ? -6.589  -6.741  -7.383  1.00 31.63 ? 305 HOH A O   1 
HETATM 1176 O  O   . HOH H 6 .   ? 16.019  10.329  11.095  1.00 19.17 ? 306 HOH A O   1 
HETATM 1177 O  O   . HOH H 6 .   ? -1.258  -1.683  -8.140  1.00 25.27 ? 307 HOH A O   1 
HETATM 1178 O  O   . HOH H 6 .   ? -1.380  6.719   12.110  1.00 32.41 ? 308 HOH A O   1 
HETATM 1179 O  O   . HOH H 6 .   ? -2.254  3.345   -9.159  1.00 16.47 ? 309 HOH A O   1 
HETATM 1180 O  O   . HOH H 6 .   ? -1.974  10.044  5.955   1.00 24.10 ? 310 HOH A O   1 
HETATM 1181 O  O   . HOH H 6 .   ? 6.392   12.663  -13.985 1.00 22.41 ? 311 HOH A O   1 
HETATM 1182 O  O   . HOH H 6 .   ? -3.021  10.227  -14.852 1.00 23.81 ? 312 HOH A O   1 
HETATM 1183 O  O   . HOH H 6 .   ? 7.015   3.347   -2.053  1.00 9.79  ? 313 HOH A O   1 
HETATM 1184 O  O   . HOH H 6 .   ? 2.790   2.948   -0.708  1.00 11.61 ? 314 HOH A O   1 
HETATM 1185 O  O   . HOH H 6 .   ? 17.601  1.198   6.120   1.00 34.02 ? 315 HOH A O   1 
HETATM 1186 O  O   . HOH H 6 .   ? -9.737  -13.652 -6.251  1.00 15.58 ? 316 HOH A O   1 
HETATM 1187 O  O   . HOH H 6 .   ? 3.255   9.013   0.697   1.00 19.29 ? 317 HOH A O   1 
HETATM 1188 O  O   . HOH H 6 .   ? 3.123   11.344  -11.147 1.00 23.77 ? 318 HOH A O   1 
HETATM 1189 O  O   . HOH H 6 .   ? -7.190  2.739   -3.973  1.00 14.19 ? 319 HOH A O   1 
HETATM 1190 O  O   . HOH H 6 .   ? -3.362  10.091  -2.409  1.00 26.32 ? 320 HOH A O   1 
HETATM 1191 O  O   . HOH H 6 .   ? 9.158   -6.671  0.910   1.00 34.60 ? 321 HOH A O   1 
HETATM 1192 O  O   . HOH H 6 .   ? 13.518  1.104   11.523  1.00 26.55 ? 322 HOH A O   1 
HETATM 1193 O  O   . HOH H 6 .   ? 6.107   -16.228 8.785   1.00 18.66 ? 323 HOH A O   1 
HETATM 1194 O  O   . HOH H 6 .   ? 4.968   11.163  16.334  1.00 19.69 ? 324 HOH A O   1 
HETATM 1195 O  O   . HOH H 6 .   ? 3.175   2.285   -3.681  1.00 12.89 ? 325 HOH A O   1 
HETATM 1196 O  O   . HOH H 6 .   ? 1.631   5.221   0.189   1.00 12.13 ? 326 HOH A O   1 
HETATM 1197 O  O   . HOH H 6 .   ? -12.487 -19.007 8.146   1.00 34.04 ? 327 HOH A O   1 
HETATM 1198 O  O   . HOH H 6 .   ? 5.382   1.954   -0.363  1.00 13.06 ? 328 HOH A O   1 
HETATM 1199 O  O   . HOH H 6 .   ? 14.823  10.923  -10.720 1.00 19.35 ? 329 HOH A O   1 
HETATM 1200 O  O   . HOH H 6 .   ? 0.997   0.344   16.554  1.00 33.35 ? 330 HOH A O   1 
HETATM 1201 O  O   . HOH H 6 .   ? 9.078   14.835  -0.964  1.00 16.32 ? 331 HOH A O   1 
HETATM 1202 O  O   . HOH H 6 .   ? -5.206  -13.929 -6.632  1.00 37.56 ? 332 HOH A O   1 
HETATM 1203 O  O   . HOH H 6 .   ? 1.074   7.812   11.316  1.00 15.20 ? 333 HOH A O   1 
HETATM 1204 O  O   . HOH H 6 .   ? -12.592 0.557   -6.974  1.00 25.23 ? 334 HOH A O   1 
HETATM 1205 O  O   . HOH H 6 .   ? -3.226  6.929   -7.381  1.00 17.90 ? 335 HOH A O   1 
HETATM 1206 O  O   . HOH H 6 .   ? -1.427  2.741   -4.357  1.00 11.30 ? 336 HOH A O   1 
HETATM 1207 O  O   . HOH H 6 .   ? -3.379  13.771  -10.546 1.00 33.19 ? 337 HOH A O   1 
HETATM 1208 O  O   . HOH H 6 .   ? -8.568  -18.971 3.043   1.00 28.70 ? 338 HOH A O   1 
HETATM 1209 O  O   . HOH H 6 .   ? -2.162  9.263   -6.256  1.00 19.93 ? 339 HOH A O   1 
HETATM 1210 O  O   . HOH H 6 .   ? 5.644   15.353  -9.359  1.00 24.32 ? 340 HOH A O   1 
HETATM 1211 O  O   . HOH H 6 .   ? -15.322 -6.829  6.470   1.00 42.89 ? 341 HOH A O   1 
HETATM 1212 O  O   . HOH H 6 .   ? -6.466  -2.122  -9.405  1.00 25.86 ? 342 HOH A O   1 
HETATM 1213 O  O   . HOH H 6 .   ? 3.865   11.037  2.485   1.00 13.20 ? 343 HOH A O   1 
HETATM 1214 O  O   . HOH H 6 .   ? 0.938   10.162  -0.688  1.00 15.27 ? 344 HOH A O   1 
HETATM 1215 O  O   . HOH H 6 .   ? 8.664   -2.509  14.857  1.00 39.21 ? 345 HOH A O   1 
HETATM 1216 O  O   . HOH H 6 .   ? 5.337   9.682   -11.396 1.00 17.68 ? 346 HOH A O   1 
HETATM 1217 O  O   . HOH H 6 .   ? -7.696  -17.011 4.232   1.00 20.96 ? 347 HOH A O   1 
HETATM 1218 O  O   . HOH H 6 .   ? 14.249  8.087   -3.930  1.00 28.15 ? 348 HOH A O   1 
HETATM 1219 O  O   . HOH H 6 .   ? -1.603  4.752   -6.759  1.00 12.70 ? 349 HOH A O   1 
HETATM 1220 O  O   . HOH H 6 .   ? -11.899 -10.095 1.891   1.00 20.16 ? 350 HOH A O   1 
HETATM 1221 O  O   . HOH H 6 .   ? 0.814   4.064   -3.803  1.00 16.49 ? 351 HOH A O   1 
HETATM 1222 O  O   . HOH H 6 .   ? -4.309  -17.745 1.773   1.00 20.18 ? 352 HOH A O   1 
HETATM 1223 O  O   . HOH H 6 .   ? -16.731 -14.153 -8.716  1.00 22.30 ? 353 HOH A O   1 
HETATM 1224 O  O   . HOH H 6 .   ? -17.693 -15.840 2.567   1.00 32.91 ? 354 HOH A O   1 
HETATM 1225 O  O   . HOH H 6 .   ? -12.001 -8.954  4.756   1.00 36.68 ? 355 HOH A O   1 
HETATM 1226 O  O   . HOH H 6 .   ? -5.781  10.528  -10.681 1.00 37.14 ? 356 HOH A O   1 
HETATM 1227 O  O   . HOH H 6 .   ? 0.168   11.890  5.167   1.00 26.59 ? 357 HOH A O   1 
HETATM 1228 O  O   . HOH H 6 .   ? 0.273   12.395  0.400   1.00 26.47 ? 358 HOH A O   1 
HETATM 1229 O  O   . HOH H 6 .   ? -5.985  -9.284  -5.320  1.00 31.66 ? 359 HOH A O   1 
HETATM 1230 O  O   . HOH H 6 .   ? 11.601  14.284  -1.769  1.00 28.61 ? 360 HOH A O   1 
# 
